data_2CSS
#
_entry.id   2CSS
#
_entity_poly.entity_id   1
_entity_poly.type   'polypeptide(L)'
_entity_poly.pdbx_seq_one_letter_code
;GSSGSSGVTWQPSKEGDRLIGRVILNKRTTMPKDSGALLGLKVVGGKMTDLGRLGAFITKVKKGSLADVVGHLRAGDEVL
EWNGKPLPGATNEEVYNIILESKSEPQVEIIVSRPSGPSSG
;
_entity_poly.pdbx_strand_id   A
#
# COMPACT_ATOMS: atom_id res chain seq x y z
N GLY A 1 15.79 2.87 15.41
CA GLY A 1 14.48 2.93 14.78
C GLY A 1 14.10 4.33 14.35
N SER A 2 13.76 4.49 13.08
CA SER A 2 13.38 5.79 12.55
C SER A 2 11.92 6.10 12.86
N SER A 3 11.69 7.22 13.54
CA SER A 3 10.35 7.63 13.92
C SER A 3 9.95 8.91 13.18
N GLY A 4 9.19 8.75 12.10
CA GLY A 4 8.75 9.90 11.32
C GLY A 4 7.25 10.10 11.37
N SER A 5 6.79 11.24 10.88
CA SER A 5 5.36 11.56 10.88
C SER A 5 4.57 10.44 10.19
N SER A 6 3.40 10.14 10.75
CA SER A 6 2.53 9.10 10.20
C SER A 6 1.21 9.69 9.73
N GLY A 7 0.31 8.81 9.29
CA GLY A 7 -0.99 9.26 8.81
C GLY A 7 -1.21 8.94 7.35
N VAL A 8 -1.83 9.87 6.63
CA VAL A 8 -2.10 9.68 5.21
C VAL A 8 -2.24 11.01 4.50
N THR A 9 -1.68 11.09 3.30
CA THR A 9 -1.74 12.32 2.50
C THR A 9 -2.10 12.02 1.05
N TRP A 10 -3.05 12.77 0.52
CA TRP A 10 -3.48 12.58 -0.86
C TRP A 10 -3.09 13.78 -1.72
N GLN A 11 -2.43 13.51 -2.84
CA GLN A 11 -2.00 14.56 -3.75
C GLN A 11 -2.09 14.11 -5.21
N PRO A 12 -2.15 15.08 -6.13
CA PRO A 12 -2.24 14.80 -7.57
C PRO A 12 -0.94 14.21 -8.13
N SER A 13 -1.09 13.28 -9.07
CA SER A 13 0.08 12.64 -9.68
C SER A 13 0.77 13.59 -10.65
N LYS A 14 1.90 13.15 -11.18
CA LYS A 14 2.67 13.94 -12.13
C LYS A 14 1.75 14.61 -13.14
N GLU A 15 0.80 13.84 -13.67
CA GLU A 15 -0.15 14.36 -14.65
C GLU A 15 -1.23 15.21 -13.98
N GLY A 16 -1.61 14.81 -12.77
CA GLY A 16 -2.63 15.55 -12.04
C GLY A 16 -4.00 14.91 -12.16
N ASP A 17 -4.10 13.87 -12.97
CA ASP A 17 -5.36 13.16 -13.17
C ASP A 17 -5.58 12.11 -12.09
N ARG A 18 -4.48 11.63 -11.52
CA ARG A 18 -4.54 10.61 -10.48
C ARG A 18 -4.24 11.22 -9.11
N LEU A 19 -4.38 10.41 -8.06
CA LEU A 19 -4.13 10.87 -6.70
C LEU A 19 -3.20 9.90 -5.97
N ILE A 20 -1.94 10.30 -5.80
CA ILE A 20 -0.96 9.48 -5.12
C ILE A 20 -1.14 9.54 -3.61
N GLY A 21 -1.59 8.43 -3.03
CA GLY A 21 -1.80 8.38 -1.59
C GLY A 21 -0.58 7.90 -0.84
N ARG A 22 -0.04 8.75 0.03
CA ARG A 22 1.13 8.41 0.81
C ARG A 22 0.76 8.06 2.25
N VAL A 23 0.93 6.79 2.61
CA VAL A 23 0.61 6.33 3.96
C VAL A 23 1.83 5.70 4.63
N ILE A 24 1.92 5.87 5.94
CA ILE A 24 3.03 5.32 6.71
C ILE A 24 2.57 4.82 8.06
N LEU A 25 3.02 3.62 8.43
CA LEU A 25 2.65 3.02 9.71
C LEU A 25 3.89 2.64 10.50
N ASN A 26 3.76 2.62 11.83
CA ASN A 26 4.88 2.26 12.70
C ASN A 26 4.46 1.18 13.69
N LYS A 27 4.77 -0.07 13.33
CA LYS A 27 4.44 -1.21 14.19
C LYS A 27 5.71 -1.90 14.68
N ARG A 28 5.63 -2.48 15.88
CA ARG A 28 6.77 -3.18 16.46
C ARG A 28 6.41 -4.62 16.78
N THR A 29 5.60 -5.23 15.92
CA THR A 29 5.18 -6.62 16.12
C THR A 29 4.51 -7.17 14.87
N THR A 30 4.72 -8.45 14.61
CA THR A 30 4.13 -9.11 13.44
C THR A 30 2.68 -9.49 13.70
N MET A 31 1.80 -9.09 12.78
CA MET A 31 0.37 -9.40 12.91
C MET A 31 0.17 -10.77 13.55
N PRO A 32 -0.85 -10.88 14.40
CA PRO A 32 -1.17 -12.12 15.09
C PRO A 32 -1.73 -13.18 14.15
N LYS A 33 -2.67 -12.78 13.31
CA LYS A 33 -3.28 -13.70 12.35
C LYS A 33 -2.30 -14.06 11.24
N ASP A 34 -2.71 -14.97 10.36
CA ASP A 34 -1.87 -15.41 9.25
C ASP A 34 -1.86 -14.38 8.13
N SER A 35 -1.50 -13.15 8.47
CA SER A 35 -1.45 -12.06 7.49
C SER A 35 -0.17 -12.13 6.67
N GLY A 36 0.97 -11.91 7.34
CA GLY A 36 2.25 -11.94 6.65
C GLY A 36 2.84 -10.56 6.45
N ALA A 37 2.95 -9.81 7.54
CA ALA A 37 3.51 -8.46 7.47
C ALA A 37 2.53 -7.49 6.83
N LEU A 38 1.23 -7.76 7.00
CA LEU A 38 0.19 -6.92 6.43
C LEU A 38 -0.40 -6.00 7.49
N LEU A 39 -0.15 -4.70 7.35
CA LEU A 39 -0.66 -3.72 8.29
C LEU A 39 -2.14 -3.95 8.60
N GLY A 40 -2.82 -4.64 7.69
CA GLY A 40 -4.22 -4.93 7.89
C GLY A 40 -5.00 -4.95 6.58
N LEU A 41 -4.50 -5.70 5.60
CA LEU A 41 -5.14 -5.80 4.30
C LEU A 41 -4.44 -6.82 3.41
N LYS A 42 -5.19 -7.46 2.53
CA LYS A 42 -4.64 -8.45 1.62
C LYS A 42 -4.21 -7.81 0.31
N VAL A 43 -2.92 -7.93 -0.02
CA VAL A 43 -2.39 -7.37 -1.25
C VAL A 43 -2.06 -8.46 -2.26
N VAL A 44 -2.48 -8.25 -3.51
CA VAL A 44 -2.24 -9.22 -4.57
C VAL A 44 -1.30 -8.65 -5.62
N GLY A 45 -0.08 -9.20 -5.68
CA GLY A 45 0.89 -8.73 -6.65
C GLY A 45 0.89 -9.54 -7.93
N GLY A 46 1.94 -9.43 -8.71
CA GLY A 46 2.04 -10.17 -9.97
C GLY A 46 0.79 -10.03 -10.81
N LYS A 47 -0.03 -9.03 -10.50
CA LYS A 47 -1.26 -8.79 -11.25
C LYS A 47 -1.00 -7.94 -12.47
N MET A 48 -1.98 -7.89 -13.38
CA MET A 48 -1.86 -7.11 -14.60
C MET A 48 -2.46 -5.72 -14.42
N THR A 49 -1.92 -4.74 -15.14
CA THR A 49 -2.39 -3.36 -15.06
C THR A 49 -2.86 -2.87 -16.41
N ASP A 50 -3.71 -1.84 -16.41
CA ASP A 50 -4.23 -1.27 -17.64
C ASP A 50 -3.10 -0.68 -18.48
N LEU A 51 -1.94 -0.48 -17.86
CA LEU A 51 -0.78 0.07 -18.55
C LEU A 51 -0.04 -1.02 -19.32
N GLY A 52 -0.20 -2.26 -18.88
CA GLY A 52 0.45 -3.37 -19.54
C GLY A 52 1.51 -4.03 -18.68
N ARG A 53 1.88 -3.35 -17.59
CA ARG A 53 2.88 -3.87 -16.66
C ARG A 53 2.22 -4.56 -15.48
N LEU A 54 3.04 -5.02 -14.54
CA LEU A 54 2.54 -5.69 -13.35
C LEU A 54 2.33 -4.71 -12.21
N GLY A 55 1.50 -5.07 -11.24
CA GLY A 55 1.23 -4.22 -10.11
C GLY A 55 0.43 -4.90 -9.03
N ALA A 56 0.51 -4.38 -7.80
CA ALA A 56 -0.21 -4.95 -6.68
C ALA A 56 -1.45 -4.12 -6.34
N PHE A 57 -2.48 -4.78 -5.83
CA PHE A 57 -3.71 -4.11 -5.46
C PHE A 57 -4.30 -4.70 -4.19
N ILE A 58 -5.06 -3.89 -3.46
CA ILE A 58 -5.67 -4.33 -2.21
C ILE A 58 -7.03 -4.97 -2.48
N THR A 59 -7.23 -6.16 -1.92
CA THR A 59 -8.49 -6.89 -2.09
C THR A 59 -9.38 -6.74 -0.86
N LYS A 60 -8.75 -6.59 0.31
CA LYS A 60 -9.49 -6.45 1.56
C LYS A 60 -8.69 -5.63 2.56
N VAL A 61 -9.39 -4.94 3.45
CA VAL A 61 -8.75 -4.12 4.47
C VAL A 61 -9.44 -4.26 5.81
N LYS A 62 -8.71 -4.78 6.80
CA LYS A 62 -9.26 -4.98 8.13
C LYS A 62 -9.83 -3.67 8.68
N LYS A 63 -10.88 -3.78 9.49
CA LYS A 63 -11.52 -2.61 10.08
C LYS A 63 -10.85 -2.24 11.41
N GLY A 64 -10.32 -1.03 11.48
CA GLY A 64 -9.67 -0.58 12.69
C GLY A 64 -8.16 -0.78 12.64
N SER A 65 -7.66 -1.26 11.52
CA SER A 65 -6.24 -1.49 11.35
C SER A 65 -5.51 -0.20 11.01
N LEU A 66 -4.18 -0.23 11.11
CA LEU A 66 -3.36 0.94 10.80
C LEU A 66 -3.62 1.44 9.38
N ALA A 67 -3.76 0.49 8.46
CA ALA A 67 -4.02 0.83 7.07
C ALA A 67 -5.49 1.15 6.83
N ASP A 68 -6.24 1.26 7.92
CA ASP A 68 -7.67 1.57 7.83
C ASP A 68 -8.00 2.81 8.64
N VAL A 69 -7.21 3.09 9.67
CA VAL A 69 -7.43 4.25 10.52
C VAL A 69 -6.40 5.34 10.23
N VAL A 70 -5.16 4.92 9.98
CA VAL A 70 -4.07 5.86 9.69
C VAL A 70 -3.90 6.05 8.19
N GLY A 71 -4.14 4.98 7.43
CA GLY A 71 -4.00 5.05 5.99
C GLY A 71 -5.33 5.33 5.30
N HIS A 72 -6.42 4.84 5.89
CA HIS A 72 -7.74 5.05 5.32
C HIS A 72 -7.80 4.53 3.89
N LEU A 73 -7.15 3.40 3.64
CA LEU A 73 -7.13 2.80 2.31
C LEU A 73 -8.38 1.97 2.06
N ARG A 74 -8.56 1.54 0.82
CA ARG A 74 -9.72 0.72 0.45
C ARG A 74 -9.32 -0.42 -0.46
N ALA A 75 -10.26 -1.31 -0.74
CA ALA A 75 -10.01 -2.45 -1.61
C ALA A 75 -10.05 -2.04 -3.08
N GLY A 76 -8.92 -2.21 -3.77
CA GLY A 76 -8.85 -1.86 -5.17
C GLY A 76 -7.69 -0.93 -5.48
N ASP A 77 -7.27 -0.15 -4.48
CA ASP A 77 -6.16 0.78 -4.65
C ASP A 77 -4.92 0.06 -5.13
N GLU A 78 -4.28 0.62 -6.15
CA GLU A 78 -3.07 0.03 -6.72
C GLU A 78 -1.84 0.44 -5.92
N VAL A 79 -1.30 -0.51 -5.15
CA VAL A 79 -0.12 -0.25 -4.34
C VAL A 79 1.11 -0.02 -5.20
N LEU A 80 1.47 1.24 -5.38
CA LEU A 80 2.63 1.60 -6.19
C LEU A 80 3.93 1.14 -5.53
N GLU A 81 4.21 1.68 -4.36
CA GLU A 81 5.42 1.33 -3.62
C GLU A 81 5.07 0.82 -2.22
N TRP A 82 5.81 -0.18 -1.76
CA TRP A 82 5.58 -0.75 -0.44
C TRP A 82 6.87 -0.76 0.38
N ASN A 83 7.04 0.26 1.22
CA ASN A 83 8.22 0.37 2.06
C ASN A 83 9.43 0.81 1.24
N GLY A 84 9.18 1.55 0.17
CA GLY A 84 10.26 2.02 -0.68
C GLY A 84 10.67 0.99 -1.71
N LYS A 85 9.72 0.16 -2.12
CA LYS A 85 9.99 -0.87 -3.10
C LYS A 85 8.92 -0.86 -4.21
N PRO A 86 9.39 -0.87 -5.47
CA PRO A 86 8.49 -0.86 -6.63
C PRO A 86 7.72 -2.18 -6.78
N LEU A 87 6.47 -2.18 -6.34
CA LEU A 87 5.64 -3.37 -6.43
C LEU A 87 5.39 -3.76 -7.88
N PRO A 88 5.09 -2.74 -8.72
CA PRO A 88 4.82 -2.95 -10.14
C PRO A 88 6.08 -3.35 -10.91
N GLY A 89 5.96 -4.36 -11.77
CA GLY A 89 7.09 -4.82 -12.54
C GLY A 89 7.61 -6.17 -12.07
N ALA A 90 7.02 -6.69 -11.00
CA ALA A 90 7.42 -7.98 -10.46
C ALA A 90 6.24 -8.93 -10.36
N THR A 91 6.53 -10.19 -10.05
CA THR A 91 5.49 -11.21 -9.92
C THR A 91 4.93 -11.27 -8.51
N ASN A 92 3.85 -12.00 -8.32
CA ASN A 92 3.22 -12.14 -7.01
C ASN A 92 4.19 -12.76 -6.01
N GLU A 93 5.15 -13.54 -6.51
CA GLU A 93 6.12 -14.19 -5.66
C GLU A 93 7.18 -13.20 -5.18
N GLU A 94 7.42 -12.17 -5.99
CA GLU A 94 8.40 -11.14 -5.64
C GLU A 94 7.77 -10.04 -4.80
N VAL A 95 6.50 -9.75 -5.08
CA VAL A 95 5.77 -8.72 -4.34
C VAL A 95 5.50 -9.15 -2.91
N TYR A 96 5.22 -10.44 -2.72
CA TYR A 96 4.94 -10.97 -1.40
C TYR A 96 6.17 -10.87 -0.50
N ASN A 97 7.33 -11.23 -1.05
CA ASN A 97 8.58 -11.18 -0.29
C ASN A 97 8.89 -9.76 0.16
N ILE A 98 8.61 -8.80 -0.72
CA ILE A 98 8.87 -7.40 -0.41
C ILE A 98 8.01 -6.93 0.76
N ILE A 99 6.74 -7.33 0.76
CA ILE A 99 5.82 -6.95 1.82
C ILE A 99 6.12 -7.73 3.10
N LEU A 100 6.48 -9.00 2.95
CA LEU A 100 6.79 -9.85 4.08
C LEU A 100 8.08 -9.41 4.75
N GLU A 101 9.04 -8.97 3.96
CA GLU A 101 10.33 -8.51 4.48
C GLU A 101 10.14 -7.35 5.46
N SER A 102 9.04 -6.62 5.30
CA SER A 102 8.75 -5.49 6.17
C SER A 102 8.22 -5.97 7.52
N LYS A 103 7.97 -7.26 7.62
CA LYS A 103 7.47 -7.85 8.86
C LYS A 103 8.42 -7.57 10.02
N SER A 104 9.66 -7.24 9.70
CA SER A 104 10.66 -6.94 10.71
C SER A 104 11.03 -5.46 10.70
N GLU A 105 10.23 -4.66 10.01
CA GLU A 105 10.47 -3.23 9.90
C GLU A 105 9.57 -2.46 10.87
N PRO A 106 10.18 -1.62 11.71
CA PRO A 106 9.46 -0.81 12.69
C PRO A 106 8.63 0.30 12.03
N GLN A 107 8.80 0.45 10.72
CA GLN A 107 8.07 1.47 9.98
C GLN A 107 7.87 1.05 8.52
N VAL A 108 6.69 1.34 7.98
CA VAL A 108 6.39 0.99 6.59
C VAL A 108 5.68 2.14 5.89
N GLU A 109 6.06 2.37 4.63
CA GLU A 109 5.47 3.44 3.83
C GLU A 109 4.71 2.88 2.64
N ILE A 110 3.39 2.96 2.69
CA ILE A 110 2.54 2.46 1.60
C ILE A 110 2.11 3.59 0.68
N ILE A 111 2.44 3.45 -0.60
CA ILE A 111 2.07 4.47 -1.59
C ILE A 111 1.19 3.87 -2.68
N VAL A 112 -0.08 4.26 -2.69
CA VAL A 112 -1.03 3.78 -3.67
C VAL A 112 -1.50 4.90 -4.59
N SER A 113 -2.16 4.54 -5.68
CA SER A 113 -2.66 5.52 -6.64
C SER A 113 -4.17 5.39 -6.82
N ARG A 114 -4.88 6.47 -6.55
CA ARG A 114 -6.34 6.49 -6.67
C ARG A 114 -6.77 7.43 -7.78
N PRO A 115 -7.90 7.10 -8.43
CA PRO A 115 -8.45 7.91 -9.52
C PRO A 115 -9.02 9.23 -9.03
N SER A 116 -8.22 10.29 -9.12
CA SER A 116 -8.65 11.61 -8.69
C SER A 116 -10.13 11.83 -8.99
N GLY A 117 -10.93 11.97 -7.93
CA GLY A 117 -12.35 12.19 -8.10
C GLY A 117 -13.18 11.13 -7.41
N PRO A 118 -13.32 11.26 -6.07
CA PRO A 118 -14.09 10.31 -5.27
C PRO A 118 -15.60 10.41 -5.53
N SER A 119 -16.31 9.31 -5.30
CA SER A 119 -17.75 9.28 -5.53
C SER A 119 -18.50 9.89 -4.35
N SER A 120 -19.34 10.88 -4.63
CA SER A 120 -20.12 11.55 -3.59
C SER A 120 -21.58 11.15 -3.66
N GLY A 121 -22.13 11.14 -4.87
CA GLY A 121 -23.53 10.77 -5.05
C GLY A 121 -24.27 11.73 -5.96
N GLY A 1 13.42 9.39 5.63
CA GLY A 1 14.84 9.20 5.82
C GLY A 1 15.22 9.02 7.27
N SER A 2 15.59 10.12 7.92
CA SER A 2 15.98 10.08 9.32
C SER A 2 14.84 9.56 10.20
N SER A 3 13.69 10.23 10.10
CA SER A 3 12.52 9.83 10.88
C SER A 3 11.26 10.47 10.32
N GLY A 4 10.15 9.74 10.38
CA GLY A 4 8.89 10.25 9.88
C GLY A 4 7.70 9.73 10.65
N SER A 5 6.65 10.54 10.73
CA SER A 5 5.44 10.16 11.46
C SER A 5 4.48 9.38 10.55
N SER A 6 3.45 8.79 11.15
CA SER A 6 2.47 8.02 10.40
C SER A 6 1.29 8.89 10.01
N GLY A 7 0.61 8.52 8.92
CA GLY A 7 -0.53 9.28 8.45
C GLY A 7 -0.94 8.93 7.04
N VAL A 8 -1.59 9.87 6.36
CA VAL A 8 -2.03 9.64 4.99
C VAL A 8 -2.21 10.96 4.25
N THR A 9 -1.53 11.09 3.11
CA THR A 9 -1.61 12.30 2.31
C THR A 9 -2.06 11.99 0.89
N TRP A 10 -2.92 12.84 0.33
CA TRP A 10 -3.42 12.66 -1.02
C TRP A 10 -3.07 13.86 -1.89
N GLN A 11 -2.30 13.61 -2.95
CA GLN A 11 -1.91 14.68 -3.86
C GLN A 11 -1.98 14.21 -5.32
N PRO A 12 -2.12 15.17 -6.24
CA PRO A 12 -2.21 14.88 -7.67
C PRO A 12 -0.89 14.38 -8.25
N SER A 13 -0.98 13.40 -9.15
CA SER A 13 0.21 12.83 -9.77
C SER A 13 0.80 13.80 -10.79
N LYS A 14 1.99 13.48 -11.28
CA LYS A 14 2.67 14.31 -12.26
C LYS A 14 1.68 14.90 -13.26
N GLU A 15 0.84 14.04 -13.81
CA GLU A 15 -0.17 14.47 -14.77
C GLU A 15 -1.31 15.22 -14.08
N GLY A 16 -1.66 14.77 -12.88
CA GLY A 16 -2.73 15.41 -12.14
C GLY A 16 -4.04 14.65 -12.26
N ASP A 17 -4.10 13.69 -13.17
CA ASP A 17 -5.30 12.89 -13.37
C ASP A 17 -5.45 11.84 -12.28
N ARG A 18 -4.36 11.59 -11.54
CA ARG A 18 -4.37 10.61 -10.47
C ARG A 18 -4.06 11.27 -9.13
N LEU A 19 -4.15 10.48 -8.06
CA LEU A 19 -3.89 10.98 -6.71
C LEU A 19 -2.98 10.03 -5.94
N ILE A 20 -1.71 10.40 -5.82
CA ILE A 20 -0.74 9.57 -5.10
C ILE A 20 -0.97 9.64 -3.59
N GLY A 21 -1.42 8.53 -3.02
CA GLY A 21 -1.67 8.48 -1.59
C GLY A 21 -0.47 8.00 -0.81
N ARG A 22 0.12 8.90 0.00
CA ARG A 22 1.29 8.56 0.80
C ARG A 22 0.87 8.12 2.20
N VAL A 23 1.09 6.85 2.50
CA VAL A 23 0.75 6.30 3.81
C VAL A 23 1.96 5.69 4.50
N ILE A 24 2.04 5.85 5.82
CA ILE A 24 3.15 5.32 6.59
C ILE A 24 2.67 4.77 7.93
N LEU A 25 2.86 3.47 8.15
CA LEU A 25 2.45 2.83 9.39
C LEU A 25 3.67 2.31 10.15
N ASN A 26 3.69 2.55 11.46
CA ASN A 26 4.79 2.11 12.31
C ASN A 26 4.30 1.08 13.32
N LYS A 27 4.81 -0.14 13.20
CA LYS A 27 4.43 -1.22 14.11
C LYS A 27 5.66 -1.98 14.60
N ARG A 28 5.57 -2.55 15.79
CA ARG A 28 6.68 -3.31 16.37
C ARG A 28 6.37 -4.80 16.34
N THR A 29 5.14 -5.17 16.66
CA THR A 29 4.73 -6.57 16.68
C THR A 29 4.17 -6.99 15.33
N THR A 30 4.33 -8.27 15.00
CA THR A 30 3.84 -8.80 13.74
C THR A 30 2.55 -9.58 13.94
N MET A 31 1.53 -9.23 13.15
CA MET A 31 0.24 -9.91 13.24
C MET A 31 0.41 -11.39 13.55
N PRO A 32 -0.33 -11.87 14.56
CA PRO A 32 -0.27 -13.27 14.99
C PRO A 32 -0.89 -14.21 13.95
N LYS A 33 -2.12 -13.89 13.52
CA LYS A 33 -2.81 -14.71 12.53
C LYS A 33 -2.04 -14.75 11.22
N ASP A 34 -2.30 -15.78 10.42
CA ASP A 34 -1.62 -15.95 9.14
C ASP A 34 -1.87 -14.73 8.24
N SER A 35 -0.95 -13.78 8.28
CA SER A 35 -1.07 -12.57 7.49
C SER A 35 0.10 -12.44 6.52
N GLY A 36 1.31 -12.34 7.07
CA GLY A 36 2.50 -12.22 6.25
C GLY A 36 3.05 -10.80 6.23
N ALA A 37 3.06 -10.16 7.40
CA ALA A 37 3.56 -8.80 7.52
C ALA A 37 2.57 -7.80 6.93
N LEU A 38 1.29 -8.13 7.01
CA LEU A 38 0.24 -7.25 6.48
C LEU A 38 -0.26 -6.30 7.55
N LEU A 39 0.02 -5.00 7.36
CA LEU A 39 -0.41 -3.98 8.31
C LEU A 39 -1.86 -4.19 8.73
N GLY A 40 -2.68 -4.63 7.78
CA GLY A 40 -4.09 -4.86 8.07
C GLY A 40 -4.93 -4.94 6.81
N LEU A 41 -4.34 -5.48 5.74
CA LEU A 41 -5.05 -5.62 4.47
C LEU A 41 -4.38 -6.65 3.58
N LYS A 42 -5.15 -7.27 2.71
CA LYS A 42 -4.63 -8.28 1.79
C LYS A 42 -4.19 -7.65 0.48
N VAL A 43 -2.93 -7.86 0.10
CA VAL A 43 -2.40 -7.31 -1.13
C VAL A 43 -2.07 -8.43 -2.13
N VAL A 44 -2.43 -8.21 -3.39
CA VAL A 44 -2.17 -9.19 -4.43
C VAL A 44 -1.23 -8.64 -5.49
N GLY A 45 0.00 -9.15 -5.51
CA GLY A 45 0.98 -8.70 -6.47
C GLY A 45 0.93 -9.49 -7.77
N GLY A 46 1.97 -9.32 -8.60
CA GLY A 46 2.02 -10.03 -9.86
C GLY A 46 0.75 -9.86 -10.67
N LYS A 47 -0.05 -8.85 -10.32
CA LYS A 47 -1.30 -8.59 -11.02
C LYS A 47 -1.05 -7.77 -12.28
N MET A 48 -2.00 -7.83 -13.22
CA MET A 48 -1.88 -7.09 -14.47
C MET A 48 -2.53 -5.71 -14.35
N THR A 49 -1.92 -4.72 -15.00
CA THR A 49 -2.44 -3.36 -14.96
C THR A 49 -2.93 -2.92 -16.33
N ASP A 50 -3.64 -1.80 -16.37
CA ASP A 50 -4.18 -1.27 -17.62
C ASP A 50 -3.04 -0.80 -18.53
N LEU A 51 -1.90 -0.51 -17.94
CA LEU A 51 -0.74 -0.04 -18.69
C LEU A 51 -0.03 -1.20 -19.37
N GLY A 52 -0.35 -2.41 -18.95
CA GLY A 52 0.27 -3.59 -19.53
C GLY A 52 1.33 -4.19 -18.63
N ARG A 53 1.74 -3.43 -17.62
CA ARG A 53 2.76 -3.90 -16.69
C ARG A 53 2.13 -4.59 -15.48
N LEU A 54 2.97 -5.01 -14.54
CA LEU A 54 2.49 -5.69 -13.34
C LEU A 54 2.27 -4.69 -12.21
N GLY A 55 1.58 -5.14 -11.16
CA GLY A 55 1.32 -4.28 -10.02
C GLY A 55 0.58 -4.99 -8.91
N ALA A 56 0.39 -4.31 -7.79
CA ALA A 56 -0.30 -4.89 -6.64
C ALA A 56 -1.56 -4.10 -6.31
N PHE A 57 -2.51 -4.77 -5.67
CA PHE A 57 -3.77 -4.12 -5.30
C PHE A 57 -4.33 -4.73 -4.00
N ILE A 58 -5.13 -3.95 -3.29
CA ILE A 58 -5.72 -4.41 -2.03
C ILE A 58 -7.06 -5.10 -2.29
N THR A 59 -7.18 -6.34 -1.82
CA THR A 59 -8.41 -7.10 -2.00
C THR A 59 -9.27 -7.05 -0.74
N LYS A 60 -8.65 -6.70 0.38
CA LYS A 60 -9.37 -6.61 1.65
C LYS A 60 -8.61 -5.71 2.63
N VAL A 61 -9.36 -5.06 3.52
CA VAL A 61 -8.77 -4.18 4.52
C VAL A 61 -9.46 -4.32 5.86
N LYS A 62 -8.73 -4.82 6.85
CA LYS A 62 -9.28 -5.01 8.19
C LYS A 62 -9.81 -3.69 8.74
N LYS A 63 -10.99 -3.74 9.35
CA LYS A 63 -11.61 -2.55 9.92
C LYS A 63 -11.00 -2.22 11.28
N GLY A 64 -10.53 -0.98 11.43
CA GLY A 64 -9.94 -0.57 12.68
C GLY A 64 -8.44 -0.81 12.72
N SER A 65 -7.90 -1.31 11.61
CA SER A 65 -6.47 -1.59 11.52
C SER A 65 -5.68 -0.34 11.16
N LEU A 66 -4.36 -0.44 11.22
CA LEU A 66 -3.50 0.69 10.90
C LEU A 66 -3.72 1.16 9.47
N ALA A 67 -3.91 0.21 8.56
CA ALA A 67 -4.15 0.53 7.15
C ALA A 67 -5.61 0.88 6.90
N ASP A 68 -6.36 1.07 7.98
CA ASP A 68 -7.77 1.41 7.88
C ASP A 68 -8.08 2.70 8.65
N VAL A 69 -7.30 2.94 9.71
CA VAL A 69 -7.49 4.14 10.53
C VAL A 69 -6.45 5.20 10.19
N VAL A 70 -5.22 4.76 9.98
CA VAL A 70 -4.12 5.68 9.65
C VAL A 70 -3.93 5.79 8.14
N GLY A 71 -4.22 4.70 7.44
CA GLY A 71 -4.08 4.69 5.99
C GLY A 71 -5.38 5.00 5.28
N HIS A 72 -6.50 4.70 5.93
CA HIS A 72 -7.81 4.96 5.34
C HIS A 72 -7.88 4.42 3.92
N LEU A 73 -7.11 3.38 3.64
CA LEU A 73 -7.08 2.77 2.32
C LEU A 73 -8.34 1.94 2.07
N ARG A 74 -8.57 1.58 0.81
CA ARG A 74 -9.74 0.79 0.44
C ARG A 74 -9.35 -0.33 -0.52
N ALA A 75 -10.22 -1.33 -0.63
CA ALA A 75 -9.97 -2.46 -1.51
C ALA A 75 -10.04 -2.05 -2.98
N GLY A 76 -8.92 -2.17 -3.68
CA GLY A 76 -8.88 -1.80 -5.09
C GLY A 76 -7.73 -0.86 -5.40
N ASP A 77 -7.25 -0.15 -4.37
CA ASP A 77 -6.15 0.79 -4.55
C ASP A 77 -4.94 0.10 -5.16
N GLU A 78 -4.27 0.79 -6.07
CA GLU A 78 -3.08 0.25 -6.73
C GLU A 78 -1.82 0.59 -5.94
N VAL A 79 -1.39 -0.34 -5.09
CA VAL A 79 -0.20 -0.15 -4.29
C VAL A 79 1.03 0.06 -5.16
N LEU A 80 1.41 1.32 -5.35
CA LEU A 80 2.57 1.66 -6.17
C LEU A 80 3.86 1.14 -5.53
N GLU A 81 4.17 1.67 -4.35
CA GLU A 81 5.38 1.26 -3.63
C GLU A 81 5.03 0.77 -2.23
N TRP A 82 5.75 -0.25 -1.77
CA TRP A 82 5.53 -0.81 -0.45
C TRP A 82 6.83 -0.87 0.34
N ASN A 83 7.04 0.11 1.21
CA ASN A 83 8.24 0.15 2.03
C ASN A 83 9.45 0.59 1.20
N GLY A 84 9.20 1.42 0.19
CA GLY A 84 10.28 1.89 -0.66
C GLY A 84 10.67 0.88 -1.70
N LYS A 85 9.69 0.14 -2.22
CA LYS A 85 9.96 -0.88 -3.24
C LYS A 85 8.91 -0.82 -4.35
N PRO A 86 9.37 -0.82 -5.60
CA PRO A 86 8.50 -0.78 -6.77
C PRO A 86 7.69 -2.06 -6.96
N LEU A 87 6.45 -2.03 -6.51
CA LEU A 87 5.57 -3.20 -6.63
C LEU A 87 5.30 -3.54 -8.09
N PRO A 88 5.04 -2.50 -8.89
CA PRO A 88 4.76 -2.67 -10.32
C PRO A 88 6.00 -3.08 -11.12
N GLY A 89 5.90 -4.21 -11.81
CA GLY A 89 7.03 -4.70 -12.59
C GLY A 89 7.55 -6.04 -12.09
N ALA A 90 6.92 -6.55 -11.04
CA ALA A 90 7.33 -7.82 -10.46
C ALA A 90 6.15 -8.78 -10.35
N THR A 91 6.42 -10.03 -9.98
CA THR A 91 5.38 -11.04 -9.84
C THR A 91 4.93 -11.17 -8.39
N ASN A 92 3.84 -11.90 -8.18
CA ASN A 92 3.31 -12.10 -6.84
C ASN A 92 4.35 -12.76 -5.93
N GLU A 93 5.30 -13.45 -6.54
CA GLU A 93 6.35 -14.14 -5.78
C GLU A 93 7.39 -13.13 -5.27
N GLU A 94 7.57 -12.05 -6.02
CA GLU A 94 8.53 -11.02 -5.64
C GLU A 94 7.87 -9.95 -4.77
N VAL A 95 6.59 -9.71 -5.01
CA VAL A 95 5.83 -8.71 -4.26
C VAL A 95 5.61 -9.18 -2.82
N TYR A 96 5.34 -10.47 -2.65
CA TYR A 96 5.10 -11.04 -1.33
C TYR A 96 6.34 -10.90 -0.45
N ASN A 97 7.50 -11.16 -1.03
CA ASN A 97 8.76 -11.07 -0.29
C ASN A 97 9.02 -9.63 0.16
N ILE A 98 8.62 -8.67 -0.67
CA ILE A 98 8.80 -7.27 -0.35
C ILE A 98 7.92 -6.85 0.81
N ILE A 99 6.65 -7.23 0.76
CA ILE A 99 5.69 -6.89 1.80
C ILE A 99 5.97 -7.69 3.07
N LEU A 100 6.38 -8.94 2.91
CA LEU A 100 6.67 -9.81 4.04
C LEU A 100 7.90 -9.30 4.81
N GLU A 101 8.88 -8.79 4.07
CA GLU A 101 10.09 -8.26 4.67
C GLU A 101 9.77 -7.14 5.65
N SER A 102 8.69 -6.42 5.38
CA SER A 102 8.27 -5.31 6.24
C SER A 102 7.89 -5.81 7.63
N LYS A 103 7.78 -7.13 7.76
CA LYS A 103 7.42 -7.73 9.05
C LYS A 103 8.43 -7.36 10.13
N SER A 104 9.69 -7.25 9.73
CA SER A 104 10.76 -6.90 10.67
C SER A 104 10.94 -5.39 10.74
N GLU A 105 10.57 -4.70 9.66
CA GLU A 105 10.69 -3.25 9.60
C GLU A 105 9.71 -2.58 10.55
N PRO A 106 10.25 -1.76 11.47
CA PRO A 106 9.43 -1.04 12.46
C PRO A 106 8.59 0.06 11.83
N GLN A 107 8.84 0.33 10.55
CA GLN A 107 8.11 1.37 9.83
C GLN A 107 7.93 0.98 8.36
N VAL A 108 6.68 1.01 7.89
CA VAL A 108 6.37 0.66 6.51
C VAL A 108 5.64 1.80 5.82
N GLU A 109 6.17 2.22 4.66
CA GLU A 109 5.58 3.30 3.88
C GLU A 109 4.78 2.75 2.71
N ILE A 110 3.46 2.89 2.77
CA ILE A 110 2.59 2.41 1.69
C ILE A 110 2.21 3.55 0.75
N ILE A 111 2.55 3.39 -0.52
CA ILE A 111 2.25 4.39 -1.54
C ILE A 111 1.28 3.85 -2.58
N VAL A 112 0.03 4.31 -2.52
CA VAL A 112 -1.00 3.87 -3.46
C VAL A 112 -1.39 5.00 -4.40
N SER A 113 -2.15 4.65 -5.44
CA SER A 113 -2.58 5.64 -6.43
C SER A 113 -4.10 5.57 -6.61
N ARG A 114 -4.78 6.66 -6.27
CA ARG A 114 -6.23 6.73 -6.40
C ARG A 114 -6.63 7.73 -7.47
N PRO A 115 -7.81 7.52 -8.06
CA PRO A 115 -8.34 8.40 -9.11
C PRO A 115 -8.75 9.77 -8.58
N SER A 116 -7.76 10.66 -8.47
CA SER A 116 -8.02 12.01 -7.97
C SER A 116 -9.38 12.52 -8.43
N GLY A 117 -10.27 12.79 -7.47
CA GLY A 117 -11.59 13.28 -7.80
C GLY A 117 -12.57 12.16 -8.08
N PRO A 118 -12.81 11.31 -7.08
CA PRO A 118 -13.73 10.17 -7.20
C PRO A 118 -15.18 10.62 -7.31
N SER A 119 -16.09 9.64 -7.38
CA SER A 119 -17.52 9.93 -7.49
C SER A 119 -17.92 11.04 -6.53
N SER A 120 -19.01 11.72 -6.84
CA SER A 120 -19.50 12.81 -6.01
C SER A 120 -20.92 13.21 -6.42
N GLY A 121 -21.59 13.96 -5.55
CA GLY A 121 -22.95 14.40 -5.83
C GLY A 121 -23.19 15.83 -5.40
N GLY A 1 8.60 18.45 5.92
CA GLY A 1 9.30 18.03 7.12
C GLY A 1 9.48 16.53 7.19
N SER A 2 10.72 16.09 7.36
CA SER A 2 11.03 14.67 7.44
C SER A 2 11.00 14.19 8.90
N SER A 3 9.79 13.91 9.39
CA SER A 3 9.62 13.45 10.76
C SER A 3 9.03 12.04 10.79
N GLY A 4 8.93 11.47 11.99
CA GLY A 4 8.40 10.14 12.14
C GLY A 4 6.90 10.13 12.43
N SER A 5 6.11 10.58 11.46
CA SER A 5 4.66 10.63 11.62
C SER A 5 3.98 9.53 10.82
N SER A 6 2.93 8.96 11.38
CA SER A 6 2.19 7.89 10.72
C SER A 6 0.77 8.34 10.38
N GLY A 7 0.63 8.97 9.21
CA GLY A 7 -0.67 9.44 8.79
C GLY A 7 -0.98 9.06 7.35
N VAL A 8 -1.59 9.99 6.62
CA VAL A 8 -1.94 9.75 5.22
C VAL A 8 -2.07 11.06 4.45
N THR A 9 -1.56 11.08 3.23
CA THR A 9 -1.61 12.26 2.39
C THR A 9 -2.08 11.92 0.98
N TRP A 10 -2.78 12.86 0.36
CA TRP A 10 -3.28 12.65 -1.00
C TRP A 10 -2.90 13.81 -1.91
N GLN A 11 -2.19 13.50 -3.00
CA GLN A 11 -1.76 14.51 -3.94
C GLN A 11 -1.85 14.01 -5.38
N PRO A 12 -1.88 14.94 -6.33
CA PRO A 12 -1.97 14.61 -7.76
C PRO A 12 -0.69 13.96 -8.29
N SER A 13 -0.84 13.01 -9.21
CA SER A 13 0.30 12.32 -9.79
C SER A 13 1.00 13.20 -10.83
N LYS A 14 2.13 12.73 -11.32
CA LYS A 14 2.90 13.47 -12.32
C LYS A 14 1.97 14.07 -13.37
N GLU A 15 0.94 13.32 -13.76
CA GLU A 15 -0.01 13.78 -14.76
C GLU A 15 -1.11 14.62 -14.11
N GLY A 16 -1.43 14.29 -12.86
CA GLY A 16 -2.47 15.03 -12.15
C GLY A 16 -3.82 14.37 -12.27
N ASP A 17 -3.93 13.39 -13.17
CA ASP A 17 -5.20 12.69 -13.38
C ASP A 17 -5.41 11.64 -12.30
N ARG A 18 -4.38 11.38 -11.51
CA ARG A 18 -4.45 10.40 -10.44
C ARG A 18 -4.13 11.04 -9.09
N LEU A 19 -4.29 10.26 -8.02
CA LEU A 19 -4.02 10.76 -6.67
C LEU A 19 -3.13 9.77 -5.90
N ILE A 20 -1.87 10.13 -5.73
CA ILE A 20 -0.91 9.30 -5.02
C ILE A 20 -1.10 9.43 -3.51
N GLY A 21 -1.64 8.38 -2.89
CA GLY A 21 -1.86 8.39 -1.47
C GLY A 21 -0.64 7.96 -0.69
N ARG A 22 -0.03 8.90 0.03
CA ARG A 22 1.16 8.61 0.82
C ARG A 22 0.78 8.21 2.25
N VAL A 23 0.95 6.93 2.55
CA VAL A 23 0.62 6.42 3.88
C VAL A 23 1.86 5.86 4.58
N ILE A 24 1.92 6.02 5.89
CA ILE A 24 3.06 5.52 6.67
C ILE A 24 2.59 4.94 8.00
N LEU A 25 2.88 3.67 8.23
CA LEU A 25 2.50 3.01 9.46
C LEU A 25 3.74 2.53 10.24
N ASN A 26 3.72 2.74 11.55
CA ASN A 26 4.83 2.33 12.40
C ASN A 26 4.39 1.27 13.41
N LYS A 27 4.76 0.03 13.13
CA LYS A 27 4.42 -1.09 14.01
C LYS A 27 5.66 -1.82 14.49
N ARG A 28 5.51 -2.62 15.53
CA ARG A 28 6.63 -3.37 16.10
C ARG A 28 6.25 -4.84 16.28
N THR A 29 4.98 -5.09 16.57
CA THR A 29 4.50 -6.46 16.76
C THR A 29 3.88 -7.01 15.48
N THR A 30 4.61 -7.92 14.83
CA THR A 30 4.13 -8.52 13.59
C THR A 30 2.85 -9.31 13.82
N MET A 31 1.81 -9.00 13.05
CA MET A 31 0.53 -9.68 13.17
C MET A 31 0.72 -11.15 13.54
N PRO A 32 0.01 -11.60 14.57
CA PRO A 32 0.09 -12.99 15.05
C PRO A 32 -0.52 -13.97 14.06
N LYS A 33 -1.75 -13.69 13.64
CA LYS A 33 -2.46 -14.55 12.69
C LYS A 33 -1.68 -14.66 11.39
N ASP A 34 -1.86 -15.78 10.69
CA ASP A 34 -1.18 -16.01 9.43
C ASP A 34 -1.45 -14.86 8.45
N SER A 35 -0.63 -13.82 8.54
CA SER A 35 -0.77 -12.66 7.67
C SER A 35 0.41 -12.55 6.71
N GLY A 36 1.60 -12.37 7.27
CA GLY A 36 2.79 -12.24 6.46
C GLY A 36 3.30 -10.82 6.39
N ALA A 37 3.32 -10.14 7.53
CA ALA A 37 3.79 -8.76 7.60
C ALA A 37 2.76 -7.80 7.01
N LEU A 38 1.50 -8.20 7.05
CA LEU A 38 0.42 -7.38 6.51
C LEU A 38 -0.12 -6.43 7.57
N LEU A 39 0.15 -5.13 7.38
CA LEU A 39 -0.31 -4.12 8.33
C LEU A 39 -1.75 -4.37 8.73
N GLY A 40 -2.59 -4.73 7.77
CA GLY A 40 -3.99 -4.99 8.04
C GLY A 40 -4.83 -5.08 6.79
N LEU A 41 -4.31 -5.78 5.78
CA LEU A 41 -5.02 -5.93 4.51
C LEU A 41 -4.29 -6.91 3.60
N LYS A 42 -5.04 -7.54 2.70
CA LYS A 42 -4.46 -8.50 1.75
C LYS A 42 -4.04 -7.81 0.46
N VAL A 43 -2.82 -8.07 0.03
CA VAL A 43 -2.29 -7.48 -1.20
C VAL A 43 -1.99 -8.55 -2.24
N VAL A 44 -2.50 -8.35 -3.45
CA VAL A 44 -2.28 -9.30 -4.54
C VAL A 44 -1.34 -8.73 -5.59
N GLY A 45 -0.10 -9.23 -5.60
CA GLY A 45 0.89 -8.76 -6.55
C GLY A 45 0.80 -9.49 -7.87
N GLY A 46 1.84 -9.35 -8.69
CA GLY A 46 1.86 -10.00 -9.98
C GLY A 46 0.61 -9.76 -10.78
N LYS A 47 -0.17 -8.74 -10.38
CA LYS A 47 -1.41 -8.41 -11.06
C LYS A 47 -1.13 -7.54 -12.30
N MET A 48 -2.08 -7.53 -13.22
CA MET A 48 -1.95 -6.74 -14.45
C MET A 48 -2.52 -5.34 -14.25
N THR A 49 -1.87 -4.35 -14.86
CA THR A 49 -2.31 -2.97 -14.75
C THR A 49 -2.76 -2.44 -16.10
N ASP A 50 -3.52 -1.34 -16.09
CA ASP A 50 -4.01 -0.73 -17.31
C ASP A 50 -2.86 -0.20 -18.16
N LEU A 51 -1.72 -0.01 -17.53
CA LEU A 51 -0.53 0.49 -18.23
C LEU A 51 0.18 -0.63 -18.97
N GLY A 52 -0.24 -1.87 -18.71
CA GLY A 52 0.36 -3.00 -19.37
C GLY A 52 1.39 -3.69 -18.50
N ARG A 53 1.82 -3.02 -17.44
CA ARG A 53 2.81 -3.58 -16.52
C ARG A 53 2.14 -4.30 -15.36
N LEU A 54 2.96 -4.82 -14.45
CA LEU A 54 2.44 -5.54 -13.28
C LEU A 54 2.22 -4.58 -12.11
N GLY A 55 1.60 -5.08 -11.05
CA GLY A 55 1.34 -4.27 -9.88
C GLY A 55 0.58 -5.01 -8.81
N ALA A 56 0.34 -4.35 -7.68
CA ALA A 56 -0.39 -4.94 -6.58
C ALA A 56 -1.61 -4.12 -6.21
N PHE A 57 -2.63 -4.78 -5.66
CA PHE A 57 -3.85 -4.10 -5.26
C PHE A 57 -4.44 -4.73 -3.99
N ILE A 58 -5.17 -3.92 -3.23
CA ILE A 58 -5.77 -4.39 -1.99
C ILE A 58 -7.13 -5.03 -2.25
N THR A 59 -7.26 -6.30 -1.84
CA THR A 59 -8.51 -7.03 -2.04
C THR A 59 -9.38 -6.96 -0.79
N LYS A 60 -8.76 -6.77 0.36
CA LYS A 60 -9.48 -6.68 1.62
C LYS A 60 -8.69 -5.85 2.64
N VAL A 61 -9.40 -5.05 3.43
CA VAL A 61 -8.78 -4.22 4.44
C VAL A 61 -9.46 -4.38 5.79
N LYS A 62 -8.71 -4.83 6.78
CA LYS A 62 -9.25 -5.03 8.12
C LYS A 62 -9.83 -3.73 8.68
N LYS A 63 -11.08 -3.80 9.15
CA LYS A 63 -11.75 -2.63 9.70
C LYS A 63 -11.19 -2.28 11.07
N GLY A 64 -10.68 -1.05 11.21
CA GLY A 64 -10.11 -0.63 12.48
C GLY A 64 -8.62 -0.86 12.56
N SER A 65 -8.04 -1.35 11.47
CA SER A 65 -6.61 -1.62 11.43
C SER A 65 -5.83 -0.38 11.04
N LEU A 66 -4.50 -0.44 11.21
CA LEU A 66 -3.64 0.69 10.87
C LEU A 66 -3.89 1.15 9.44
N ALA A 67 -4.05 0.20 8.53
CA ALA A 67 -4.30 0.50 7.13
C ALA A 67 -5.77 0.87 6.89
N ASP A 68 -6.48 1.11 7.98
CA ASP A 68 -7.90 1.47 7.89
C ASP A 68 -8.18 2.75 8.67
N VAL A 69 -7.41 2.98 9.73
CA VAL A 69 -7.58 4.16 10.56
C VAL A 69 -6.49 5.19 10.27
N VAL A 70 -5.26 4.72 10.09
CA VAL A 70 -4.13 5.59 9.81
C VAL A 70 -3.93 5.76 8.30
N GLY A 71 -4.14 4.67 7.57
CA GLY A 71 -3.97 4.70 6.12
C GLY A 71 -5.23 5.13 5.41
N HIS A 72 -6.38 4.70 5.91
CA HIS A 72 -7.66 5.04 5.31
C HIS A 72 -7.75 4.52 3.88
N LEU A 73 -7.04 3.43 3.61
CA LEU A 73 -7.03 2.83 2.28
C LEU A 73 -8.25 1.94 2.08
N ARG A 74 -8.60 1.70 0.81
CA ARG A 74 -9.74 0.86 0.49
C ARG A 74 -9.33 -0.30 -0.40
N ALA A 75 -10.25 -1.24 -0.61
CA ALA A 75 -9.97 -2.41 -1.43
C ALA A 75 -10.03 -2.06 -2.92
N GLY A 76 -8.87 -2.13 -3.58
CA GLY A 76 -8.80 -1.81 -4.99
C GLY A 76 -7.67 -0.85 -5.31
N ASP A 77 -7.17 -0.17 -4.29
CA ASP A 77 -6.09 0.79 -4.47
C ASP A 77 -4.86 0.12 -5.09
N GLU A 78 -4.17 0.85 -5.95
CA GLU A 78 -2.98 0.32 -6.61
C GLU A 78 -1.72 0.65 -5.81
N VAL A 79 -1.28 -0.31 -5.00
CA VAL A 79 -0.10 -0.14 -4.17
C VAL A 79 1.14 0.07 -5.03
N LEU A 80 1.39 1.32 -5.41
CA LEU A 80 2.54 1.66 -6.24
C LEU A 80 3.84 1.17 -5.60
N GLU A 81 4.06 1.58 -4.35
CA GLU A 81 5.26 1.19 -3.62
C GLU A 81 4.90 0.69 -2.22
N TRP A 82 5.69 -0.26 -1.72
CA TRP A 82 5.46 -0.81 -0.39
C TRP A 82 6.73 -0.75 0.45
N ASN A 83 6.90 0.36 1.17
CA ASN A 83 8.07 0.53 2.02
C ASN A 83 9.31 0.84 1.18
N GLY A 84 9.12 1.61 0.13
CA GLY A 84 10.23 1.97 -0.75
C GLY A 84 10.58 0.86 -1.71
N LYS A 85 9.57 0.15 -2.20
CA LYS A 85 9.78 -0.94 -3.13
C LYS A 85 8.75 -0.91 -4.24
N PRO A 86 9.22 -0.90 -5.50
CA PRO A 86 8.35 -0.86 -6.68
C PRO A 86 7.59 -2.18 -6.88
N LEU A 87 6.33 -2.20 -6.45
CA LEU A 87 5.51 -3.39 -6.58
C LEU A 87 5.27 -3.74 -8.05
N PRO A 88 4.99 -2.71 -8.86
CA PRO A 88 4.74 -2.87 -10.29
C PRO A 88 6.00 -3.25 -11.05
N GLY A 89 5.93 -4.35 -11.80
CA GLY A 89 7.07 -4.80 -12.56
C GLY A 89 7.59 -6.15 -12.11
N ALA A 90 6.96 -6.70 -11.07
CA ALA A 90 7.37 -7.99 -10.55
C ALA A 90 6.17 -8.95 -10.46
N THR A 91 6.45 -10.20 -10.12
CA THR A 91 5.39 -11.21 -10.00
C THR A 91 4.88 -11.31 -8.56
N ASN A 92 3.73 -11.94 -8.40
CA ASN A 92 3.14 -12.12 -7.07
C ASN A 92 4.11 -12.79 -6.12
N GLU A 93 5.04 -13.56 -6.68
CA GLU A 93 6.03 -14.28 -5.89
C GLU A 93 7.12 -13.32 -5.39
N GLU A 94 7.37 -12.27 -6.17
CA GLU A 94 8.38 -11.28 -5.82
C GLU A 94 7.79 -10.19 -4.94
N VAL A 95 6.51 -9.89 -5.14
CA VAL A 95 5.82 -8.87 -4.37
C VAL A 95 5.65 -9.29 -2.91
N TYR A 96 5.43 -10.59 -2.71
CA TYR A 96 5.25 -11.13 -1.37
C TYR A 96 6.51 -10.92 -0.53
N ASN A 97 7.66 -11.25 -1.09
CA ASN A 97 8.93 -11.09 -0.38
C ASN A 97 9.14 -9.65 0.05
N ILE A 98 8.70 -8.71 -0.79
CA ILE A 98 8.84 -7.29 -0.49
C ILE A 98 7.99 -6.90 0.72
N ILE A 99 6.71 -7.26 0.68
CA ILE A 99 5.80 -6.95 1.77
C ILE A 99 6.17 -7.71 3.04
N LEU A 100 6.65 -8.94 2.86
CA LEU A 100 7.04 -9.79 3.99
C LEU A 100 8.27 -9.21 4.68
N GLU A 101 9.18 -8.63 3.90
CA GLU A 101 10.39 -8.04 4.43
C GLU A 101 10.07 -6.93 5.43
N SER A 102 8.90 -6.32 5.27
CA SER A 102 8.47 -5.23 6.15
C SER A 102 8.10 -5.77 7.52
N LYS A 103 8.09 -7.10 7.65
CA LYS A 103 7.74 -7.74 8.91
C LYS A 103 8.68 -7.30 10.02
N SER A 104 9.97 -7.21 9.69
CA SER A 104 10.98 -6.81 10.67
C SER A 104 11.24 -5.30 10.57
N GLU A 105 10.39 -4.60 9.84
CA GLU A 105 10.53 -3.16 9.68
C GLU A 105 9.59 -2.41 10.61
N PRO A 106 10.15 -1.55 11.47
CA PRO A 106 9.38 -0.76 12.43
C PRO A 106 8.55 0.32 11.74
N GLN A 107 8.96 0.71 10.53
CA GLN A 107 8.25 1.73 9.78
C GLN A 107 8.03 1.29 8.34
N VAL A 108 6.80 1.42 7.87
CA VAL A 108 6.44 1.04 6.51
C VAL A 108 5.67 2.14 5.80
N GLU A 109 6.16 2.55 4.64
CA GLU A 109 5.49 3.60 3.86
C GLU A 109 4.73 3.01 2.68
N ILE A 110 3.41 3.12 2.73
CA ILE A 110 2.56 2.60 1.67
C ILE A 110 2.17 3.70 0.69
N ILE A 111 2.45 3.47 -0.60
CA ILE A 111 2.11 4.45 -1.63
C ILE A 111 1.20 3.83 -2.69
N VAL A 112 -0.06 4.24 -2.67
CA VAL A 112 -1.04 3.73 -3.63
C VAL A 112 -1.44 4.81 -4.63
N SER A 113 -2.36 4.48 -5.52
CA SER A 113 -2.82 5.42 -6.53
C SER A 113 -4.35 5.36 -6.67
N ARG A 114 -4.99 6.51 -6.51
CA ARG A 114 -6.45 6.59 -6.62
C ARG A 114 -6.85 7.52 -7.76
N PRO A 115 -8.01 7.22 -8.38
CA PRO A 115 -8.53 8.01 -9.50
C PRO A 115 -9.02 9.39 -9.05
N SER A 116 -8.28 10.43 -9.44
CA SER A 116 -8.64 11.79 -9.08
C SER A 116 -10.04 12.15 -9.57
N GLY A 117 -10.38 11.63 -10.76
CA GLY A 117 -11.70 11.90 -11.32
C GLY A 117 -12.78 11.05 -10.69
N PRO A 118 -13.05 9.89 -11.30
CA PRO A 118 -14.08 8.96 -10.82
C PRO A 118 -13.69 8.30 -9.49
N SER A 119 -14.52 8.47 -8.48
CA SER A 119 -14.26 7.90 -7.17
C SER A 119 -15.53 7.88 -6.32
N SER A 120 -15.88 6.71 -5.80
CA SER A 120 -17.07 6.56 -4.97
C SER A 120 -17.07 7.58 -3.83
N GLY A 121 -15.98 7.62 -3.08
CA GLY A 121 -15.87 8.54 -1.97
C GLY A 121 -14.78 8.16 -0.99
N GLY A 1 12.24 5.54 20.34
CA GLY A 1 11.47 6.71 19.97
C GLY A 1 10.82 6.58 18.61
N SER A 2 9.58 7.04 18.49
CA SER A 2 8.84 6.96 17.24
C SER A 2 9.59 7.69 16.13
N SER A 3 9.93 8.94 16.38
CA SER A 3 10.65 9.76 15.40
C SER A 3 10.18 9.44 13.98
N GLY A 4 8.87 9.30 13.82
CA GLY A 4 8.31 9.00 12.51
C GLY A 4 6.79 9.12 12.49
N SER A 5 6.30 10.22 11.94
CA SER A 5 4.86 10.46 11.86
C SER A 5 4.19 9.39 11.02
N SER A 6 2.97 9.03 11.40
CA SER A 6 2.21 8.01 10.68
C SER A 6 0.82 8.52 10.33
N GLY A 7 0.66 9.00 9.10
CA GLY A 7 -0.63 9.50 8.66
C GLY A 7 -0.96 9.10 7.23
N VAL A 8 -1.60 10.00 6.50
CA VAL A 8 -1.97 9.72 5.11
C VAL A 8 -2.15 11.02 4.33
N THR A 9 -1.42 11.14 3.22
CA THR A 9 -1.51 12.33 2.39
C THR A 9 -1.84 11.97 0.94
N TRP A 10 -2.81 12.67 0.37
CA TRP A 10 -3.23 12.42 -1.01
C TRP A 10 -2.84 13.58 -1.92
N GLN A 11 -2.17 13.26 -3.02
CA GLN A 11 -1.74 14.27 -3.98
C GLN A 11 -1.84 13.77 -5.40
N PRO A 12 -1.89 14.70 -6.36
CA PRO A 12 -2.00 14.36 -7.79
C PRO A 12 -0.71 13.73 -8.34
N SER A 13 -0.87 12.80 -9.26
CA SER A 13 0.27 12.12 -9.85
C SER A 13 0.94 13.00 -10.90
N LYS A 14 2.08 12.54 -11.41
CA LYS A 14 2.82 13.28 -12.42
C LYS A 14 1.88 13.92 -13.44
N GLU A 15 0.95 13.11 -13.96
CA GLU A 15 -0.02 13.60 -14.94
C GLU A 15 -1.11 14.42 -14.26
N GLY A 16 -1.45 14.06 -13.03
CA GLY A 16 -2.47 14.77 -12.29
C GLY A 16 -3.83 14.09 -12.39
N ASP A 17 -3.94 13.12 -13.28
CA ASP A 17 -5.20 12.40 -13.48
C ASP A 17 -5.38 11.35 -12.38
N ARG A 18 -4.34 11.12 -11.60
CA ARG A 18 -4.38 10.14 -10.52
C ARG A 18 -4.10 10.80 -9.17
N LEU A 19 -4.24 10.02 -8.10
CA LEU A 19 -3.99 10.52 -6.76
C LEU A 19 -3.05 9.60 -5.99
N ILE A 20 -1.80 10.03 -5.87
CA ILE A 20 -0.80 9.23 -5.16
C ILE A 20 -0.96 9.37 -3.65
N GLY A 21 -1.51 8.33 -3.01
CA GLY A 21 -1.71 8.35 -1.58
C GLY A 21 -0.51 7.83 -0.81
N ARG A 22 0.11 8.71 -0.03
CA ARG A 22 1.28 8.32 0.76
C ARG A 22 0.89 8.02 2.20
N VAL A 23 1.03 6.75 2.58
CA VAL A 23 0.69 6.32 3.94
C VAL A 23 1.91 5.73 4.65
N ILE A 24 1.98 5.94 5.96
CA ILE A 24 3.08 5.43 6.75
C ILE A 24 2.59 4.90 8.11
N LEU A 25 2.81 3.62 8.34
CA LEU A 25 2.38 2.98 9.59
C LEU A 25 3.59 2.43 10.35
N ASN A 26 3.56 2.55 11.67
CA ASN A 26 4.65 2.06 12.51
C ASN A 26 4.15 0.97 13.45
N LYS A 27 4.55 -0.27 13.17
CA LYS A 27 4.14 -1.40 14.00
C LYS A 27 5.37 -2.15 14.54
N ARG A 28 5.21 -2.77 15.70
CA ARG A 28 6.30 -3.50 16.33
C ARG A 28 6.09 -5.00 16.17
N THR A 29 4.92 -5.48 16.58
CA THR A 29 4.60 -6.90 16.48
C THR A 29 4.03 -7.25 15.11
N THR A 30 4.59 -8.30 14.50
CA THR A 30 4.14 -8.73 13.19
C THR A 30 2.99 -9.71 13.29
N MET A 31 1.89 -9.42 12.59
CA MET A 31 0.71 -10.28 12.61
C MET A 31 1.12 -11.75 12.63
N PRO A 32 0.21 -12.61 13.11
CA PRO A 32 0.45 -14.05 13.19
C PRO A 32 0.49 -14.71 11.80
N LYS A 33 0.85 -15.99 11.78
CA LYS A 33 0.93 -16.73 10.53
C LYS A 33 -0.16 -16.29 9.56
N ASP A 34 -1.40 -16.30 10.03
CA ASP A 34 -2.54 -15.90 9.21
C ASP A 34 -2.14 -14.78 8.25
N SER A 35 -1.49 -13.75 8.78
CA SER A 35 -1.06 -12.62 7.96
C SER A 35 0.41 -12.30 8.21
N GLY A 36 1.24 -12.51 7.20
CA GLY A 36 2.66 -12.24 7.32
C GLY A 36 3.01 -10.82 6.93
N ALA A 37 3.77 -10.14 7.79
CA ALA A 37 4.18 -8.77 7.53
C ALA A 37 3.04 -7.96 6.91
N LEU A 38 1.81 -8.31 7.28
CA LEU A 38 0.64 -7.61 6.75
C LEU A 38 -0.02 -6.76 7.84
N LEU A 39 -0.06 -5.46 7.60
CA LEU A 39 -0.66 -4.53 8.56
C LEU A 39 -2.08 -4.97 8.94
N GLY A 40 -2.64 -5.87 8.13
CA GLY A 40 -3.98 -6.36 8.40
C GLY A 40 -4.81 -6.51 7.14
N LEU A 41 -4.23 -6.12 6.01
CA LEU A 41 -4.92 -6.21 4.72
C LEU A 41 -4.24 -7.23 3.82
N LYS A 42 -4.92 -7.58 2.72
CA LYS A 42 -4.39 -8.55 1.77
C LYS A 42 -4.02 -7.87 0.46
N VAL A 43 -2.80 -8.11 0.00
CA VAL A 43 -2.31 -7.52 -1.25
C VAL A 43 -2.10 -8.59 -2.31
N VAL A 44 -2.45 -8.26 -3.55
CA VAL A 44 -2.30 -9.20 -4.66
C VAL A 44 -1.37 -8.62 -5.73
N GLY A 45 -0.15 -9.15 -5.80
CA GLY A 45 0.80 -8.69 -6.78
C GLY A 45 0.74 -9.47 -8.07
N GLY A 46 1.74 -9.28 -8.93
CA GLY A 46 1.77 -9.98 -10.20
C GLY A 46 0.54 -9.71 -11.05
N LYS A 47 -0.28 -8.76 -10.60
CA LYS A 47 -1.50 -8.40 -11.32
C LYS A 47 -1.18 -7.49 -12.51
N MET A 48 -2.16 -7.32 -13.38
CA MET A 48 -1.99 -6.47 -14.56
C MET A 48 -2.54 -5.07 -14.30
N THR A 49 -1.90 -4.07 -14.89
CA THR A 49 -2.32 -2.69 -14.73
C THR A 49 -2.77 -2.10 -16.06
N ASP A 50 -3.67 -1.12 -15.99
CA ASP A 50 -4.20 -0.47 -17.19
C ASP A 50 -3.05 0.08 -18.04
N LEU A 51 -1.94 0.41 -17.41
CA LEU A 51 -0.79 0.94 -18.12
C LEU A 51 -0.12 -0.15 -18.96
N GLY A 52 -0.27 -1.40 -18.53
CA GLY A 52 0.32 -2.51 -19.25
C GLY A 52 1.34 -3.27 -18.42
N ARG A 53 1.79 -2.65 -17.34
CA ARG A 53 2.78 -3.28 -16.46
C ARG A 53 2.10 -4.01 -15.31
N LEU A 54 2.90 -4.59 -14.43
CA LEU A 54 2.37 -5.32 -13.28
C LEU A 54 2.19 -4.40 -12.09
N GLY A 55 1.49 -4.89 -11.07
CA GLY A 55 1.26 -4.09 -9.87
C GLY A 55 0.47 -4.84 -8.82
N ALA A 56 0.48 -4.31 -7.60
CA ALA A 56 -0.25 -4.94 -6.50
C ALA A 56 -1.49 -4.14 -6.12
N PHE A 57 -2.50 -4.82 -5.58
CA PHE A 57 -3.74 -4.18 -5.19
C PHE A 57 -4.28 -4.78 -3.90
N ILE A 58 -5.10 -4.01 -3.19
CA ILE A 58 -5.69 -4.47 -1.94
C ILE A 58 -7.02 -5.17 -2.18
N THR A 59 -7.21 -6.32 -1.53
CA THR A 59 -8.43 -7.09 -1.67
C THR A 59 -9.27 -7.04 -0.39
N LYS A 60 -8.59 -6.99 0.75
CA LYS A 60 -9.26 -6.93 2.03
C LYS A 60 -8.45 -6.12 3.04
N VAL A 61 -9.13 -5.24 3.77
CA VAL A 61 -8.48 -4.40 4.77
C VAL A 61 -9.33 -4.27 6.02
N LYS A 62 -8.89 -4.91 7.10
CA LYS A 62 -9.61 -4.86 8.37
C LYS A 62 -10.16 -3.46 8.64
N LYS A 63 -11.30 -3.41 9.31
CA LYS A 63 -11.94 -2.14 9.63
C LYS A 63 -11.42 -1.58 10.94
N GLY A 64 -10.87 -0.37 10.90
CA GLY A 64 -10.34 0.26 12.10
C GLY A 64 -8.89 -0.09 12.34
N SER A 65 -8.29 -0.80 11.40
CA SER A 65 -6.89 -1.21 11.52
C SER A 65 -5.96 -0.05 11.15
N LEU A 66 -4.66 -0.29 11.25
CA LEU A 66 -3.67 0.74 10.94
C LEU A 66 -3.81 1.21 9.49
N ALA A 67 -4.20 0.30 8.61
CA ALA A 67 -4.39 0.62 7.21
C ALA A 67 -5.83 1.04 6.92
N ASP A 68 -6.58 1.30 7.98
CA ASP A 68 -7.97 1.71 7.84
C ASP A 68 -8.23 3.02 8.58
N VAL A 69 -7.47 3.25 9.65
CA VAL A 69 -7.61 4.46 10.45
C VAL A 69 -6.50 5.45 10.14
N VAL A 70 -5.29 4.94 9.91
CA VAL A 70 -4.15 5.78 9.60
C VAL A 70 -3.90 5.85 8.09
N GLY A 71 -4.03 4.70 7.43
CA GLY A 71 -3.83 4.65 6.00
C GLY A 71 -5.08 5.02 5.22
N HIS A 72 -6.24 4.75 5.81
CA HIS A 72 -7.51 5.05 5.16
C HIS A 72 -7.57 4.42 3.77
N LEU A 73 -6.89 3.29 3.60
CA LEU A 73 -6.87 2.59 2.32
C LEU A 73 -8.11 1.72 2.16
N ARG A 74 -8.48 1.45 0.91
CA ARG A 74 -9.64 0.62 0.62
C ARG A 74 -9.27 -0.56 -0.27
N ALA A 75 -10.20 -1.49 -0.44
CA ALA A 75 -9.96 -2.67 -1.27
C ALA A 75 -10.06 -2.31 -2.75
N GLY A 76 -8.94 -2.39 -3.46
CA GLY A 76 -8.93 -2.08 -4.87
C GLY A 76 -7.79 -1.14 -5.25
N ASP A 77 -7.30 -0.39 -4.27
CA ASP A 77 -6.21 0.55 -4.51
C ASP A 77 -4.97 -0.17 -5.03
N GLU A 78 -4.29 0.46 -5.99
CA GLU A 78 -3.09 -0.13 -6.57
C GLU A 78 -1.84 0.30 -5.81
N VAL A 79 -1.34 -0.60 -4.97
CA VAL A 79 -0.15 -0.31 -4.17
C VAL A 79 1.06 -0.07 -5.07
N LEU A 80 1.38 1.21 -5.28
CA LEU A 80 2.52 1.58 -6.11
C LEU A 80 3.82 1.10 -5.51
N GLU A 81 4.10 1.53 -4.28
CA GLU A 81 5.32 1.15 -3.58
C GLU A 81 5.00 0.63 -2.18
N TRP A 82 5.83 -0.27 -1.68
CA TRP A 82 5.64 -0.84 -0.35
C TRP A 82 6.94 -0.82 0.44
N ASN A 83 7.09 0.18 1.31
CA ASN A 83 8.29 0.32 2.13
C ASN A 83 9.46 0.82 1.30
N GLY A 84 9.15 1.53 0.21
CA GLY A 84 10.20 2.05 -0.65
C GLY A 84 10.62 1.06 -1.72
N LYS A 85 9.68 0.24 -2.16
CA LYS A 85 9.97 -0.76 -3.19
C LYS A 85 8.90 -0.74 -4.28
N PRO A 86 9.35 -0.76 -5.54
CA PRO A 86 8.45 -0.74 -6.71
C PRO A 86 7.68 -2.05 -6.86
N LEU A 87 6.44 -2.06 -6.39
CA LEU A 87 5.60 -3.25 -6.48
C LEU A 87 5.33 -3.62 -7.93
N PRO A 88 5.03 -2.61 -8.76
CA PRO A 88 4.75 -2.81 -10.19
C PRO A 88 5.99 -3.21 -10.97
N GLY A 89 5.85 -4.20 -11.83
CA GLY A 89 6.97 -4.67 -12.63
C GLY A 89 7.48 -6.02 -12.18
N ALA A 90 6.88 -6.56 -11.13
CA ALA A 90 7.27 -7.86 -10.61
C ALA A 90 6.08 -8.80 -10.49
N THR A 91 6.35 -10.08 -10.25
CA THR A 91 5.30 -11.07 -10.13
C THR A 91 4.84 -11.21 -8.67
N ASN A 92 3.68 -11.81 -8.47
CA ASN A 92 3.14 -12.00 -7.13
C ASN A 92 4.15 -12.72 -6.23
N GLU A 93 5.07 -13.44 -6.85
CA GLU A 93 6.09 -14.17 -6.11
C GLU A 93 7.19 -13.23 -5.60
N GLU A 94 7.41 -12.15 -6.35
CA GLU A 94 8.42 -11.16 -5.98
C GLU A 94 7.83 -10.07 -5.10
N VAL A 95 6.54 -9.80 -5.30
CA VAL A 95 5.85 -8.78 -4.52
C VAL A 95 5.69 -9.20 -3.06
N TYR A 96 5.53 -10.50 -2.85
CA TYR A 96 5.37 -11.04 -1.50
C TYR A 96 6.62 -10.83 -0.68
N ASN A 97 7.77 -11.17 -1.25
CA ASN A 97 9.05 -11.02 -0.57
C ASN A 97 9.27 -9.57 -0.13
N ILE A 98 8.77 -8.63 -0.94
CA ILE A 98 8.90 -7.22 -0.63
C ILE A 98 8.05 -6.83 0.58
N ILE A 99 6.81 -7.28 0.59
CA ILE A 99 5.89 -6.99 1.69
C ILE A 99 6.30 -7.73 2.95
N LEU A 100 6.89 -8.91 2.77
CA LEU A 100 7.33 -9.73 3.90
C LEU A 100 8.58 -9.14 4.54
N GLU A 101 9.44 -8.54 3.71
CA GLU A 101 10.68 -7.94 4.19
C GLU A 101 10.38 -6.81 5.18
N SER A 102 9.13 -6.34 5.18
CA SER A 102 8.73 -5.26 6.07
C SER A 102 8.15 -5.81 7.37
N LYS A 103 8.30 -7.12 7.57
CA LYS A 103 7.78 -7.77 8.77
C LYS A 103 8.49 -7.24 10.02
N SER A 104 9.82 -7.30 10.00
CA SER A 104 10.62 -6.84 11.13
C SER A 104 10.90 -5.33 11.01
N GLU A 105 10.10 -4.66 10.19
CA GLU A 105 10.27 -3.22 9.99
C GLU A 105 9.32 -2.44 10.90
N PRO A 106 9.89 -1.62 11.79
CA PRO A 106 9.10 -0.81 12.72
C PRO A 106 8.36 0.32 12.03
N GLN A 107 8.63 0.50 10.74
CA GLN A 107 7.98 1.54 9.96
C GLN A 107 7.81 1.11 8.50
N VAL A 108 6.58 1.17 8.02
CA VAL A 108 6.26 0.78 6.65
C VAL A 108 5.55 1.91 5.90
N GLU A 109 6.10 2.29 4.75
CA GLU A 109 5.51 3.36 3.94
C GLU A 109 4.75 2.78 2.75
N ILE A 110 3.43 2.87 2.80
CA ILE A 110 2.58 2.36 1.73
C ILE A 110 2.17 3.47 0.77
N ILE A 111 2.49 3.29 -0.51
CA ILE A 111 2.15 4.29 -1.53
C ILE A 111 1.20 3.71 -2.56
N VAL A 112 -0.07 4.13 -2.51
CA VAL A 112 -1.08 3.66 -3.44
C VAL A 112 -1.49 4.76 -4.41
N SER A 113 -2.22 4.37 -5.45
CA SER A 113 -2.68 5.33 -6.46
C SER A 113 -4.18 5.21 -6.67
N ARG A 114 -4.89 6.31 -6.43
CA ARG A 114 -6.34 6.34 -6.58
C ARG A 114 -6.74 7.25 -7.74
N PRO A 115 -7.83 6.89 -8.43
CA PRO A 115 -8.34 7.66 -9.57
C PRO A 115 -8.94 9.00 -9.14
N SER A 116 -8.20 10.08 -9.41
CA SER A 116 -8.67 11.41 -9.05
C SER A 116 -10.11 11.62 -9.46
N GLY A 117 -10.40 11.33 -10.73
CA GLY A 117 -11.76 11.50 -11.24
C GLY A 117 -12.37 10.19 -11.68
N PRO A 118 -12.08 9.78 -12.93
CA PRO A 118 -12.60 8.55 -13.51
C PRO A 118 -11.98 7.30 -12.86
N SER A 119 -12.85 6.40 -12.38
CA SER A 119 -12.38 5.19 -11.74
C SER A 119 -12.62 3.98 -12.63
N SER A 120 -11.59 3.17 -12.81
CA SER A 120 -11.68 1.98 -13.65
C SER A 120 -11.02 0.77 -12.96
N GLY A 121 -11.36 -0.42 -13.45
CA GLY A 121 -10.80 -1.63 -12.87
C GLY A 121 -10.36 -2.63 -13.93
N GLY A 1 13.12 6.22 19.24
CA GLY A 1 12.96 7.48 18.54
C GLY A 1 12.64 7.28 17.08
N SER A 2 11.37 7.46 16.72
CA SER A 2 10.93 7.30 15.34
C SER A 2 11.03 8.62 14.58
N SER A 3 11.65 8.57 13.40
CA SER A 3 11.81 9.76 12.58
C SER A 3 10.74 9.82 11.48
N GLY A 4 10.01 10.93 11.44
CA GLY A 4 8.96 11.08 10.44
C GLY A 4 7.58 10.81 11.00
N SER A 5 6.66 11.73 10.77
CA SER A 5 5.29 11.58 11.25
C SER A 5 4.50 10.64 10.36
N SER A 6 3.51 9.96 10.95
CA SER A 6 2.68 9.02 10.20
C SER A 6 1.38 9.69 9.75
N GLY A 7 0.52 8.91 9.10
CA GLY A 7 -0.75 9.44 8.63
C GLY A 7 -1.03 9.04 7.19
N VAL A 8 -1.70 9.93 6.46
CA VAL A 8 -2.04 9.67 5.06
C VAL A 8 -2.26 10.97 4.31
N THR A 9 -1.49 11.16 3.24
CA THR A 9 -1.59 12.37 2.43
C THR A 9 -1.96 12.03 0.98
N TRP A 10 -2.89 12.79 0.42
CA TRP A 10 -3.33 12.57 -0.94
C TRP A 10 -2.94 13.74 -1.84
N GLN A 11 -2.30 13.44 -2.96
CA GLN A 11 -1.88 14.48 -3.90
C GLN A 11 -1.94 13.97 -5.34
N PRO A 12 -2.01 14.91 -6.30
CA PRO A 12 -2.09 14.57 -7.73
C PRO A 12 -0.77 13.99 -8.24
N SER A 13 -0.87 13.06 -9.19
CA SER A 13 0.30 12.42 -9.77
C SER A 13 0.95 13.34 -10.80
N LYS A 14 2.13 12.93 -11.28
CA LYS A 14 2.86 13.71 -12.27
C LYS A 14 1.91 14.28 -13.32
N GLU A 15 0.98 13.46 -13.79
CA GLU A 15 0.01 13.87 -14.80
C GLU A 15 -1.11 14.69 -14.16
N GLY A 16 -1.47 14.34 -12.93
CA GLY A 16 -2.53 15.05 -12.23
C GLY A 16 -3.87 14.34 -12.36
N ASP A 17 -3.91 13.30 -13.16
CA ASP A 17 -5.13 12.53 -13.37
C ASP A 17 -5.31 11.47 -12.28
N ARG A 18 -4.25 11.25 -11.51
CA ARG A 18 -4.28 10.26 -10.44
C ARG A 18 -4.01 10.91 -9.08
N LEU A 19 -4.16 10.15 -8.02
CA LEU A 19 -3.93 10.65 -6.67
C LEU A 19 -2.99 9.73 -5.90
N ILE A 20 -1.74 10.16 -5.75
CA ILE A 20 -0.75 9.37 -5.02
C ILE A 20 -0.95 9.49 -3.52
N GLY A 21 -1.48 8.43 -2.91
CA GLY A 21 -1.72 8.42 -1.48
C GLY A 21 -0.53 7.89 -0.71
N ARG A 22 0.12 8.76 0.06
CA ARG A 22 1.28 8.37 0.85
C ARG A 22 0.87 8.04 2.28
N VAL A 23 1.02 6.78 2.66
CA VAL A 23 0.67 6.33 4.00
C VAL A 23 1.87 5.70 4.69
N ILE A 24 2.00 5.95 6.00
CA ILE A 24 3.10 5.41 6.78
C ILE A 24 2.61 4.93 8.15
N LEU A 25 3.02 3.73 8.53
CA LEU A 25 2.63 3.15 9.82
C LEU A 25 3.86 2.75 10.63
N ASN A 26 3.79 2.95 11.93
CA ASN A 26 4.89 2.61 12.83
C ASN A 26 4.43 1.66 13.92
N LYS A 27 4.43 0.36 13.62
CA LYS A 27 4.01 -0.64 14.58
C LYS A 27 5.20 -1.50 15.01
N ARG A 28 5.13 -2.04 16.24
CA ARG A 28 6.19 -2.88 16.76
C ARG A 28 6.03 -4.32 16.29
N THR A 29 4.89 -4.92 16.63
CA THR A 29 4.62 -6.29 16.25
C THR A 29 4.01 -6.37 14.85
N THR A 30 4.51 -7.29 14.03
CA THR A 30 4.02 -7.46 12.67
C THR A 30 2.49 -7.46 12.64
N MET A 31 1.89 -8.57 13.01
CA MET A 31 0.43 -8.69 13.02
C MET A 31 -0.03 -9.69 14.07
N PRO A 32 -1.27 -9.53 14.54
CA PRO A 32 -1.85 -10.42 15.55
C PRO A 32 -2.13 -11.82 15.01
N LYS A 33 -2.50 -11.89 13.73
CA LYS A 33 -2.80 -13.16 13.08
C LYS A 33 -1.66 -13.57 12.14
N ASP A 34 -1.87 -14.66 11.41
CA ASP A 34 -0.88 -15.15 10.46
C ASP A 34 -0.64 -14.14 9.34
N SER A 35 -1.46 -13.09 9.32
CA SER A 35 -1.33 -12.05 8.30
C SER A 35 0.12 -11.77 7.97
N GLY A 36 0.91 -11.48 9.01
CA GLY A 36 2.33 -11.20 8.80
C GLY A 36 2.61 -9.72 8.71
N ALA A 37 3.62 -9.36 7.92
CA ALA A 37 3.99 -7.96 7.75
C ALA A 37 2.81 -7.13 7.27
N LEU A 38 1.75 -7.80 6.84
CA LEU A 38 0.56 -7.13 6.35
C LEU A 38 0.04 -6.12 7.38
N LEU A 39 0.27 -4.84 7.11
CA LEU A 39 -0.17 -3.78 8.01
C LEU A 39 -1.60 -4.02 8.46
N GLY A 40 -2.36 -4.78 7.66
CA GLY A 40 -3.73 -5.07 8.00
C GLY A 40 -4.62 -5.13 6.78
N LEU A 41 -4.08 -5.64 5.69
CA LEU A 41 -4.84 -5.76 4.44
C LEU A 41 -4.22 -6.82 3.52
N LYS A 42 -5.00 -7.29 2.56
CA LYS A 42 -4.52 -8.30 1.61
C LYS A 42 -4.09 -7.66 0.31
N VAL A 43 -2.88 -8.00 -0.14
CA VAL A 43 -2.34 -7.45 -1.38
C VAL A 43 -2.02 -8.57 -2.37
N VAL A 44 -2.51 -8.40 -3.60
CA VAL A 44 -2.28 -9.39 -4.65
C VAL A 44 -1.36 -8.84 -5.73
N GLY A 45 -0.10 -9.23 -5.69
CA GLY A 45 0.87 -8.77 -6.67
C GLY A 45 0.81 -9.56 -7.96
N GLY A 46 1.82 -9.41 -8.81
CA GLY A 46 1.85 -10.11 -10.07
C GLY A 46 0.60 -9.91 -10.88
N LYS A 47 -0.20 -8.92 -10.50
CA LYS A 47 -1.44 -8.61 -11.20
C LYS A 47 -1.18 -7.76 -12.44
N MET A 48 -2.15 -7.72 -13.35
CA MET A 48 -2.02 -6.94 -14.57
C MET A 48 -2.64 -5.56 -14.41
N THR A 49 -2.06 -4.56 -15.08
CA THR A 49 -2.55 -3.20 -15.00
C THR A 49 -3.00 -2.69 -16.38
N ASP A 50 -3.91 -1.73 -16.37
CA ASP A 50 -4.42 -1.17 -17.62
C ASP A 50 -3.29 -0.56 -18.45
N LEU A 51 -2.13 -0.39 -17.82
CA LEU A 51 -0.97 0.17 -18.50
C LEU A 51 -0.21 -0.89 -19.26
N GLY A 52 -0.37 -2.14 -18.84
CA GLY A 52 0.31 -3.25 -19.50
C GLY A 52 1.36 -3.89 -18.62
N ARG A 53 1.74 -3.20 -17.56
CA ARG A 53 2.74 -3.71 -16.63
C ARG A 53 2.09 -4.42 -15.45
N LEU A 54 2.92 -4.95 -14.56
CA LEU A 54 2.42 -5.65 -13.38
C LEU A 54 2.24 -4.71 -12.21
N GLY A 55 1.42 -5.10 -11.24
CA GLY A 55 1.18 -4.27 -10.08
C GLY A 55 0.42 -5.01 -8.98
N ALA A 56 0.26 -4.36 -7.84
CA ALA A 56 -0.43 -4.96 -6.70
C ALA A 56 -1.67 -4.14 -6.32
N PHE A 57 -2.67 -4.83 -5.80
CA PHE A 57 -3.92 -4.16 -5.40
C PHE A 57 -4.45 -4.77 -4.11
N ILE A 58 -5.18 -3.96 -3.35
CA ILE A 58 -5.77 -4.41 -2.08
C ILE A 58 -7.13 -5.05 -2.30
N THR A 59 -7.27 -6.30 -1.88
CA THR A 59 -8.53 -7.02 -2.02
C THR A 59 -9.36 -6.93 -0.75
N LYS A 60 -8.69 -6.75 0.38
CA LYS A 60 -9.37 -6.66 1.67
C LYS A 60 -8.57 -5.79 2.64
N VAL A 61 -9.27 -4.99 3.43
CA VAL A 61 -8.63 -4.13 4.40
C VAL A 61 -9.23 -4.30 5.79
N LYS A 62 -8.48 -4.93 6.69
CA LYS A 62 -8.93 -5.17 8.05
C LYS A 62 -9.49 -3.89 8.67
N LYS A 63 -10.73 -3.96 9.13
CA LYS A 63 -11.39 -2.81 9.75
C LYS A 63 -10.73 -2.47 11.08
N GLY A 64 -10.25 -1.22 11.21
CA GLY A 64 -9.61 -0.79 12.44
C GLY A 64 -8.11 -1.00 12.40
N SER A 65 -7.60 -1.45 11.27
CA SER A 65 -6.18 -1.70 11.11
C SER A 65 -5.41 -0.40 10.87
N LEU A 66 -4.09 -0.49 10.84
CA LEU A 66 -3.24 0.68 10.61
C LEU A 66 -3.53 1.30 9.25
N ALA A 67 -3.80 0.44 8.27
CA ALA A 67 -4.09 0.92 6.92
C ALA A 67 -5.59 1.21 6.75
N ASP A 68 -6.30 1.28 7.87
CA ASP A 68 -7.72 1.57 7.85
C ASP A 68 -8.06 2.76 8.73
N VAL A 69 -7.24 2.99 9.75
CA VAL A 69 -7.44 4.10 10.67
C VAL A 69 -6.42 5.20 10.42
N VAL A 70 -5.20 4.82 10.06
CA VAL A 70 -4.14 5.78 9.80
C VAL A 70 -3.97 6.02 8.30
N GLY A 71 -4.11 4.95 7.52
CA GLY A 71 -3.98 5.07 6.08
C GLY A 71 -5.29 5.37 5.39
N HIS A 72 -6.38 4.84 5.94
CA HIS A 72 -7.71 5.05 5.37
C HIS A 72 -7.78 4.54 3.94
N LEU A 73 -7.12 3.42 3.69
CA LEU A 73 -7.11 2.82 2.35
C LEU A 73 -8.34 1.97 2.13
N ARG A 74 -8.64 1.67 0.87
CA ARG A 74 -9.80 0.86 0.53
C ARG A 74 -9.39 -0.32 -0.35
N ALA A 75 -10.33 -1.24 -0.58
CA ALA A 75 -10.07 -2.42 -1.40
C ALA A 75 -10.12 -2.07 -2.88
N GLY A 76 -8.97 -2.12 -3.54
CA GLY A 76 -8.90 -1.81 -4.95
C GLY A 76 -7.76 -0.87 -5.29
N ASP A 77 -7.25 -0.18 -4.27
CA ASP A 77 -6.15 0.76 -4.46
C ASP A 77 -4.92 0.07 -5.05
N GLU A 78 -4.30 0.70 -6.03
CA GLU A 78 -3.12 0.14 -6.68
C GLU A 78 -1.85 0.55 -5.94
N VAL A 79 -1.37 -0.34 -5.07
CA VAL A 79 -0.16 -0.07 -4.30
C VAL A 79 1.04 0.15 -5.22
N LEU A 80 1.45 1.40 -5.34
CA LEU A 80 2.60 1.74 -6.19
C LEU A 80 3.90 1.27 -5.57
N GLU A 81 4.21 1.76 -4.38
CA GLU A 81 5.44 1.38 -3.68
C GLU A 81 5.12 0.90 -2.27
N TRP A 82 5.91 -0.06 -1.79
CA TRP A 82 5.71 -0.62 -0.45
C TRP A 82 7.03 -0.63 0.32
N ASN A 83 7.20 0.34 1.22
CA ASN A 83 8.41 0.44 2.03
C ASN A 83 9.60 0.84 1.16
N GLY A 84 9.35 1.68 0.16
CA GLY A 84 10.41 2.14 -0.71
C GLY A 84 10.81 1.08 -1.73
N LYS A 85 9.81 0.37 -2.25
CA LYS A 85 10.05 -0.67 -3.25
C LYS A 85 8.97 -0.66 -4.32
N PRO A 86 9.41 -0.69 -5.59
CA PRO A 86 8.49 -0.69 -6.74
C PRO A 86 7.71 -2.00 -6.87
N LEU A 87 6.47 -1.98 -6.39
CA LEU A 87 5.62 -3.17 -6.46
C LEU A 87 5.34 -3.56 -7.90
N PRO A 88 5.04 -2.57 -8.75
CA PRO A 88 4.74 -2.78 -10.17
C PRO A 88 5.98 -3.20 -10.95
N GLY A 89 5.84 -4.26 -11.76
CA GLY A 89 6.95 -4.74 -12.55
C GLY A 89 7.50 -6.07 -12.04
N ALA A 90 6.89 -6.59 -10.98
CA ALA A 90 7.32 -7.85 -10.40
C ALA A 90 6.15 -8.82 -10.26
N THR A 91 6.45 -10.10 -10.10
CA THR A 91 5.42 -11.12 -9.95
C THR A 91 4.95 -11.22 -8.51
N ASN A 92 3.80 -11.86 -8.31
CA ASN A 92 3.24 -12.03 -6.98
C ASN A 92 4.26 -12.67 -6.03
N GLU A 93 5.19 -13.44 -6.60
CA GLU A 93 6.21 -14.10 -5.81
C GLU A 93 7.25 -13.11 -5.30
N GLU A 94 7.47 -12.04 -6.07
CA GLU A 94 8.43 -11.02 -5.70
C GLU A 94 7.76 -9.93 -4.85
N VAL A 95 6.50 -9.64 -5.16
CA VAL A 95 5.75 -8.62 -4.43
C VAL A 95 5.53 -9.04 -2.98
N TYR A 96 5.28 -10.34 -2.77
CA TYR A 96 5.04 -10.86 -1.44
C TYR A 96 6.27 -10.66 -0.55
N ASN A 97 7.44 -11.00 -1.08
CA ASN A 97 8.69 -10.86 -0.34
C ASN A 97 8.91 -9.41 0.09
N ILE A 98 8.57 -8.48 -0.79
CA ILE A 98 8.73 -7.06 -0.50
C ILE A 98 7.85 -6.64 0.67
N ILE A 99 6.61 -7.14 0.68
CA ILE A 99 5.68 -6.81 1.76
C ILE A 99 6.05 -7.53 3.05
N LEU A 100 6.51 -8.77 2.93
CA LEU A 100 6.90 -9.56 4.09
C LEU A 100 8.18 -9.01 4.71
N GLU A 101 9.03 -8.43 3.87
CA GLU A 101 10.30 -7.87 4.33
C GLU A 101 10.07 -6.83 5.42
N SER A 102 8.88 -6.21 5.39
CA SER A 102 8.54 -5.18 6.36
C SER A 102 8.02 -5.81 7.65
N LYS A 103 8.01 -7.14 7.69
CA LYS A 103 7.56 -7.86 8.87
C LYS A 103 8.27 -7.38 10.13
N SER A 104 9.60 -7.38 10.08
CA SER A 104 10.39 -6.94 11.22
C SER A 104 10.52 -5.43 11.24
N GLU A 105 10.26 -4.80 10.11
CA GLU A 105 10.33 -3.35 10.00
C GLU A 105 9.31 -2.68 10.90
N PRO A 106 9.79 -1.90 11.88
CA PRO A 106 8.93 -1.19 12.83
C PRO A 106 8.16 -0.05 12.16
N GLN A 107 8.48 0.22 10.90
CA GLN A 107 7.81 1.29 10.16
C GLN A 107 7.73 0.95 8.68
N VAL A 108 6.56 1.13 8.10
CA VAL A 108 6.34 0.85 6.68
C VAL A 108 5.67 2.03 5.98
N GLU A 109 6.05 2.26 4.72
CA GLU A 109 5.48 3.35 3.94
C GLU A 109 4.75 2.82 2.72
N ILE A 110 3.42 2.88 2.76
CA ILE A 110 2.60 2.41 1.65
C ILE A 110 2.18 3.56 0.74
N ILE A 111 2.48 3.43 -0.55
CA ILE A 111 2.12 4.46 -1.52
C ILE A 111 1.22 3.90 -2.62
N VAL A 112 -0.06 4.27 -2.57
CA VAL A 112 -1.02 3.81 -3.57
C VAL A 112 -1.45 4.94 -4.49
N SER A 113 -2.20 4.60 -5.52
CA SER A 113 -2.67 5.59 -6.48
C SER A 113 -4.18 5.46 -6.70
N ARG A 114 -4.90 6.56 -6.49
CA ARG A 114 -6.35 6.58 -6.66
C ARG A 114 -6.75 7.47 -7.82
N PRO A 115 -7.84 7.10 -8.50
CA PRO A 115 -8.36 7.85 -9.65
C PRO A 115 -8.96 9.19 -9.24
N SER A 116 -8.20 10.26 -9.43
CA SER A 116 -8.66 11.60 -9.07
C SER A 116 -10.08 11.83 -9.57
N GLY A 117 -11.01 12.02 -8.64
CA GLY A 117 -12.39 12.25 -9.00
C GLY A 117 -13.10 13.17 -8.04
N PRO A 118 -13.80 12.59 -7.05
CA PRO A 118 -14.54 13.36 -6.04
C PRO A 118 -13.61 14.10 -5.09
N SER A 119 -13.82 15.40 -4.94
CA SER A 119 -13.01 16.22 -4.05
C SER A 119 -13.81 17.39 -3.49
N SER A 120 -13.57 17.70 -2.22
CA SER A 120 -14.28 18.79 -1.56
C SER A 120 -13.65 20.14 -1.91
N GLY A 121 -12.38 20.30 -1.54
CA GLY A 121 -11.68 21.53 -1.83
C GLY A 121 -11.34 21.70 -3.29
N GLY A 1 13.49 20.62 8.04
CA GLY A 1 13.40 19.53 8.99
C GLY A 1 12.64 18.34 8.44
N SER A 2 12.78 17.20 9.09
CA SER A 2 12.10 15.98 8.67
C SER A 2 11.03 15.57 9.67
N SER A 3 9.76 15.70 9.27
CA SER A 3 8.65 15.34 10.14
C SER A 3 8.37 13.85 10.07
N GLY A 4 8.12 13.25 11.24
CA GLY A 4 7.83 11.82 11.29
C GLY A 4 6.51 11.53 11.96
N SER A 5 5.45 11.45 11.17
CA SER A 5 4.11 11.17 11.70
C SER A 5 3.39 10.14 10.84
N SER A 6 2.90 9.08 11.48
CA SER A 6 2.20 8.02 10.78
C SER A 6 0.78 8.46 10.41
N GLY A 7 0.66 9.12 9.27
CA GLY A 7 -0.64 9.59 8.81
C GLY A 7 -0.95 9.17 7.39
N VAL A 8 -1.63 10.04 6.66
CA VAL A 8 -1.99 9.76 5.27
C VAL A 8 -2.22 11.05 4.48
N THR A 9 -1.52 11.18 3.37
CA THR A 9 -1.66 12.37 2.53
C THR A 9 -2.02 11.99 1.09
N TRP A 10 -2.80 12.85 0.44
CA TRP A 10 -3.22 12.61 -0.93
C TRP A 10 -2.85 13.77 -1.84
N GLN A 11 -2.23 13.47 -2.97
CA GLN A 11 -1.82 14.49 -3.92
C GLN A 11 -1.89 13.97 -5.36
N PRO A 12 -1.95 14.90 -6.33
CA PRO A 12 -2.02 14.55 -7.75
C PRO A 12 -0.72 13.95 -8.26
N SER A 13 -0.83 12.98 -9.17
CA SER A 13 0.34 12.33 -9.74
C SER A 13 0.98 13.21 -10.81
N LYS A 14 2.15 12.78 -11.29
CA LYS A 14 2.86 13.52 -12.32
C LYS A 14 1.91 14.00 -13.41
N GLU A 15 0.99 13.14 -13.81
CA GLU A 15 0.02 13.48 -14.85
C GLU A 15 -1.10 14.34 -14.28
N GLY A 16 -1.42 14.13 -13.01
CA GLY A 16 -2.47 14.89 -12.37
C GLY A 16 -3.83 14.21 -12.47
N ASP A 17 -3.89 13.15 -13.25
CA ASP A 17 -5.13 12.40 -13.42
C ASP A 17 -5.32 11.38 -12.30
N ARG A 18 -4.27 11.16 -11.52
CA ARG A 18 -4.32 10.22 -10.42
C ARG A 18 -4.02 10.91 -9.10
N LEU A 19 -4.19 10.17 -8.00
CA LEU A 19 -3.94 10.71 -6.66
C LEU A 19 -3.00 9.79 -5.88
N ILE A 20 -1.74 10.20 -5.76
CA ILE A 20 -0.76 9.42 -5.03
C ILE A 20 -0.95 9.56 -3.53
N GLY A 21 -1.51 8.53 -2.90
CA GLY A 21 -1.73 8.56 -1.47
C GLY A 21 -0.55 8.04 -0.68
N ARG A 22 0.06 8.91 0.10
CA ARG A 22 1.23 8.53 0.91
C ARG A 22 0.80 8.15 2.32
N VAL A 23 1.07 6.91 2.70
CA VAL A 23 0.71 6.42 4.03
C VAL A 23 1.93 5.83 4.74
N ILE A 24 2.01 6.06 6.05
CA ILE A 24 3.11 5.56 6.85
C ILE A 24 2.63 5.02 8.19
N LEU A 25 2.91 3.74 8.44
CA LEU A 25 2.50 3.10 9.69
C LEU A 25 3.71 2.54 10.44
N ASN A 26 3.67 2.64 11.77
CA ASN A 26 4.76 2.15 12.60
C ASN A 26 4.27 1.07 13.56
N LYS A 27 4.78 -0.14 13.40
CA LYS A 27 4.39 -1.26 14.25
C LYS A 27 5.62 -2.05 14.70
N ARG A 28 5.52 -2.67 15.87
CA ARG A 28 6.63 -3.45 16.41
C ARG A 28 6.17 -4.88 16.74
N THR A 29 5.33 -5.43 15.87
CA THR A 29 4.82 -6.78 16.07
C THR A 29 4.19 -7.32 14.78
N THR A 30 4.24 -8.64 14.61
CA THR A 30 3.68 -9.29 13.43
C THR A 30 2.18 -9.54 13.61
N MET A 31 1.41 -9.18 12.59
CA MET A 31 -0.04 -9.38 12.62
C MET A 31 -0.39 -10.70 13.30
N PRO A 32 -1.47 -10.68 14.11
CA PRO A 32 -1.94 -11.87 14.83
C PRO A 32 -2.53 -12.91 13.89
N LYS A 33 -3.46 -12.48 13.05
CA LYS A 33 -4.10 -13.39 12.10
C LYS A 33 -3.07 -14.02 11.16
N ASP A 34 -3.44 -15.16 10.58
CA ASP A 34 -2.55 -15.87 9.67
C ASP A 34 -1.73 -14.88 8.84
N SER A 35 -2.31 -13.73 8.55
CA SER A 35 -1.64 -12.70 7.77
C SER A 35 -0.17 -12.58 8.19
N GLY A 36 0.72 -12.63 7.20
CA GLY A 36 2.14 -12.52 7.48
C GLY A 36 2.53 -11.13 7.94
N ALA A 37 3.14 -10.37 7.03
CA ALA A 37 3.58 -9.01 7.35
C ALA A 37 2.55 -7.98 6.87
N LEU A 38 1.38 -8.46 6.50
CA LEU A 38 0.31 -7.59 6.01
C LEU A 38 -0.04 -6.54 7.06
N LEU A 39 0.62 -5.38 6.96
CA LEU A 39 0.37 -4.28 7.90
C LEU A 39 -1.09 -4.25 8.34
N GLY A 40 -1.99 -4.62 7.43
CA GLY A 40 -3.40 -4.63 7.75
C GLY A 40 -4.27 -4.70 6.51
N LEU A 41 -3.85 -5.49 5.53
CA LEU A 41 -4.60 -5.64 4.29
C LEU A 41 -3.98 -6.70 3.40
N LYS A 42 -4.79 -7.32 2.55
CA LYS A 42 -4.31 -8.35 1.64
C LYS A 42 -3.93 -7.74 0.30
N VAL A 43 -2.63 -7.75 0.01
CA VAL A 43 -2.12 -7.21 -1.25
C VAL A 43 -1.87 -8.32 -2.26
N VAL A 44 -2.36 -8.12 -3.48
CA VAL A 44 -2.19 -9.11 -4.55
C VAL A 44 -1.25 -8.58 -5.63
N GLY A 45 -0.01 -9.06 -5.63
CA GLY A 45 0.96 -8.63 -6.62
C GLY A 45 0.86 -9.42 -7.91
N GLY A 46 1.87 -9.28 -8.75
CA GLY A 46 1.88 -9.99 -10.02
C GLY A 46 0.60 -9.77 -10.82
N LYS A 47 -0.16 -8.75 -10.43
CA LYS A 47 -1.42 -8.44 -11.11
C LYS A 47 -1.15 -7.64 -12.39
N MET A 48 -2.11 -7.68 -13.31
CA MET A 48 -1.99 -6.96 -14.57
C MET A 48 -2.70 -5.62 -14.51
N THR A 49 -2.09 -4.60 -15.11
CA THR A 49 -2.67 -3.26 -15.12
C THR A 49 -3.05 -2.84 -16.53
N ASP A 50 -3.89 -1.81 -16.63
CA ASP A 50 -4.33 -1.31 -17.93
C ASP A 50 -3.15 -0.79 -18.75
N LEU A 51 -2.07 -0.46 -18.06
CA LEU A 51 -0.87 0.04 -18.73
C LEU A 51 -0.12 -1.09 -19.43
N GLY A 52 -0.36 -2.32 -18.99
CA GLY A 52 0.30 -3.46 -19.58
C GLY A 52 1.37 -4.05 -18.68
N ARG A 53 1.73 -3.31 -17.64
CA ARG A 53 2.76 -3.77 -16.70
C ARG A 53 2.12 -4.45 -15.50
N LEU A 54 2.96 -4.98 -14.62
CA LEU A 54 2.48 -5.67 -13.42
C LEU A 54 2.28 -4.68 -12.27
N GLY A 55 1.52 -5.11 -11.26
CA GLY A 55 1.27 -4.25 -10.12
C GLY A 55 0.55 -4.98 -9.00
N ALA A 56 0.27 -4.26 -7.92
CA ALA A 56 -0.42 -4.85 -6.76
C ALA A 56 -1.62 -4.01 -6.36
N PHE A 57 -2.62 -4.66 -5.77
CA PHE A 57 -3.83 -3.97 -5.34
C PHE A 57 -4.35 -4.57 -4.04
N ILE A 58 -5.08 -3.76 -3.27
CA ILE A 58 -5.64 -4.20 -2.00
C ILE A 58 -6.97 -4.92 -2.20
N THR A 59 -7.02 -6.19 -1.85
CA THR A 59 -8.24 -6.99 -1.98
C THR A 59 -9.01 -7.05 -0.68
N LYS A 60 -8.34 -6.70 0.42
CA LYS A 60 -8.97 -6.71 1.74
C LYS A 60 -8.25 -5.76 2.68
N VAL A 61 -9.00 -5.15 3.59
CA VAL A 61 -8.43 -4.22 4.57
C VAL A 61 -9.08 -4.40 5.94
N LYS A 62 -8.29 -4.89 6.90
CA LYS A 62 -8.78 -5.11 8.25
C LYS A 62 -9.46 -3.86 8.79
N LYS A 63 -10.70 -3.99 9.23
CA LYS A 63 -11.46 -2.87 9.78
C LYS A 63 -10.91 -2.46 11.15
N GLY A 64 -10.46 -1.21 11.25
CA GLY A 64 -9.93 -0.73 12.51
C GLY A 64 -8.43 -0.94 12.62
N SER A 65 -7.81 -1.31 11.51
CA SER A 65 -6.36 -1.55 11.48
C SER A 65 -5.61 -0.28 11.07
N LEU A 66 -4.28 -0.33 11.20
CA LEU A 66 -3.45 0.81 10.86
C LEU A 66 -3.76 1.31 9.44
N ALA A 67 -3.89 0.37 8.51
CA ALA A 67 -4.18 0.70 7.13
C ALA A 67 -5.67 0.96 6.93
N ASP A 68 -6.39 1.11 8.04
CA ASP A 68 -7.83 1.36 8.00
C ASP A 68 -8.18 2.62 8.79
N VAL A 69 -7.36 2.94 9.78
CA VAL A 69 -7.59 4.12 10.60
C VAL A 69 -6.56 5.21 10.31
N VAL A 70 -5.30 4.80 10.16
CA VAL A 70 -4.22 5.73 9.87
C VAL A 70 -4.00 5.88 8.37
N GLY A 71 -4.20 4.79 7.63
CA GLY A 71 -4.02 4.81 6.19
C GLY A 71 -5.30 5.19 5.47
N HIS A 72 -6.43 4.75 6.00
CA HIS A 72 -7.72 5.04 5.38
C HIS A 72 -7.78 4.51 3.95
N LEU A 73 -7.03 3.43 3.70
CA LEU A 73 -7.00 2.81 2.38
C LEU A 73 -8.22 1.92 2.16
N ARG A 74 -8.56 1.68 0.91
CA ARG A 74 -9.71 0.84 0.56
C ARG A 74 -9.28 -0.33 -0.32
N ALA A 75 -10.21 -1.22 -0.59
CA ALA A 75 -9.93 -2.39 -1.42
C ALA A 75 -10.03 -2.04 -2.90
N GLY A 76 -8.89 -2.10 -3.60
CA GLY A 76 -8.87 -1.78 -5.01
C GLY A 76 -7.74 -0.85 -5.38
N ASP A 77 -7.22 -0.12 -4.39
CA ASP A 77 -6.12 0.82 -4.62
C ASP A 77 -4.89 0.10 -5.16
N GLU A 78 -4.23 0.72 -6.12
CA GLU A 78 -3.03 0.13 -6.73
C GLU A 78 -1.78 0.57 -5.97
N VAL A 79 -1.32 -0.29 -5.06
CA VAL A 79 -0.13 0.00 -4.28
C VAL A 79 1.08 0.21 -5.17
N LEU A 80 1.45 1.48 -5.37
CA LEU A 80 2.59 1.82 -6.21
C LEU A 80 3.89 1.31 -5.60
N GLU A 81 4.06 1.58 -4.30
CA GLU A 81 5.27 1.15 -3.60
C GLU A 81 4.92 0.62 -2.20
N TRP A 82 5.78 -0.24 -1.67
CA TRP A 82 5.56 -0.80 -0.35
C TRP A 82 6.85 -0.79 0.48
N ASN A 83 7.00 0.25 1.30
CA ASN A 83 8.19 0.39 2.13
C ASN A 83 9.41 0.80 1.30
N GLY A 84 9.15 1.55 0.23
CA GLY A 84 10.22 2.00 -0.63
C GLY A 84 10.62 0.95 -1.66
N LYS A 85 9.63 0.22 -2.15
CA LYS A 85 9.88 -0.82 -3.15
C LYS A 85 8.84 -0.74 -4.28
N PRO A 86 9.34 -0.77 -5.53
CA PRO A 86 8.47 -0.70 -6.72
C PRO A 86 7.67 -1.97 -6.91
N LEU A 87 6.42 -1.95 -6.46
CA LEU A 87 5.53 -3.11 -6.59
C LEU A 87 5.26 -3.43 -8.06
N PRO A 88 5.01 -2.38 -8.85
CA PRO A 88 4.73 -2.52 -10.28
C PRO A 88 5.97 -2.94 -11.07
N GLY A 89 5.84 -4.02 -11.84
CA GLY A 89 6.95 -4.51 -12.63
C GLY A 89 7.47 -5.85 -12.14
N ALA A 90 6.87 -6.35 -11.06
CA ALA A 90 7.27 -7.63 -10.49
C ALA A 90 6.10 -8.59 -10.39
N THR A 91 6.38 -9.86 -10.12
CA THR A 91 5.35 -10.87 -10.00
C THR A 91 4.91 -11.04 -8.55
N ASN A 92 3.82 -11.77 -8.34
CA ASN A 92 3.29 -12.01 -7.00
C ASN A 92 4.35 -12.64 -6.11
N GLU A 93 5.26 -13.39 -6.72
CA GLU A 93 6.33 -14.06 -5.99
C GLU A 93 7.33 -13.04 -5.46
N GLU A 94 7.50 -11.94 -6.19
CA GLU A 94 8.43 -10.90 -5.79
C GLU A 94 7.75 -9.87 -4.88
N VAL A 95 6.48 -9.59 -5.16
CA VAL A 95 5.72 -8.62 -4.37
C VAL A 95 5.51 -9.13 -2.95
N TYR A 96 5.28 -10.43 -2.82
CA TYR A 96 5.05 -11.04 -1.51
C TYR A 96 6.28 -10.86 -0.62
N ASN A 97 7.45 -11.16 -1.17
CA ASN A 97 8.70 -11.04 -0.43
C ASN A 97 8.90 -9.62 0.07
N ILE A 98 8.57 -8.65 -0.77
CA ILE A 98 8.71 -7.23 -0.42
C ILE A 98 7.83 -6.88 0.77
N ILE A 99 6.56 -7.25 0.69
CA ILE A 99 5.60 -6.97 1.76
C ILE A 99 5.95 -7.74 3.02
N LEU A 100 6.37 -8.99 2.84
CA LEU A 100 6.73 -9.84 3.98
C LEU A 100 7.99 -9.31 4.67
N GLU A 101 8.91 -8.78 3.87
CA GLU A 101 10.16 -8.23 4.40
C GLU A 101 9.89 -7.09 5.37
N SER A 102 8.68 -6.54 5.29
CA SER A 102 8.29 -5.43 6.16
C SER A 102 7.80 -5.94 7.51
N LYS A 103 7.84 -7.26 7.69
CA LYS A 103 7.39 -7.87 8.93
C LYS A 103 8.21 -7.36 10.12
N SER A 104 9.53 -7.45 9.99
CA SER A 104 10.43 -6.99 11.06
C SER A 104 10.77 -5.52 10.89
N GLU A 105 9.91 -4.80 10.18
CA GLU A 105 10.12 -3.37 9.94
C GLU A 105 9.27 -2.53 10.89
N PRO A 106 9.93 -1.70 11.70
CA PRO A 106 9.26 -0.83 12.67
C PRO A 106 8.50 0.31 11.99
N GLN A 107 8.72 0.47 10.69
CA GLN A 107 8.05 1.52 9.92
C GLN A 107 7.86 1.09 8.48
N VAL A 108 6.64 1.25 7.97
CA VAL A 108 6.32 0.88 6.60
C VAL A 108 5.60 2.01 5.87
N GLU A 109 6.13 2.41 4.72
CA GLU A 109 5.53 3.49 3.94
C GLU A 109 4.77 2.93 2.74
N ILE A 110 3.45 3.06 2.78
CA ILE A 110 2.61 2.57 1.70
C ILE A 110 2.21 3.69 0.76
N ILE A 111 2.48 3.51 -0.53
CA ILE A 111 2.15 4.51 -1.53
C ILE A 111 1.23 3.93 -2.61
N VAL A 112 -0.03 4.33 -2.58
CA VAL A 112 -1.00 3.85 -3.56
C VAL A 112 -1.44 4.97 -4.49
N SER A 113 -2.19 4.61 -5.53
CA SER A 113 -2.67 5.58 -6.50
C SER A 113 -4.18 5.46 -6.69
N ARG A 114 -4.90 6.55 -6.46
CA ARG A 114 -6.34 6.57 -6.60
C ARG A 114 -6.77 7.46 -7.77
N PRO A 115 -7.87 7.10 -8.42
CA PRO A 115 -8.41 7.85 -9.56
C PRO A 115 -8.98 9.20 -9.15
N SER A 116 -8.25 10.27 -9.46
CA SER A 116 -8.69 11.61 -9.12
C SER A 116 -10.09 11.88 -9.65
N GLY A 117 -11.04 12.07 -8.74
CA GLY A 117 -12.41 12.33 -9.12
C GLY A 117 -13.25 11.06 -9.19
N PRO A 118 -13.67 10.56 -8.02
CA PRO A 118 -14.49 9.35 -7.93
C PRO A 118 -15.90 9.56 -8.48
N SER A 119 -16.62 8.46 -8.67
CA SER A 119 -17.98 8.52 -9.19
C SER A 119 -18.98 8.06 -8.14
N SER A 120 -19.99 8.90 -7.89
CA SER A 120 -21.01 8.59 -6.90
C SER A 120 -22.41 8.89 -7.45
N GLY A 121 -23.37 8.03 -7.10
CA GLY A 121 -24.73 8.22 -7.56
C GLY A 121 -25.67 7.14 -7.07
N GLY A 1 14.37 13.16 5.32
CA GLY A 1 13.51 13.71 6.34
C GLY A 1 13.50 12.89 7.61
N SER A 2 13.99 13.47 8.70
CA SER A 2 14.05 12.77 9.98
C SER A 2 12.64 12.45 10.49
N SER A 3 11.81 13.47 10.60
CA SER A 3 10.44 13.29 11.07
C SER A 3 9.70 12.26 10.22
N GLY A 4 9.20 11.22 10.87
CA GLY A 4 8.47 10.17 10.15
C GLY A 4 7.13 9.87 10.79
N SER A 5 6.23 10.85 10.76
CA SER A 5 4.91 10.68 11.35
C SER A 5 4.12 9.61 10.60
N SER A 6 3.03 9.16 11.19
CA SER A 6 2.18 8.14 10.58
C SER A 6 0.79 8.69 10.27
N GLY A 7 0.52 8.88 8.98
CA GLY A 7 -0.78 9.40 8.57
C GLY A 7 -1.13 9.00 7.15
N VAL A 8 -1.77 9.91 6.42
CA VAL A 8 -2.18 9.64 5.05
C VAL A 8 -2.36 10.94 4.27
N THR A 9 -1.55 11.11 3.21
CA THR A 9 -1.63 12.30 2.39
C THR A 9 -1.95 11.96 0.94
N TRP A 10 -2.90 12.68 0.37
CA TRP A 10 -3.32 12.45 -1.01
C TRP A 10 -2.89 13.61 -1.91
N GLN A 11 -2.18 13.29 -2.99
CA GLN A 11 -1.72 14.30 -3.93
C GLN A 11 -1.77 13.79 -5.36
N PRO A 12 -1.80 14.72 -6.32
CA PRO A 12 -1.85 14.38 -7.75
C PRO A 12 -0.55 13.76 -8.24
N SER A 13 -0.66 12.81 -9.16
CA SER A 13 0.51 12.14 -9.72
C SER A 13 1.19 13.01 -10.77
N LYS A 14 2.33 12.55 -11.28
CA LYS A 14 3.07 13.29 -12.29
C LYS A 14 2.15 13.76 -13.40
N GLU A 15 1.24 12.89 -13.83
CA GLU A 15 0.29 13.23 -14.88
C GLU A 15 -0.79 14.18 -14.38
N GLY A 16 -1.11 14.07 -13.09
CA GLY A 16 -2.12 14.93 -12.51
C GLY A 16 -3.52 14.37 -12.66
N ASP A 17 -3.61 13.17 -13.23
CA ASP A 17 -4.90 12.51 -13.43
C ASP A 17 -5.16 11.49 -12.34
N ARG A 18 -4.13 11.18 -11.56
CA ARG A 18 -4.26 10.20 -10.48
C ARG A 18 -3.96 10.85 -9.13
N LEU A 19 -4.14 10.08 -8.06
CA LEU A 19 -3.89 10.57 -6.71
C LEU A 19 -3.00 9.61 -5.93
N ILE A 20 -1.73 9.96 -5.79
CA ILE A 20 -0.78 9.12 -5.07
C ILE A 20 -0.98 9.26 -3.56
N GLY A 21 -1.61 8.25 -2.96
CA GLY A 21 -1.85 8.26 -1.54
C GLY A 21 -0.66 7.75 -0.74
N ARG A 22 -0.03 8.63 0.01
CA ARG A 22 1.12 8.26 0.83
C ARG A 22 0.71 7.92 2.25
N VAL A 23 0.82 6.65 2.61
CA VAL A 23 0.46 6.18 3.94
C VAL A 23 1.65 5.55 4.65
N ILE A 24 1.71 5.73 5.97
CA ILE A 24 2.79 5.17 6.76
C ILE A 24 2.28 4.67 8.11
N LEU A 25 2.70 3.46 8.47
CA LEU A 25 2.29 2.85 9.74
C LEU A 25 3.51 2.46 10.58
N ASN A 26 3.45 2.74 11.88
CA ASN A 26 4.54 2.41 12.78
C ASN A 26 4.12 1.32 13.76
N LYS A 27 4.46 0.08 13.42
CA LYS A 27 4.13 -1.07 14.26
C LYS A 27 5.39 -1.69 14.86
N ARG A 28 5.20 -2.51 15.88
CA ARG A 28 6.33 -3.17 16.54
C ARG A 28 6.17 -4.69 16.48
N THR A 29 5.05 -5.19 17.00
CA THR A 29 4.78 -6.62 17.02
C THR A 29 4.37 -7.11 15.64
N THR A 30 4.59 -8.40 15.39
CA THR A 30 4.25 -9.00 14.10
C THR A 30 2.90 -9.70 14.17
N MET A 31 2.02 -9.38 13.23
CA MET A 31 0.69 -9.99 13.19
C MET A 31 0.77 -11.47 13.53
N PRO A 32 -0.19 -11.93 14.35
CA PRO A 32 -0.27 -13.34 14.77
C PRO A 32 -0.65 -14.27 13.63
N LYS A 33 -1.57 -13.82 12.79
CA LYS A 33 -2.03 -14.61 11.65
C LYS A 33 -0.91 -14.75 10.60
N ASP A 34 -1.17 -15.55 9.59
CA ASP A 34 -0.19 -15.77 8.52
C ASP A 34 0.13 -14.47 7.81
N SER A 35 -0.63 -13.42 8.11
CA SER A 35 -0.43 -12.12 7.49
C SER A 35 1.03 -11.68 7.62
N GLY A 36 1.59 -11.85 8.81
CA GLY A 36 2.97 -11.47 9.03
C GLY A 36 3.19 -9.97 8.94
N ALA A 37 4.04 -9.54 8.02
CA ALA A 37 4.32 -8.13 7.83
C ALA A 37 3.06 -7.35 7.49
N LEU A 38 2.14 -8.01 6.78
CA LEU A 38 0.89 -7.37 6.39
C LEU A 38 0.32 -6.54 7.53
N LEU A 39 0.01 -5.28 7.25
CA LEU A 39 -0.54 -4.39 8.25
C LEU A 39 -1.95 -4.82 8.66
N GLY A 40 -2.49 -5.78 7.92
CA GLY A 40 -3.83 -6.27 8.21
C GLY A 40 -4.69 -6.38 6.98
N LEU A 41 -4.11 -6.06 5.83
CA LEU A 41 -4.84 -6.12 4.56
C LEU A 41 -4.21 -7.13 3.62
N LYS A 42 -4.99 -7.60 2.65
CA LYS A 42 -4.50 -8.58 1.68
C LYS A 42 -4.04 -7.89 0.40
N VAL A 43 -2.79 -8.15 0.02
CA VAL A 43 -2.23 -7.54 -1.19
C VAL A 43 -1.91 -8.61 -2.23
N VAL A 44 -2.42 -8.42 -3.44
CA VAL A 44 -2.19 -9.36 -4.52
C VAL A 44 -1.26 -8.76 -5.59
N GLY A 45 -0.02 -9.21 -5.61
CA GLY A 45 0.94 -8.71 -6.58
C GLY A 45 0.86 -9.44 -7.91
N GLY A 46 1.89 -9.29 -8.73
CA GLY A 46 1.91 -9.94 -10.02
C GLY A 46 0.63 -9.72 -10.81
N LYS A 47 -0.15 -8.73 -10.39
CA LYS A 47 -1.41 -8.41 -11.06
C LYS A 47 -1.17 -7.54 -12.29
N MET A 48 -2.13 -7.54 -13.21
CA MET A 48 -2.01 -6.75 -14.43
C MET A 48 -2.67 -5.39 -14.25
N THR A 49 -2.05 -4.35 -14.80
CA THR A 49 -2.58 -3.00 -14.71
C THR A 49 -3.06 -2.50 -16.06
N ASP A 50 -3.92 -1.49 -16.04
CA ASP A 50 -4.45 -0.91 -17.27
C ASP A 50 -3.33 -0.39 -18.16
N LEU A 51 -2.22 0.00 -17.55
CA LEU A 51 -1.06 0.50 -18.28
C LEU A 51 -0.39 -0.61 -19.06
N GLY A 52 -0.56 -1.84 -18.60
CA GLY A 52 0.05 -2.97 -19.27
C GLY A 52 1.13 -3.64 -18.44
N ARG A 53 1.57 -2.94 -17.40
CA ARG A 53 2.62 -3.46 -16.52
C ARG A 53 2.00 -4.20 -15.33
N LEU A 54 2.85 -4.71 -14.45
CA LEU A 54 2.40 -5.44 -13.27
C LEU A 54 2.22 -4.49 -12.09
N GLY A 55 1.62 -5.01 -11.02
CA GLY A 55 1.41 -4.20 -9.82
C GLY A 55 0.61 -4.94 -8.76
N ALA A 56 0.48 -4.33 -7.59
CA ALA A 56 -0.26 -4.93 -6.49
C ALA A 56 -1.48 -4.09 -6.13
N PHE A 57 -2.50 -4.74 -5.58
CA PHE A 57 -3.72 -4.05 -5.18
C PHE A 57 -4.30 -4.65 -3.90
N ILE A 58 -5.00 -3.82 -3.14
CA ILE A 58 -5.61 -4.27 -1.89
C ILE A 58 -6.99 -4.86 -2.12
N THR A 59 -7.13 -6.15 -1.83
CA THR A 59 -8.41 -6.83 -2.01
C THR A 59 -9.26 -6.74 -0.75
N LYS A 60 -8.60 -6.69 0.40
CA LYS A 60 -9.30 -6.59 1.68
C LYS A 60 -8.54 -5.70 2.66
N VAL A 61 -9.27 -5.06 3.55
CA VAL A 61 -8.66 -4.18 4.55
C VAL A 61 -9.37 -4.30 5.90
N LYS A 62 -8.65 -4.85 6.88
CA LYS A 62 -9.21 -5.02 8.22
C LYS A 62 -9.82 -3.73 8.72
N LYS A 63 -10.97 -3.84 9.38
CA LYS A 63 -11.67 -2.67 9.92
C LYS A 63 -11.02 -2.22 11.22
N GLY A 64 -10.59 -0.96 11.26
CA GLY A 64 -9.96 -0.42 12.45
C GLY A 64 -8.45 -0.61 12.45
N SER A 65 -7.94 -1.26 11.41
CA SER A 65 -6.51 -1.51 11.30
C SER A 65 -5.75 -0.22 10.97
N LEU A 66 -4.42 -0.30 11.03
CA LEU A 66 -3.58 0.86 10.74
C LEU A 66 -3.90 1.42 9.35
N ALA A 67 -4.14 0.53 8.39
CA ALA A 67 -4.45 0.94 7.03
C ALA A 67 -5.93 1.23 6.87
N ASP A 68 -6.64 1.32 8.00
CA ASP A 68 -8.07 1.60 7.99
C ASP A 68 -8.39 2.81 8.85
N VAL A 69 -7.52 3.11 9.79
CA VAL A 69 -7.72 4.25 10.69
C VAL A 69 -6.64 5.31 10.47
N VAL A 70 -5.46 4.86 10.07
CA VAL A 70 -4.34 5.77 9.82
C VAL A 70 -4.06 5.90 8.33
N GLY A 71 -4.42 4.87 7.57
CA GLY A 71 -4.20 4.90 6.13
C GLY A 71 -5.46 5.22 5.36
N HIS A 72 -6.61 4.93 5.97
CA HIS A 72 -7.89 5.19 5.32
C HIS A 72 -7.92 4.61 3.90
N LEU A 73 -7.25 3.48 3.72
CA LEU A 73 -7.20 2.83 2.41
C LEU A 73 -8.44 1.97 2.17
N ARG A 74 -8.70 1.65 0.91
CA ARG A 74 -9.85 0.83 0.55
C ARG A 74 -9.44 -0.32 -0.36
N ALA A 75 -10.35 -1.27 -0.55
CA ALA A 75 -10.08 -2.42 -1.40
C ALA A 75 -10.11 -2.04 -2.87
N GLY A 76 -8.94 -2.05 -3.52
CA GLY A 76 -8.86 -1.70 -4.92
C GLY A 76 -7.72 -0.74 -5.21
N ASP A 77 -7.12 -0.20 -4.15
CA ASP A 77 -6.02 0.75 -4.30
C ASP A 77 -4.80 0.06 -4.92
N GLU A 78 -4.13 0.78 -5.82
CA GLU A 78 -2.95 0.24 -6.48
C GLU A 78 -1.69 0.56 -5.70
N VAL A 79 -1.25 -0.39 -4.87
CA VAL A 79 -0.05 -0.21 -4.06
C VAL A 79 1.17 0.01 -4.94
N LEU A 80 1.41 1.27 -5.31
CA LEU A 80 2.55 1.62 -6.15
C LEU A 80 3.86 1.15 -5.52
N GLU A 81 4.16 1.68 -4.34
CA GLU A 81 5.39 1.32 -3.63
C GLU A 81 5.07 0.81 -2.23
N TRP A 82 5.84 -0.16 -1.76
CA TRP A 82 5.64 -0.73 -0.43
C TRP A 82 6.94 -0.70 0.37
N ASN A 83 7.11 0.33 1.18
CA ASN A 83 8.31 0.47 2.00
C ASN A 83 9.51 0.86 1.15
N GLY A 84 9.27 1.67 0.13
CA GLY A 84 10.35 2.10 -0.75
C GLY A 84 10.73 1.04 -1.77
N LYS A 85 9.73 0.31 -2.26
CA LYS A 85 9.97 -0.74 -3.24
C LYS A 85 8.91 -0.70 -4.35
N PRO A 86 9.37 -0.71 -5.61
CA PRO A 86 8.49 -0.69 -6.77
C PRO A 86 7.71 -1.99 -6.94
N LEU A 87 6.46 -1.99 -6.48
CA LEU A 87 5.61 -3.16 -6.58
C LEU A 87 5.35 -3.52 -8.04
N PRO A 88 5.05 -2.50 -8.85
CA PRO A 88 4.78 -2.69 -10.29
C PRO A 88 6.02 -3.09 -11.07
N GLY A 89 5.89 -4.14 -11.87
CA GLY A 89 7.02 -4.60 -12.66
C GLY A 89 7.55 -5.94 -12.19
N ALA A 90 6.92 -6.50 -11.16
CA ALA A 90 7.33 -7.78 -10.60
C ALA A 90 6.16 -8.75 -10.55
N THR A 91 6.46 -10.00 -10.18
CA THR A 91 5.43 -11.03 -10.10
C THR A 91 4.91 -11.17 -8.68
N ASN A 92 3.80 -11.88 -8.52
CA ASN A 92 3.19 -12.09 -7.21
C ASN A 92 4.21 -12.71 -6.24
N GLU A 93 5.13 -13.49 -6.79
CA GLU A 93 6.15 -14.13 -5.98
C GLU A 93 7.21 -13.14 -5.53
N GLU A 94 7.41 -12.09 -6.33
CA GLU A 94 8.38 -11.06 -6.01
C GLU A 94 7.79 -10.00 -5.09
N VAL A 95 6.51 -9.71 -5.30
CA VAL A 95 5.82 -8.71 -4.49
C VAL A 95 5.68 -9.18 -3.04
N TYR A 96 5.43 -10.46 -2.86
CA TYR A 96 5.28 -11.04 -1.53
C TYR A 96 6.54 -10.82 -0.69
N ASN A 97 7.69 -11.12 -1.28
CA ASN A 97 8.97 -10.95 -0.59
C ASN A 97 9.17 -9.50 -0.16
N ILE A 98 8.73 -8.58 -1.00
CA ILE A 98 8.86 -7.15 -0.70
C ILE A 98 8.00 -6.76 0.50
N ILE A 99 6.73 -7.17 0.47
CA ILE A 99 5.80 -6.86 1.55
C ILE A 99 6.18 -7.62 2.82
N LEU A 100 6.82 -8.77 2.65
CA LEU A 100 7.23 -9.59 3.79
C LEU A 100 8.49 -9.01 4.44
N GLU A 101 9.36 -8.42 3.64
CA GLU A 101 10.60 -7.83 4.14
C GLU A 101 10.30 -6.79 5.20
N SER A 102 9.11 -6.20 5.14
CA SER A 102 8.71 -5.18 6.11
C SER A 102 8.19 -5.82 7.38
N LYS A 103 8.28 -7.15 7.46
CA LYS A 103 7.82 -7.88 8.64
C LYS A 103 8.54 -7.40 9.89
N SER A 104 9.86 -7.34 9.83
CA SER A 104 10.65 -6.89 10.98
C SER A 104 10.94 -5.40 10.89
N GLU A 105 10.10 -4.68 10.15
CA GLU A 105 10.27 -3.25 9.98
C GLU A 105 9.31 -2.48 10.89
N PRO A 106 9.87 -1.63 11.76
CA PRO A 106 9.08 -0.82 12.70
C PRO A 106 8.30 0.28 12.00
N GLN A 107 8.61 0.49 10.72
CA GLN A 107 7.93 1.52 9.94
C GLN A 107 7.78 1.08 8.48
N VAL A 108 6.57 1.24 7.95
CA VAL A 108 6.29 0.85 6.57
C VAL A 108 5.54 1.96 5.83
N GLU A 109 6.07 2.37 4.70
CA GLU A 109 5.45 3.43 3.90
C GLU A 109 4.72 2.83 2.70
N ILE A 110 3.38 2.86 2.74
CA ILE A 110 2.57 2.33 1.67
C ILE A 110 2.09 3.44 0.74
N ILE A 111 2.50 3.38 -0.52
CA ILE A 111 2.10 4.39 -1.50
C ILE A 111 1.21 3.78 -2.58
N VAL A 112 -0.09 4.12 -2.53
CA VAL A 112 -1.05 3.61 -3.50
C VAL A 112 -1.41 4.68 -4.52
N SER A 113 -2.31 4.33 -5.44
CA SER A 113 -2.75 5.26 -6.47
C SER A 113 -4.27 5.22 -6.63
N ARG A 114 -4.91 6.37 -6.42
CA ARG A 114 -6.35 6.46 -6.53
C ARG A 114 -6.74 7.40 -7.68
N PRO A 115 -7.88 7.09 -8.33
CA PRO A 115 -8.39 7.89 -9.45
C PRO A 115 -8.89 9.26 -9.00
N SER A 116 -8.13 10.30 -9.33
CA SER A 116 -8.50 11.65 -8.96
C SER A 116 -9.94 11.96 -9.37
N GLY A 117 -10.77 12.30 -8.38
CA GLY A 117 -12.16 12.60 -8.65
C GLY A 117 -13.09 11.98 -7.64
N PRO A 118 -13.16 12.57 -6.45
CA PRO A 118 -14.01 12.07 -5.36
C PRO A 118 -15.50 12.30 -5.65
N SER A 119 -16.08 11.42 -6.47
CA SER A 119 -17.49 11.53 -6.82
C SER A 119 -18.31 12.01 -5.64
N SER A 120 -18.38 11.19 -4.59
CA SER A 120 -19.14 11.53 -3.40
C SER A 120 -18.93 12.99 -3.02
N GLY A 121 -19.94 13.57 -2.37
CA GLY A 121 -19.85 14.96 -1.97
C GLY A 121 -19.73 15.12 -0.47
N GLY A 1 15.09 15.83 17.73
CA GLY A 1 13.83 15.44 18.35
C GLY A 1 12.99 14.58 17.42
N SER A 2 11.70 14.49 17.72
CA SER A 2 10.79 13.68 16.92
C SER A 2 10.65 14.25 15.51
N SER A 3 10.59 13.37 14.52
CA SER A 3 10.47 13.78 13.14
C SER A 3 9.97 12.63 12.27
N GLY A 4 8.97 12.91 11.44
CA GLY A 4 8.42 11.89 10.57
C GLY A 4 7.10 11.34 11.08
N SER A 5 6.03 12.08 10.85
CA SER A 5 4.70 11.67 11.28
C SER A 5 4.19 10.51 10.45
N SER A 6 3.35 9.67 11.05
CA SER A 6 2.79 8.51 10.37
C SER A 6 1.30 8.70 10.11
N GLY A 7 0.97 9.43 9.06
CA GLY A 7 -0.42 9.68 8.72
C GLY A 7 -0.74 9.29 7.29
N VAL A 8 -1.53 10.13 6.62
CA VAL A 8 -1.93 9.87 5.25
C VAL A 8 -2.06 11.16 4.46
N THR A 9 -1.37 11.24 3.33
CA THR A 9 -1.42 12.42 2.49
C THR A 9 -1.83 12.07 1.06
N TRP A 10 -2.72 12.88 0.50
CA TRP A 10 -3.20 12.65 -0.87
C TRP A 10 -2.78 13.79 -1.78
N GLN A 11 -2.06 13.46 -2.85
CA GLN A 11 -1.60 14.45 -3.81
C GLN A 11 -1.74 13.93 -5.24
N PRO A 12 -1.78 14.87 -6.20
CA PRO A 12 -1.91 14.54 -7.62
C PRO A 12 -0.65 13.88 -8.18
N SER A 13 -0.85 12.88 -9.04
CA SER A 13 0.27 12.17 -9.65
C SER A 13 0.98 13.04 -10.68
N LYS A 14 2.06 12.52 -11.23
CA LYS A 14 2.84 13.25 -12.24
C LYS A 14 1.92 13.87 -13.28
N GLU A 15 0.92 13.11 -13.72
CA GLU A 15 -0.02 13.59 -14.72
C GLU A 15 -1.06 14.51 -14.09
N GLY A 16 -1.46 14.19 -12.86
CA GLY A 16 -2.43 15.00 -12.16
C GLY A 16 -3.83 14.41 -12.23
N ASP A 17 -4.00 13.42 -13.10
CA ASP A 17 -5.30 12.77 -13.27
C ASP A 17 -5.53 11.75 -12.16
N ARG A 18 -4.47 11.40 -11.44
CA ARG A 18 -4.56 10.43 -10.35
C ARG A 18 -4.16 11.07 -9.02
N LEU A 19 -4.36 10.33 -7.93
CA LEU A 19 -4.02 10.82 -6.61
C LEU A 19 -3.14 9.83 -5.86
N ILE A 20 -1.85 10.14 -5.78
CA ILE A 20 -0.89 9.28 -5.09
C ILE A 20 -1.01 9.43 -3.58
N GLY A 21 -1.65 8.46 -2.94
CA GLY A 21 -1.81 8.51 -1.50
C GLY A 21 -0.60 7.96 -0.75
N ARG A 22 0.07 8.82 0.01
CA ARG A 22 1.25 8.41 0.76
C ARG A 22 0.88 8.06 2.20
N VAL A 23 0.88 6.77 2.50
CA VAL A 23 0.55 6.30 3.84
C VAL A 23 1.77 5.71 4.54
N ILE A 24 1.85 5.93 5.85
CA ILE A 24 2.97 5.41 6.64
C ILE A 24 2.51 4.95 8.00
N LEU A 25 2.94 3.75 8.39
CA LEU A 25 2.58 3.18 9.69
C LEU A 25 3.81 2.91 10.53
N ASN A 26 3.66 3.04 11.85
CA ASN A 26 4.77 2.79 12.77
C ASN A 26 4.38 1.80 13.85
N LYS A 27 4.60 0.53 13.60
CA LYS A 27 4.28 -0.53 14.55
C LYS A 27 5.53 -1.24 15.03
N ARG A 28 5.42 -1.92 16.17
CA ARG A 28 6.56 -2.65 16.74
C ARG A 28 6.55 -4.10 16.26
N THR A 29 5.65 -4.90 16.84
CA THR A 29 5.56 -6.31 16.48
C THR A 29 5.02 -6.49 15.06
N THR A 30 5.39 -7.58 14.43
CA THR A 30 4.96 -7.86 13.06
C THR A 30 3.55 -7.34 12.82
N MET A 31 2.55 -8.02 13.37
CA MET A 31 1.17 -7.62 13.22
C MET A 31 0.34 -8.01 14.45
N PRO A 32 -0.80 -7.34 14.63
CA PRO A 32 -1.70 -7.60 15.77
C PRO A 32 -2.40 -8.95 15.64
N LYS A 33 -2.72 -9.34 14.42
CA LYS A 33 -3.40 -10.60 14.17
C LYS A 33 -2.67 -11.39 13.08
N ASP A 34 -2.86 -12.72 13.09
CA ASP A 34 -2.23 -13.59 12.11
C ASP A 34 -2.32 -12.98 10.71
N SER A 35 -1.31 -12.18 10.35
CA SER A 35 -1.28 -11.54 9.05
C SER A 35 0.09 -11.71 8.39
N GLY A 36 1.07 -10.96 8.89
CA GLY A 36 2.42 -11.04 8.34
C GLY A 36 2.78 -9.81 7.53
N ALA A 37 3.09 -8.71 8.23
CA ALA A 37 3.46 -7.47 7.56
C ALA A 37 2.46 -7.12 6.46
N LEU A 38 1.18 -7.20 6.77
CA LEU A 38 0.13 -6.89 5.81
C LEU A 38 -0.63 -5.62 6.20
N LEU A 39 -0.04 -4.86 7.11
CA LEU A 39 -0.65 -3.62 7.58
C LEU A 39 -2.16 -3.78 7.71
N GLY A 40 -2.61 -5.02 7.93
CA GLY A 40 -4.02 -5.28 8.07
C GLY A 40 -4.77 -5.14 6.77
N LEU A 41 -4.27 -5.80 5.73
CA LEU A 41 -4.90 -5.76 4.41
C LEU A 41 -4.26 -6.76 3.47
N LYS A 42 -5.06 -7.34 2.58
CA LYS A 42 -4.56 -8.31 1.61
C LYS A 42 -4.14 -7.63 0.32
N VAL A 43 -2.93 -7.93 -0.13
CA VAL A 43 -2.40 -7.35 -1.36
C VAL A 43 -2.07 -8.43 -2.38
N VAL A 44 -2.59 -8.26 -3.60
CA VAL A 44 -2.35 -9.22 -4.66
C VAL A 44 -1.38 -8.66 -5.70
N GLY A 45 -0.15 -9.17 -5.68
CA GLY A 45 0.86 -8.71 -6.62
C GLY A 45 0.81 -9.46 -7.93
N GLY A 46 1.86 -9.32 -8.72
CA GLY A 46 1.91 -10.01 -10.01
C GLY A 46 0.66 -9.79 -10.83
N LYS A 47 -0.11 -8.77 -10.48
CA LYS A 47 -1.34 -8.46 -11.19
C LYS A 47 -1.06 -7.60 -12.43
N MET A 48 -1.98 -7.62 -13.38
CA MET A 48 -1.83 -6.84 -14.61
C MET A 48 -2.50 -5.47 -14.46
N THR A 49 -1.89 -4.46 -15.07
CA THR A 49 -2.42 -3.11 -15.01
C THR A 49 -2.80 -2.60 -16.40
N ASP A 50 -3.74 -1.67 -16.46
CA ASP A 50 -4.19 -1.12 -17.73
C ASP A 50 -3.01 -0.58 -18.53
N LEU A 51 -1.96 -0.19 -17.83
CA LEU A 51 -0.76 0.35 -18.48
C LEU A 51 -0.03 -0.74 -19.26
N GLY A 52 -0.18 -1.99 -18.80
CA GLY A 52 0.47 -3.11 -19.47
C GLY A 52 1.50 -3.78 -18.59
N ARG A 53 1.91 -3.10 -17.52
CA ARG A 53 2.90 -3.64 -16.61
C ARG A 53 2.23 -4.37 -15.44
N LEU A 54 3.04 -4.84 -14.51
CA LEU A 54 2.53 -5.55 -13.34
C LEU A 54 2.30 -4.59 -12.18
N GLY A 55 1.60 -5.07 -11.16
CA GLY A 55 1.33 -4.24 -9.99
C GLY A 55 0.57 -5.00 -8.91
N ALA A 56 0.31 -4.31 -7.79
CA ALA A 56 -0.41 -4.92 -6.68
C ALA A 56 -1.64 -4.11 -6.31
N PHE A 57 -2.66 -4.78 -5.79
CA PHE A 57 -3.89 -4.12 -5.40
C PHE A 57 -4.45 -4.73 -4.12
N ILE A 58 -5.18 -3.92 -3.35
CA ILE A 58 -5.78 -4.40 -2.11
C ILE A 58 -7.16 -4.98 -2.35
N THR A 59 -7.32 -6.26 -2.01
CA THR A 59 -8.60 -6.94 -2.19
C THR A 59 -9.44 -6.88 -0.92
N LYS A 60 -8.77 -6.72 0.22
CA LYS A 60 -9.46 -6.65 1.50
C LYS A 60 -8.63 -5.88 2.52
N VAL A 61 -9.30 -5.13 3.40
CA VAL A 61 -8.62 -4.35 4.42
C VAL A 61 -9.31 -4.51 5.77
N LYS A 62 -8.59 -5.07 6.74
CA LYS A 62 -9.13 -5.28 8.08
C LYS A 62 -9.53 -3.94 8.71
N LYS A 63 -10.81 -3.82 9.05
CA LYS A 63 -11.32 -2.61 9.66
C LYS A 63 -10.67 -2.37 11.03
N GLY A 64 -10.16 -1.17 11.24
CA GLY A 64 -9.53 -0.85 12.51
C GLY A 64 -8.01 -1.01 12.46
N SER A 65 -7.52 -1.59 11.38
CA SER A 65 -6.08 -1.81 11.23
C SER A 65 -5.37 -0.50 10.91
N LEU A 66 -4.04 -0.54 10.95
CA LEU A 66 -3.23 0.65 10.67
C LEU A 66 -3.56 1.21 9.29
N ALA A 67 -3.75 0.33 8.32
CA ALA A 67 -4.08 0.74 6.96
C ALA A 67 -5.57 1.02 6.81
N ASP A 68 -6.27 1.08 7.94
CA ASP A 68 -7.70 1.35 7.93
C ASP A 68 -8.02 2.57 8.80
N VAL A 69 -7.17 2.83 9.78
CA VAL A 69 -7.37 3.95 10.69
C VAL A 69 -6.37 5.07 10.40
N VAL A 70 -5.13 4.68 10.13
CA VAL A 70 -4.07 5.64 9.84
C VAL A 70 -3.92 5.85 8.34
N GLY A 71 -4.07 4.77 7.57
CA GLY A 71 -3.95 4.86 6.13
C GLY A 71 -5.26 5.22 5.46
N HIS A 72 -6.36 4.69 5.99
CA HIS A 72 -7.68 4.95 5.44
C HIS A 72 -7.78 4.44 4.00
N LEU A 73 -7.09 3.33 3.73
CA LEU A 73 -7.09 2.75 2.39
C LEU A 73 -8.34 1.87 2.19
N ARG A 74 -8.68 1.63 0.94
CA ARG A 74 -9.84 0.82 0.61
C ARG A 74 -9.47 -0.29 -0.38
N ALA A 75 -10.34 -1.29 -0.50
CA ALA A 75 -10.10 -2.40 -1.41
C ALA A 75 -10.12 -1.94 -2.86
N GLY A 76 -8.97 -2.04 -3.52
CA GLY A 76 -8.87 -1.63 -4.91
C GLY A 76 -7.67 -0.72 -5.16
N ASP A 77 -7.22 -0.03 -4.11
CA ASP A 77 -6.07 0.87 -4.23
C ASP A 77 -4.88 0.15 -4.86
N GLU A 78 -4.26 0.80 -5.84
CA GLU A 78 -3.11 0.24 -6.52
C GLU A 78 -1.81 0.56 -5.78
N VAL A 79 -1.34 -0.40 -4.98
CA VAL A 79 -0.11 -0.21 -4.21
C VAL A 79 1.08 0.00 -5.13
N LEU A 80 1.44 1.25 -5.34
CA LEU A 80 2.57 1.60 -6.21
C LEU A 80 3.89 1.18 -5.56
N GLU A 81 4.11 1.61 -4.33
CA GLU A 81 5.33 1.28 -3.60
C GLU A 81 5.00 0.79 -2.20
N TRP A 82 5.75 -0.22 -1.75
CA TRP A 82 5.55 -0.78 -0.42
C TRP A 82 6.82 -0.72 0.40
N ASN A 83 6.98 0.37 1.17
CA ASN A 83 8.16 0.56 1.99
C ASN A 83 9.37 0.94 1.15
N GLY A 84 9.13 1.72 0.10
CA GLY A 84 10.21 2.14 -0.76
C GLY A 84 10.60 1.07 -1.77
N LYS A 85 9.63 0.27 -2.18
CA LYS A 85 9.88 -0.80 -3.14
C LYS A 85 8.86 -0.78 -4.27
N PRO A 86 9.34 -0.80 -5.52
CA PRO A 86 8.48 -0.79 -6.70
C PRO A 86 7.70 -2.10 -6.87
N LEU A 87 6.46 -2.10 -6.43
CA LEU A 87 5.61 -3.28 -6.53
C LEU A 87 5.36 -3.64 -7.99
N PRO A 88 5.08 -2.63 -8.82
CA PRO A 88 4.82 -2.81 -10.25
C PRO A 88 6.07 -3.21 -11.02
N GLY A 89 5.97 -4.32 -11.76
CA GLY A 89 7.10 -4.80 -12.53
C GLY A 89 7.58 -6.16 -12.08
N ALA A 90 6.97 -6.68 -11.01
CA ALA A 90 7.34 -7.98 -10.48
C ALA A 90 6.12 -8.89 -10.35
N THR A 91 6.36 -10.17 -10.09
CA THR A 91 5.28 -11.13 -9.93
C THR A 91 4.83 -11.24 -8.48
N ASN A 92 3.71 -11.92 -8.26
CA ASN A 92 3.17 -12.10 -6.92
C ASN A 92 4.19 -12.79 -6.02
N GLU A 93 5.09 -13.55 -6.63
CA GLU A 93 6.12 -14.27 -5.88
C GLU A 93 7.19 -13.31 -5.37
N GLU A 94 7.42 -12.24 -6.12
CA GLU A 94 8.43 -11.24 -5.74
C GLU A 94 7.80 -10.12 -4.92
N VAL A 95 6.51 -9.88 -5.14
CA VAL A 95 5.79 -8.84 -4.41
C VAL A 95 5.54 -9.25 -2.96
N TYR A 96 5.34 -10.54 -2.75
CA TYR A 96 5.09 -11.07 -1.41
C TYR A 96 6.31 -10.86 -0.51
N ASN A 97 7.49 -11.18 -1.03
CA ASN A 97 8.73 -11.03 -0.29
C ASN A 97 8.95 -9.57 0.11
N ILE A 98 8.59 -8.66 -0.78
CA ILE A 98 8.75 -7.23 -0.53
C ILE A 98 7.83 -6.77 0.61
N ILE A 99 6.59 -7.24 0.58
CA ILE A 99 5.62 -6.88 1.60
C ILE A 99 5.92 -7.58 2.93
N LEU A 100 6.40 -8.81 2.83
CA LEU A 100 6.74 -9.60 4.02
C LEU A 100 7.96 -9.01 4.73
N GLU A 101 8.92 -8.53 3.94
CA GLU A 101 10.14 -7.95 4.48
C GLU A 101 9.81 -6.79 5.42
N SER A 102 8.60 -6.26 5.30
CA SER A 102 8.17 -5.14 6.12
C SER A 102 7.61 -5.63 7.45
N LYS A 103 7.85 -6.91 7.75
CA LYS A 103 7.37 -7.51 8.98
C LYS A 103 8.16 -6.98 10.19
N SER A 104 9.49 -7.07 10.10
CA SER A 104 10.35 -6.61 11.18
C SER A 104 10.48 -5.09 11.15
N GLU A 105 10.30 -4.51 9.97
CA GLU A 105 10.41 -3.06 9.80
C GLU A 105 9.41 -2.34 10.72
N PRO A 106 9.95 -1.55 11.67
CA PRO A 106 9.14 -0.79 12.62
C PRO A 106 8.38 0.35 11.96
N GLN A 107 8.68 0.59 10.68
CA GLN A 107 8.02 1.65 9.93
C GLN A 107 7.94 1.31 8.45
N VAL A 108 6.74 1.39 7.89
CA VAL A 108 6.54 1.09 6.48
C VAL A 108 5.73 2.19 5.79
N GLU A 109 6.14 2.54 4.58
CA GLU A 109 5.46 3.57 3.81
C GLU A 109 4.74 2.98 2.60
N ILE A 110 3.42 3.00 2.65
CA ILE A 110 2.61 2.46 1.56
C ILE A 110 2.13 3.57 0.64
N ILE A 111 2.48 3.48 -0.63
CA ILE A 111 2.08 4.47 -1.62
C ILE A 111 1.20 3.85 -2.71
N VAL A 112 -0.09 4.19 -2.66
CA VAL A 112 -1.03 3.68 -3.65
C VAL A 112 -1.44 4.75 -4.64
N SER A 113 -2.37 4.40 -5.53
CA SER A 113 -2.86 5.35 -6.54
C SER A 113 -4.37 5.32 -6.64
N ARG A 114 -5.00 6.44 -6.32
CA ARG A 114 -6.46 6.55 -6.37
C ARG A 114 -6.89 7.49 -7.49
N PRO A 115 -8.05 7.18 -8.11
CA PRO A 115 -8.60 7.99 -9.20
C PRO A 115 -9.11 9.34 -8.71
N SER A 116 -8.31 10.38 -8.92
CA SER A 116 -8.68 11.73 -8.50
C SER A 116 -10.17 11.98 -8.72
N GLY A 117 -10.90 12.16 -7.63
CA GLY A 117 -12.33 12.41 -7.73
C GLY A 117 -13.16 11.15 -7.48
N PRO A 118 -13.20 10.70 -6.21
CA PRO A 118 -13.95 9.51 -5.83
C PRO A 118 -15.45 9.72 -5.91
N SER A 119 -16.02 9.45 -7.09
CA SER A 119 -17.45 9.61 -7.30
C SER A 119 -18.18 8.28 -7.12
N SER A 120 -19.50 8.35 -6.98
CA SER A 120 -20.30 7.15 -6.80
C SER A 120 -21.06 6.81 -8.09
N GLY A 121 -21.73 7.81 -8.67
CA GLY A 121 -22.48 7.60 -9.89
C GLY A 121 -22.21 8.67 -10.92
N GLY A 1 15.90 14.51 4.11
CA GLY A 1 15.89 13.43 5.08
C GLY A 1 14.55 12.74 5.17
N SER A 2 14.09 12.51 6.40
CA SER A 2 12.81 11.85 6.62
C SER A 2 12.16 12.34 7.90
N SER A 3 10.84 12.41 7.91
CA SER A 3 10.09 12.86 9.07
C SER A 3 9.34 11.71 9.72
N GLY A 4 9.48 11.58 11.04
CA GLY A 4 8.82 10.52 11.77
C GLY A 4 7.37 10.86 12.08
N SER A 5 6.46 10.38 11.23
CA SER A 5 5.03 10.64 11.43
C SER A 5 4.19 9.67 10.61
N SER A 6 3.19 9.07 11.25
CA SER A 6 2.31 8.12 10.58
C SER A 6 0.96 8.75 10.29
N GLY A 7 0.67 8.93 9.00
CA GLY A 7 -0.60 9.52 8.61
C GLY A 7 -0.99 9.14 7.19
N VAL A 8 -1.65 10.06 6.50
CA VAL A 8 -2.10 9.81 5.12
C VAL A 8 -2.29 11.13 4.37
N THR A 9 -1.56 11.28 3.27
CA THR A 9 -1.65 12.48 2.46
C THR A 9 -1.94 12.14 1.00
N TRP A 10 -2.94 12.82 0.43
CA TRP A 10 -3.32 12.59 -0.95
C TRP A 10 -2.93 13.77 -1.83
N GLN A 11 -2.21 13.48 -2.92
CA GLN A 11 -1.77 14.52 -3.83
C GLN A 11 -1.84 14.03 -5.28
N PRO A 12 -1.89 14.98 -6.22
CA PRO A 12 -1.96 14.67 -7.66
C PRO A 12 -0.66 14.08 -8.18
N SER A 13 -0.77 13.09 -9.06
CA SER A 13 0.40 12.43 -9.64
C SER A 13 1.04 13.31 -10.70
N LYS A 14 2.14 12.84 -11.27
CA LYS A 14 2.85 13.59 -12.30
C LYS A 14 1.89 14.11 -13.35
N GLU A 15 0.90 13.29 -13.71
CA GLU A 15 -0.09 13.70 -14.71
C GLU A 15 -1.20 14.51 -14.07
N GLY A 16 -1.52 14.19 -12.82
CA GLY A 16 -2.58 14.90 -12.11
C GLY A 16 -3.90 14.17 -12.16
N ASP A 17 -4.16 13.47 -13.25
CA ASP A 17 -5.39 12.71 -13.41
C ASP A 17 -5.51 11.63 -12.34
N ARG A 18 -4.42 11.38 -11.63
CA ARG A 18 -4.40 10.37 -10.59
C ARG A 18 -4.14 11.00 -9.22
N LEU A 19 -4.17 10.18 -8.18
CA LEU A 19 -3.94 10.64 -6.82
C LEU A 19 -3.01 9.70 -6.07
N ILE A 20 -1.79 10.16 -5.81
CA ILE A 20 -0.81 9.36 -5.09
C ILE A 20 -0.95 9.54 -3.58
N GLY A 21 -1.62 8.59 -2.94
CA GLY A 21 -1.82 8.65 -1.51
C GLY A 21 -0.66 8.05 -0.74
N ARG A 22 -0.01 8.88 0.09
CA ARG A 22 1.13 8.42 0.89
C ARG A 22 0.68 8.02 2.28
N VAL A 23 0.93 6.77 2.65
CA VAL A 23 0.56 6.27 3.97
C VAL A 23 1.74 5.61 4.66
N ILE A 24 1.79 5.73 5.99
CA ILE A 24 2.87 5.15 6.77
C ILE A 24 2.35 4.59 8.09
N LEU A 25 2.77 3.37 8.42
CA LEU A 25 2.35 2.73 9.65
C LEU A 25 3.56 2.27 10.47
N ASN A 26 3.60 2.69 11.73
CA ASN A 26 4.71 2.33 12.61
C ASN A 26 4.23 1.39 13.72
N LYS A 27 4.54 0.11 13.58
CA LYS A 27 4.13 -0.89 14.57
C LYS A 27 5.36 -1.53 15.21
N ARG A 28 5.12 -2.40 16.20
CA ARG A 28 6.21 -3.09 16.88
C ARG A 28 5.96 -4.59 16.92
N THR A 29 4.71 -4.98 17.21
CA THR A 29 4.36 -6.39 17.28
C THR A 29 3.79 -6.87 15.95
N THR A 30 4.47 -7.82 15.32
CA THR A 30 4.03 -8.37 14.05
C THR A 30 2.71 -9.12 14.20
N MET A 31 1.74 -8.76 13.36
CA MET A 31 0.43 -9.41 13.39
C MET A 31 0.55 -10.88 13.78
N PRO A 32 -0.30 -11.32 14.71
CA PRO A 32 -0.30 -12.71 15.19
C PRO A 32 -0.80 -13.69 14.13
N LYS A 33 -1.96 -13.38 13.55
CA LYS A 33 -2.55 -14.22 12.53
C LYS A 33 -1.71 -14.20 11.25
N ASP A 34 -1.79 -15.27 10.48
CA ASP A 34 -1.04 -15.37 9.23
C ASP A 34 -1.35 -14.20 8.32
N SER A 35 -0.56 -13.15 8.42
CA SER A 35 -0.75 -11.95 7.61
C SER A 35 0.43 -11.75 6.65
N GLY A 36 1.63 -11.68 7.22
CA GLY A 36 2.81 -11.50 6.40
C GLY A 36 3.28 -10.06 6.39
N ALA A 37 3.29 -9.43 7.56
CA ALA A 37 3.72 -8.03 7.66
C ALA A 37 2.68 -7.09 7.07
N LEU A 38 1.42 -7.52 7.09
CA LEU A 38 0.33 -6.70 6.55
C LEU A 38 -0.21 -5.75 7.60
N LEU A 39 -0.50 -4.52 7.19
CA LEU A 39 -1.03 -3.52 8.10
C LEU A 39 -2.55 -3.64 8.23
N GLY A 40 -3.05 -4.86 8.06
CA GLY A 40 -4.48 -5.10 8.16
C GLY A 40 -5.17 -5.07 6.81
N LEU A 41 -4.57 -5.75 5.83
CA LEU A 41 -5.13 -5.81 4.49
C LEU A 41 -4.36 -6.80 3.62
N LYS A 42 -5.07 -7.42 2.68
CA LYS A 42 -4.46 -8.39 1.79
C LYS A 42 -4.06 -7.74 0.47
N VAL A 43 -2.86 -8.08 -0.02
CA VAL A 43 -2.36 -7.51 -1.27
C VAL A 43 -2.15 -8.61 -2.31
N VAL A 44 -2.51 -8.31 -3.55
CA VAL A 44 -2.36 -9.26 -4.64
C VAL A 44 -1.44 -8.72 -5.73
N GLY A 45 -0.17 -9.11 -5.67
CA GLY A 45 0.79 -8.65 -6.66
C GLY A 45 0.74 -9.45 -7.94
N GLY A 46 1.76 -9.30 -8.77
CA GLY A 46 1.81 -10.03 -10.03
C GLY A 46 0.58 -9.80 -10.88
N LYS A 47 -0.22 -8.82 -10.50
CA LYS A 47 -1.44 -8.49 -11.24
C LYS A 47 -1.11 -7.63 -12.46
N MET A 48 -2.09 -7.51 -13.36
CA MET A 48 -1.91 -6.71 -14.57
C MET A 48 -2.50 -5.32 -14.39
N THR A 49 -1.84 -4.32 -14.98
CA THR A 49 -2.31 -2.93 -14.88
C THR A 49 -2.74 -2.41 -16.24
N ASP A 50 -3.62 -1.41 -16.23
CA ASP A 50 -4.11 -0.82 -17.47
C ASP A 50 -2.96 -0.25 -18.29
N LEU A 51 -1.84 0.02 -17.62
CA LEU A 51 -0.66 0.57 -18.29
C LEU A 51 0.06 -0.51 -19.09
N GLY A 52 -0.12 -1.76 -18.69
CA GLY A 52 0.53 -2.87 -19.37
C GLY A 52 1.54 -3.58 -18.49
N ARG A 53 1.93 -2.93 -17.40
CA ARG A 53 2.91 -3.51 -16.48
C ARG A 53 2.21 -4.24 -15.34
N LEU A 54 3.00 -4.82 -14.44
CA LEU A 54 2.46 -5.56 -13.31
C LEU A 54 2.23 -4.62 -12.12
N GLY A 55 1.53 -5.13 -11.11
CA GLY A 55 1.24 -4.34 -9.93
C GLY A 55 0.46 -5.10 -8.88
N ALA A 56 0.27 -4.48 -7.72
CA ALA A 56 -0.47 -5.12 -6.63
C ALA A 56 -1.67 -4.28 -6.23
N PHE A 57 -2.66 -4.92 -5.63
CA PHE A 57 -3.87 -4.24 -5.19
C PHE A 57 -4.40 -4.83 -3.88
N ILE A 58 -5.19 -4.04 -3.16
CA ILE A 58 -5.75 -4.48 -1.89
C ILE A 58 -7.10 -5.17 -2.09
N THR A 59 -7.20 -6.42 -1.67
CA THR A 59 -8.43 -7.18 -1.81
C THR A 59 -9.34 -6.98 -0.59
N LYS A 60 -8.72 -6.70 0.56
CA LYS A 60 -9.48 -6.48 1.79
C LYS A 60 -8.67 -5.62 2.76
N VAL A 61 -9.38 -4.87 3.60
CA VAL A 61 -8.73 -4.01 4.59
C VAL A 61 -9.42 -4.13 5.95
N LYS A 62 -8.77 -4.84 6.87
CA LYS A 62 -9.30 -5.03 8.20
C LYS A 62 -9.79 -3.70 8.79
N LYS A 63 -11.08 -3.64 9.10
CA LYS A 63 -11.66 -2.42 9.67
C LYS A 63 -11.06 -2.12 11.04
N GLY A 64 -10.45 -0.93 11.17
CA GLY A 64 -9.85 -0.54 12.42
C GLY A 64 -8.35 -0.72 12.42
N SER A 65 -7.82 -1.28 11.33
CA SER A 65 -6.38 -1.52 11.21
C SER A 65 -5.65 -0.23 10.86
N LEU A 66 -4.33 -0.25 10.98
CA LEU A 66 -3.51 0.91 10.68
C LEU A 66 -3.78 1.43 9.27
N ALA A 67 -4.02 0.50 8.35
CA ALA A 67 -4.30 0.86 6.97
C ALA A 67 -5.76 1.26 6.79
N ASP A 68 -6.47 1.41 7.90
CA ASP A 68 -7.87 1.81 7.87
C ASP A 68 -8.11 3.05 8.71
N VAL A 69 -7.37 3.16 9.82
CA VAL A 69 -7.50 4.31 10.72
C VAL A 69 -6.46 5.36 10.40
N VAL A 70 -5.29 4.92 9.95
CA VAL A 70 -4.20 5.83 9.61
C VAL A 70 -4.04 5.98 8.11
N GLY A 71 -4.20 4.86 7.39
CA GLY A 71 -4.07 4.88 5.94
C GLY A 71 -5.39 5.16 5.26
N HIS A 72 -6.49 4.74 5.87
CA HIS A 72 -7.81 4.95 5.31
C HIS A 72 -7.90 4.38 3.90
N LEU A 73 -7.09 3.37 3.62
CA LEU A 73 -7.08 2.74 2.31
C LEU A 73 -8.34 1.93 2.07
N ARG A 74 -8.53 1.47 0.84
CA ARG A 74 -9.70 0.69 0.48
C ARG A 74 -9.32 -0.49 -0.39
N ALA A 75 -10.31 -1.33 -0.73
CA ALA A 75 -10.07 -2.49 -1.57
C ALA A 75 -10.09 -2.12 -3.05
N GLY A 76 -8.96 -2.30 -3.72
CA GLY A 76 -8.87 -1.98 -5.13
C GLY A 76 -7.73 -1.01 -5.43
N ASP A 77 -7.21 -0.37 -4.39
CA ASP A 77 -6.12 0.58 -4.55
C ASP A 77 -4.89 -0.09 -5.16
N GLU A 78 -4.28 0.56 -6.14
CA GLU A 78 -3.10 0.02 -6.81
C GLU A 78 -1.84 0.44 -6.08
N VAL A 79 -1.35 -0.43 -5.20
CA VAL A 79 -0.14 -0.16 -4.43
C VAL A 79 1.06 0.08 -5.36
N LEU A 80 1.46 1.34 -5.48
CA LEU A 80 2.59 1.70 -6.33
C LEU A 80 3.90 1.24 -5.70
N GLU A 81 4.10 1.58 -4.43
CA GLU A 81 5.31 1.21 -3.72
C GLU A 81 4.99 0.72 -2.31
N TRP A 82 5.76 -0.26 -1.85
CA TRP A 82 5.55 -0.82 -0.52
C TRP A 82 6.85 -0.80 0.29
N ASN A 83 6.99 0.19 1.15
CA ASN A 83 8.19 0.33 1.99
C ASN A 83 9.38 0.80 1.15
N GLY A 84 9.10 1.63 0.15
CA GLY A 84 10.16 2.13 -0.71
C GLY A 84 10.55 1.14 -1.79
N LYS A 85 9.65 0.22 -2.10
CA LYS A 85 9.89 -0.79 -3.13
C LYS A 85 8.82 -0.76 -4.21
N PRO A 86 9.24 -0.73 -5.47
CA PRO A 86 8.32 -0.71 -6.62
C PRO A 86 7.57 -2.02 -6.79
N LEU A 87 6.32 -2.04 -6.35
CA LEU A 87 5.50 -3.24 -6.45
C LEU A 87 5.24 -3.60 -7.92
N PRO A 88 4.94 -2.58 -8.74
CA PRO A 88 4.68 -2.78 -10.17
C PRO A 88 5.94 -3.15 -10.94
N GLY A 89 5.88 -4.25 -11.67
CA GLY A 89 7.02 -4.70 -12.46
C GLY A 89 7.52 -6.06 -12.01
N ALA A 90 6.88 -6.63 -11.01
CA ALA A 90 7.26 -7.94 -10.50
C ALA A 90 6.06 -8.88 -10.43
N THR A 91 6.31 -10.12 -10.04
CA THR A 91 5.25 -11.12 -9.92
C THR A 91 4.78 -11.26 -8.48
N ASN A 92 3.64 -11.93 -8.30
CA ASN A 92 3.07 -12.12 -6.97
C ASN A 92 4.07 -12.83 -6.06
N GLU A 93 5.05 -13.50 -6.67
CA GLU A 93 6.07 -14.22 -5.90
C GLU A 93 7.14 -13.26 -5.40
N GLU A 94 7.36 -12.18 -6.13
CA GLU A 94 8.36 -11.19 -5.75
C GLU A 94 7.74 -10.10 -4.87
N VAL A 95 6.47 -9.80 -5.11
CA VAL A 95 5.77 -8.79 -4.33
C VAL A 95 5.59 -9.23 -2.88
N TYR A 96 5.26 -10.50 -2.69
CA TYR A 96 5.06 -11.05 -1.35
C TYR A 96 6.31 -10.86 -0.50
N ASN A 97 7.47 -11.19 -1.06
CA ASN A 97 8.73 -11.05 -0.34
C ASN A 97 8.94 -9.62 0.12
N ILE A 98 8.76 -8.68 -0.80
CA ILE A 98 8.94 -7.26 -0.48
C ILE A 98 8.13 -6.88 0.75
N ILE A 99 6.87 -7.31 0.79
CA ILE A 99 6.00 -7.01 1.92
C ILE A 99 6.37 -7.85 3.14
N LEU A 100 6.98 -9.00 2.89
CA LEU A 100 7.39 -9.89 3.97
C LEU A 100 8.57 -9.30 4.74
N GLU A 101 9.49 -8.68 4.03
CA GLU A 101 10.67 -8.07 4.64
C GLU A 101 10.26 -6.94 5.58
N SER A 102 9.09 -6.36 5.34
CA SER A 102 8.59 -5.26 6.16
C SER A 102 8.26 -5.75 7.56
N LYS A 103 8.17 -7.06 7.72
CA LYS A 103 7.85 -7.65 9.01
C LYS A 103 8.87 -7.24 10.08
N SER A 104 10.14 -7.18 9.67
CA SER A 104 11.21 -6.81 10.58
C SER A 104 11.37 -5.29 10.63
N GLU A 105 10.61 -4.59 9.79
CA GLU A 105 10.67 -3.14 9.73
C GLU A 105 9.63 -2.52 10.66
N PRO A 106 10.11 -1.72 11.63
CA PRO A 106 9.24 -1.06 12.61
C PRO A 106 8.41 0.05 11.98
N GLN A 107 8.68 0.34 10.70
CA GLN A 107 7.96 1.38 9.98
C GLN A 107 7.90 1.07 8.50
N VAL A 108 6.70 1.08 7.94
CA VAL A 108 6.50 0.81 6.52
C VAL A 108 5.72 1.93 5.85
N GLU A 109 6.18 2.32 4.66
CA GLU A 109 5.51 3.39 3.91
C GLU A 109 4.75 2.82 2.72
N ILE A 110 3.43 2.91 2.77
CA ILE A 110 2.59 2.40 1.70
C ILE A 110 2.16 3.53 0.76
N ILE A 111 2.49 3.38 -0.52
CA ILE A 111 2.14 4.39 -1.52
C ILE A 111 1.23 3.79 -2.60
N VAL A 112 -0.02 4.20 -2.61
CA VAL A 112 -0.98 3.71 -3.59
C VAL A 112 -1.39 4.83 -4.55
N SER A 113 -2.17 4.46 -5.57
CA SER A 113 -2.63 5.43 -6.56
C SER A 113 -4.14 5.30 -6.79
N ARG A 114 -4.86 6.40 -6.62
CA ARG A 114 -6.30 6.41 -6.79
C ARG A 114 -6.71 7.39 -7.90
N PRO A 115 -7.81 7.08 -8.60
CA PRO A 115 -8.33 7.91 -9.69
C PRO A 115 -8.89 9.23 -9.18
N SER A 116 -8.25 10.33 -9.56
CA SER A 116 -8.68 11.65 -9.15
C SER A 116 -10.11 11.92 -9.62
N GLY A 117 -10.38 11.61 -10.89
CA GLY A 117 -11.71 11.82 -11.44
C GLY A 117 -12.67 10.72 -11.07
N PRO A 118 -12.63 9.61 -11.81
CA PRO A 118 -13.51 8.46 -11.58
C PRO A 118 -13.16 7.73 -10.28
N SER A 119 -13.88 6.64 -10.01
CA SER A 119 -13.65 5.85 -8.81
C SER A 119 -13.88 4.37 -9.08
N SER A 120 -13.67 3.55 -8.05
CA SER A 120 -13.84 2.10 -8.18
C SER A 120 -15.26 1.70 -7.79
N GLY A 121 -15.74 2.24 -6.68
CA GLY A 121 -17.07 1.93 -6.20
C GLY A 121 -18.15 2.53 -7.09
N GLY A 1 11.08 19.54 13.76
CA GLY A 1 9.75 19.96 14.17
C GLY A 1 8.66 19.24 13.40
N SER A 2 8.06 18.23 14.03
CA SER A 2 7.00 17.46 13.40
C SER A 2 7.41 17.02 11.99
N SER A 3 8.62 16.50 11.88
CA SER A 3 9.13 16.03 10.59
C SER A 3 8.54 14.68 10.23
N GLY A 4 8.51 13.77 11.20
CA GLY A 4 7.98 12.45 10.96
C GLY A 4 6.57 12.28 11.50
N SER A 5 5.70 11.65 10.72
CA SER A 5 4.32 11.43 11.12
C SER A 5 3.73 10.22 10.41
N SER A 6 2.69 9.63 11.01
CA SER A 6 2.03 8.47 10.43
C SER A 6 0.58 8.79 10.07
N GLY A 7 0.39 9.44 8.93
CA GLY A 7 -0.94 9.80 8.49
C GLY A 7 -1.22 9.34 7.07
N VAL A 8 -1.89 10.20 6.30
CA VAL A 8 -2.22 9.88 4.91
C VAL A 8 -2.41 11.14 4.09
N THR A 9 -1.52 11.34 3.12
CA THR A 9 -1.58 12.51 2.26
C THR A 9 -1.96 12.12 0.83
N TRP A 10 -2.89 12.87 0.25
CA TRP A 10 -3.33 12.60 -1.11
C TRP A 10 -2.93 13.74 -2.06
N GLN A 11 -2.23 13.38 -3.13
CA GLN A 11 -1.79 14.37 -4.11
C GLN A 11 -1.90 13.83 -5.52
N PRO A 12 -1.96 14.74 -6.51
CA PRO A 12 -2.05 14.38 -7.93
C PRO A 12 -0.78 13.72 -8.46
N SER A 13 -0.94 12.74 -9.32
CA SER A 13 0.19 12.03 -9.90
C SER A 13 0.89 12.89 -10.94
N LYS A 14 2.06 12.44 -11.39
CA LYS A 14 2.83 13.16 -12.40
C LYS A 14 1.91 13.78 -13.45
N GLU A 15 0.92 13.03 -13.89
CA GLU A 15 -0.02 13.50 -14.88
C GLU A 15 -1.14 14.32 -14.23
N GLY A 16 -1.50 13.93 -13.02
CA GLY A 16 -2.56 14.64 -12.30
C GLY A 16 -3.89 13.93 -12.39
N ASP A 17 -4.03 13.06 -13.39
CA ASP A 17 -5.27 12.31 -13.57
C ASP A 17 -5.49 11.33 -12.43
N ARG A 18 -4.42 11.04 -11.69
CA ARG A 18 -4.49 10.12 -10.56
C ARG A 18 -4.15 10.82 -9.26
N LEU A 19 -4.35 10.12 -8.14
CA LEU A 19 -4.06 10.68 -6.83
C LEU A 19 -3.15 9.75 -6.03
N ILE A 20 -1.88 10.12 -5.95
CA ILE A 20 -0.90 9.32 -5.21
C ILE A 20 -1.10 9.46 -3.71
N GLY A 21 -1.59 8.40 -3.09
CA GLY A 21 -1.82 8.42 -1.65
C GLY A 21 -0.62 7.90 -0.87
N ARG A 22 -0.04 8.76 -0.05
CA ARG A 22 1.12 8.39 0.75
C ARG A 22 0.70 8.06 2.19
N VAL A 23 0.94 6.82 2.60
CA VAL A 23 0.59 6.38 3.95
C VAL A 23 1.79 5.76 4.65
N ILE A 24 1.90 6.03 5.95
CA ILE A 24 3.00 5.50 6.75
C ILE A 24 2.52 4.98 8.09
N LEU A 25 2.82 3.72 8.37
CA LEU A 25 2.41 3.11 9.64
C LEU A 25 3.62 2.53 10.37
N ASN A 26 3.55 2.55 11.70
CA ASN A 26 4.64 2.03 12.53
C ASN A 26 4.12 0.99 13.51
N LYS A 27 4.28 -0.28 13.14
CA LYS A 27 3.84 -1.39 13.99
C LYS A 27 5.03 -2.14 14.57
N ARG A 28 4.79 -2.84 15.68
CA ARG A 28 5.84 -3.60 16.35
C ARG A 28 5.38 -5.02 16.64
N THR A 29 4.10 -5.16 16.97
CA THR A 29 3.52 -6.46 17.29
C THR A 29 2.84 -7.07 16.07
N THR A 30 2.97 -8.38 15.92
CA THR A 30 2.36 -9.08 14.79
C THR A 30 0.83 -8.97 14.84
N MET A 31 0.25 -8.49 13.74
CA MET A 31 -1.20 -8.34 13.66
C MET A 31 -1.91 -9.55 14.26
N PRO A 32 -3.07 -9.29 14.89
CA PRO A 32 -3.87 -10.35 15.51
C PRO A 32 -4.51 -11.28 14.50
N LYS A 33 -4.83 -10.73 13.32
CA LYS A 33 -5.45 -11.52 12.26
C LYS A 33 -4.41 -12.35 11.52
N ASP A 34 -3.52 -12.98 12.28
CA ASP A 34 -2.48 -13.83 11.71
C ASP A 34 -1.92 -13.19 10.43
N SER A 35 -1.47 -11.95 10.55
CA SER A 35 -0.92 -11.23 9.39
C SER A 35 0.45 -10.63 9.74
N GLY A 36 1.50 -11.22 9.17
CA GLY A 36 2.84 -10.73 9.43
C GLY A 36 3.02 -9.29 8.99
N ALA A 37 4.03 -9.06 8.15
CA ALA A 37 4.31 -7.71 7.66
C ALA A 37 3.03 -6.99 7.28
N LEU A 38 2.06 -7.75 6.76
CA LEU A 38 0.78 -7.18 6.36
C LEU A 38 0.26 -6.18 7.40
N LEU A 39 0.52 -4.90 7.16
CA LEU A 39 0.08 -3.85 8.08
C LEU A 39 -1.35 -4.12 8.56
N GLY A 40 -2.11 -4.86 7.76
CA GLY A 40 -3.48 -5.18 8.11
C GLY A 40 -4.38 -5.29 6.90
N LEU A 41 -3.84 -5.86 5.83
CA LEU A 41 -4.61 -6.03 4.60
C LEU A 41 -3.93 -7.03 3.66
N LYS A 42 -4.69 -7.57 2.72
CA LYS A 42 -4.16 -8.53 1.76
C LYS A 42 -3.82 -7.85 0.44
N VAL A 43 -2.60 -8.07 -0.04
CA VAL A 43 -2.16 -7.49 -1.30
C VAL A 43 -1.94 -8.56 -2.36
N VAL A 44 -2.42 -8.29 -3.57
CA VAL A 44 -2.28 -9.24 -4.68
C VAL A 44 -1.39 -8.67 -5.77
N GLY A 45 -0.12 -9.08 -5.77
CA GLY A 45 0.82 -8.60 -6.76
C GLY A 45 0.74 -9.38 -8.06
N GLY A 46 1.77 -9.26 -8.89
CA GLY A 46 1.80 -9.97 -10.16
C GLY A 46 0.55 -9.70 -10.99
N LYS A 47 -0.22 -8.70 -10.60
CA LYS A 47 -1.43 -8.34 -11.31
C LYS A 47 -1.12 -7.44 -12.50
N MET A 48 -2.10 -7.27 -13.38
CA MET A 48 -1.93 -6.42 -14.56
C MET A 48 -2.48 -5.02 -14.30
N THR A 49 -1.83 -4.01 -14.87
CA THR A 49 -2.25 -2.63 -14.71
C THR A 49 -2.68 -2.02 -16.03
N ASP A 50 -3.59 -1.06 -15.98
CA ASP A 50 -4.08 -0.39 -17.18
C ASP A 50 -2.92 0.17 -18.00
N LEU A 51 -1.81 0.44 -17.33
CA LEU A 51 -0.63 0.99 -17.99
C LEU A 51 0.02 -0.06 -18.89
N GLY A 52 -0.15 -1.33 -18.53
CA GLY A 52 0.44 -2.40 -19.32
C GLY A 52 1.43 -3.23 -18.54
N ARG A 53 1.91 -2.68 -17.43
CA ARG A 53 2.88 -3.37 -16.59
C ARG A 53 2.19 -4.12 -15.46
N LEU A 54 2.98 -4.71 -14.57
CA LEU A 54 2.44 -5.46 -13.43
C LEU A 54 2.23 -4.54 -12.23
N GLY A 55 1.46 -5.02 -11.26
CA GLY A 55 1.19 -4.23 -10.07
C GLY A 55 0.44 -5.01 -9.01
N ALA A 56 0.24 -4.39 -7.86
CA ALA A 56 -0.48 -5.04 -6.76
C ALA A 56 -1.70 -4.22 -6.33
N PHE A 57 -2.64 -4.89 -5.68
CA PHE A 57 -3.85 -4.23 -5.22
C PHE A 57 -4.36 -4.86 -3.92
N ILE A 58 -5.09 -4.08 -3.14
CA ILE A 58 -5.63 -4.56 -1.88
C ILE A 58 -7.00 -5.20 -2.08
N THR A 59 -7.11 -6.46 -1.66
CA THR A 59 -8.37 -7.20 -1.80
C THR A 59 -9.25 -6.99 -0.58
N LYS A 60 -8.64 -6.84 0.58
CA LYS A 60 -9.38 -6.63 1.83
C LYS A 60 -8.55 -5.84 2.83
N VAL A 61 -9.16 -4.84 3.44
CA VAL A 61 -8.47 -4.01 4.43
C VAL A 61 -9.08 -4.20 5.82
N LYS A 62 -8.24 -4.53 6.79
CA LYS A 62 -8.69 -4.73 8.17
C LYS A 62 -9.29 -3.45 8.73
N LYS A 63 -10.60 -3.45 8.91
CA LYS A 63 -11.31 -2.29 9.44
C LYS A 63 -10.88 -2.01 10.88
N GLY A 64 -10.53 -0.75 11.16
CA GLY A 64 -10.11 -0.38 12.49
C GLY A 64 -8.63 -0.60 12.70
N SER A 65 -7.93 -1.03 11.66
CA SER A 65 -6.50 -1.29 11.74
C SER A 65 -5.70 -0.05 11.37
N LEU A 66 -4.37 -0.17 11.38
CA LEU A 66 -3.49 0.94 11.04
C LEU A 66 -3.68 1.35 9.57
N ALA A 67 -3.97 0.37 8.73
CA ALA A 67 -4.19 0.63 7.31
C ALA A 67 -5.63 1.02 7.03
N ASP A 68 -6.38 1.30 8.09
CA ASP A 68 -7.79 1.67 7.95
C ASP A 68 -8.07 2.98 8.71
N VAL A 69 -7.41 3.15 9.85
CA VAL A 69 -7.59 4.35 10.66
C VAL A 69 -6.54 5.40 10.34
N VAL A 70 -5.32 4.94 10.07
CA VAL A 70 -4.22 5.84 9.73
C VAL A 70 -4.02 5.93 8.23
N GLY A 71 -4.16 4.80 7.55
CA GLY A 71 -3.99 4.77 6.11
C GLY A 71 -5.24 5.17 5.37
N HIS A 72 -6.39 4.75 5.88
CA HIS A 72 -7.67 5.06 5.26
C HIS A 72 -7.73 4.52 3.83
N LEU A 73 -7.14 3.35 3.63
CA LEU A 73 -7.13 2.72 2.32
C LEU A 73 -8.36 1.85 2.12
N ARG A 74 -8.67 1.55 0.86
CA ARG A 74 -9.84 0.73 0.53
C ARG A 74 -9.45 -0.37 -0.46
N ALA A 75 -10.30 -1.39 -0.54
CA ALA A 75 -10.06 -2.50 -1.45
C ALA A 75 -10.06 -2.04 -2.90
N GLY A 76 -8.96 -2.30 -3.60
CA GLY A 76 -8.85 -1.90 -4.99
C GLY A 76 -7.68 -0.95 -5.23
N ASP A 77 -7.16 -0.37 -4.16
CA ASP A 77 -6.05 0.55 -4.25
C ASP A 77 -4.81 -0.14 -4.83
N GLU A 78 -4.24 0.45 -5.87
CA GLU A 78 -3.06 -0.12 -6.51
C GLU A 78 -1.79 0.30 -5.78
N VAL A 79 -1.33 -0.54 -4.86
CA VAL A 79 -0.12 -0.25 -4.10
C VAL A 79 1.07 0.00 -5.02
N LEU A 80 1.40 1.27 -5.21
CA LEU A 80 2.52 1.65 -6.06
C LEU A 80 3.85 1.18 -5.46
N GLU A 81 4.09 1.57 -4.21
CA GLU A 81 5.32 1.19 -3.52
C GLU A 81 5.02 0.68 -2.11
N TRP A 82 5.80 -0.30 -1.67
CA TRP A 82 5.62 -0.87 -0.34
C TRP A 82 6.92 -0.84 0.45
N ASN A 83 7.09 0.20 1.26
CA ASN A 83 8.29 0.35 2.07
C ASN A 83 9.47 0.79 1.22
N GLY A 84 9.19 1.58 0.19
CA GLY A 84 10.24 2.07 -0.68
C GLY A 84 10.63 1.04 -1.73
N LYS A 85 9.68 0.22 -2.15
CA LYS A 85 9.93 -0.81 -3.15
C LYS A 85 8.86 -0.78 -4.24
N PRO A 86 9.31 -0.77 -5.50
CA PRO A 86 8.40 -0.76 -6.66
C PRO A 86 7.64 -2.06 -6.84
N LEU A 87 6.40 -2.08 -6.37
CA LEU A 87 5.56 -3.27 -6.47
C LEU A 87 5.31 -3.63 -7.93
N PRO A 88 5.00 -2.61 -8.75
CA PRO A 88 4.73 -2.80 -10.18
C PRO A 88 5.98 -3.19 -10.96
N GLY A 89 5.87 -4.24 -11.76
CA GLY A 89 7.01 -4.69 -12.56
C GLY A 89 7.49 -6.07 -12.15
N ALA A 90 6.92 -6.59 -11.06
CA ALA A 90 7.30 -7.91 -10.56
C ALA A 90 6.09 -8.82 -10.43
N THR A 91 6.34 -10.11 -10.25
CA THR A 91 5.27 -11.09 -10.12
C THR A 91 4.83 -11.23 -8.66
N ASN A 92 3.67 -11.86 -8.46
CA ASN A 92 3.13 -12.05 -7.12
C ASN A 92 4.13 -12.80 -6.24
N GLU A 93 5.06 -13.51 -6.87
CA GLU A 93 6.06 -14.27 -6.15
C GLU A 93 7.16 -13.35 -5.62
N GLU A 94 7.41 -12.25 -6.34
CA GLU A 94 8.43 -11.29 -5.94
C GLU A 94 7.83 -10.19 -5.07
N VAL A 95 6.55 -9.89 -5.28
CA VAL A 95 5.88 -8.86 -4.51
C VAL A 95 5.68 -9.30 -3.06
N TYR A 96 5.40 -10.58 -2.86
CA TYR A 96 5.20 -11.12 -1.52
C TYR A 96 6.45 -10.93 -0.66
N ASN A 97 7.60 -11.29 -1.22
CA ASN A 97 8.86 -11.16 -0.50
C ASN A 97 9.09 -9.71 -0.05
N ILE A 98 8.75 -8.78 -0.93
CA ILE A 98 8.92 -7.36 -0.62
C ILE A 98 8.06 -6.96 0.58
N ILE A 99 6.81 -7.41 0.59
CA ILE A 99 5.89 -7.09 1.67
C ILE A 99 6.30 -7.80 2.96
N LEU A 100 6.68 -9.07 2.84
CA LEU A 100 7.10 -9.85 4.01
C LEU A 100 8.37 -9.27 4.62
N GLU A 101 9.22 -8.70 3.78
CA GLU A 101 10.47 -8.11 4.24
C GLU A 101 10.20 -7.02 5.27
N SER A 102 9.06 -6.37 5.15
CA SER A 102 8.69 -5.30 6.07
C SER A 102 8.11 -5.87 7.37
N LYS A 103 8.27 -7.18 7.55
CA LYS A 103 7.77 -7.85 8.74
C LYS A 103 8.49 -7.36 9.99
N SER A 104 9.82 -7.37 9.96
CA SER A 104 10.63 -6.92 11.08
C SER A 104 10.89 -5.42 11.00
N GLU A 105 10.02 -4.71 10.29
CA GLU A 105 10.17 -3.27 10.12
C GLU A 105 9.18 -2.52 10.99
N PRO A 106 9.70 -1.73 11.94
CA PRO A 106 8.88 -0.94 12.86
C PRO A 106 8.15 0.21 12.16
N GLN A 107 8.52 0.45 10.90
CA GLN A 107 7.90 1.51 10.13
C GLN A 107 7.82 1.13 8.65
N VAL A 108 6.62 1.21 8.09
CA VAL A 108 6.40 0.87 6.68
C VAL A 108 5.68 2.00 5.95
N GLU A 109 6.17 2.33 4.76
CA GLU A 109 5.57 3.39 3.96
C GLU A 109 4.79 2.81 2.78
N ILE A 110 3.46 2.91 2.84
CA ILE A 110 2.61 2.40 1.79
C ILE A 110 2.18 3.52 0.84
N ILE A 111 2.49 3.35 -0.44
CA ILE A 111 2.14 4.33 -1.45
C ILE A 111 1.20 3.75 -2.49
N VAL A 112 -0.07 4.16 -2.43
CA VAL A 112 -1.08 3.68 -3.37
C VAL A 112 -1.51 4.78 -4.32
N SER A 113 -2.24 4.40 -5.37
CA SER A 113 -2.72 5.36 -6.36
C SER A 113 -4.22 5.21 -6.57
N ARG A 114 -4.96 6.29 -6.34
CA ARG A 114 -6.40 6.28 -6.51
C ARG A 114 -6.82 7.17 -7.68
N PRO A 115 -7.94 6.81 -8.32
CA PRO A 115 -8.48 7.54 -9.47
C PRO A 115 -9.02 8.91 -9.07
N SER A 116 -8.21 9.95 -9.23
CA SER A 116 -8.61 11.30 -8.89
C SER A 116 -10.08 11.53 -9.22
N GLY A 117 -10.89 11.75 -8.19
CA GLY A 117 -12.30 11.99 -8.39
C GLY A 117 -13.17 10.98 -7.64
N PRO A 118 -13.33 11.19 -6.33
CA PRO A 118 -14.13 10.31 -5.48
C PRO A 118 -15.62 10.43 -5.77
N SER A 119 -16.19 9.37 -6.35
CA SER A 119 -17.61 9.35 -6.68
C SER A 119 -18.45 8.98 -5.46
N SER A 120 -19.65 9.53 -5.40
CA SER A 120 -20.55 9.27 -4.28
C SER A 120 -21.25 7.92 -4.45
N GLY A 121 -21.98 7.77 -5.55
CA GLY A 121 -22.69 6.53 -5.82
C GLY A 121 -24.16 6.60 -5.44
N GLY A 1 16.95 15.79 7.68
CA GLY A 1 16.34 14.76 8.49
C GLY A 1 14.83 14.71 8.34
N SER A 2 14.18 13.91 9.18
CA SER A 2 12.73 13.77 9.12
C SER A 2 12.15 13.58 10.52
N SER A 3 10.94 14.08 10.73
CA SER A 3 10.28 13.96 12.03
C SER A 3 9.87 12.52 12.30
N GLY A 4 8.94 12.01 11.50
CA GLY A 4 8.47 10.65 11.67
C GLY A 4 6.97 10.56 11.80
N SER A 5 6.25 11.38 11.03
CA SER A 5 4.80 11.41 11.08
C SER A 5 4.21 10.22 10.30
N SER A 6 3.30 9.51 10.95
CA SER A 6 2.67 8.35 10.32
C SER A 6 1.19 8.61 10.05
N GLY A 7 0.89 9.16 8.88
CA GLY A 7 -0.48 9.45 8.52
C GLY A 7 -0.80 9.09 7.09
N VAL A 8 -1.55 9.96 6.41
CA VAL A 8 -1.92 9.73 5.03
C VAL A 8 -2.01 11.05 4.25
N THR A 9 -1.40 11.07 3.07
CA THR A 9 -1.40 12.26 2.24
C THR A 9 -1.88 11.94 0.82
N TRP A 10 -2.75 12.79 0.29
CA TRP A 10 -3.28 12.60 -1.06
C TRP A 10 -2.86 13.74 -1.98
N GLN A 11 -2.16 13.41 -3.05
CA GLN A 11 -1.70 14.40 -4.00
C GLN A 11 -1.80 13.88 -5.43
N PRO A 12 -1.90 14.80 -6.40
CA PRO A 12 -2.00 14.46 -7.82
C PRO A 12 -0.70 13.87 -8.37
N SER A 13 -0.83 12.90 -9.27
CA SER A 13 0.33 12.25 -9.86
C SER A 13 1.01 13.17 -10.87
N LYS A 14 2.26 12.87 -11.19
CA LYS A 14 3.02 13.68 -12.14
C LYS A 14 2.13 14.15 -13.28
N GLU A 15 1.22 13.28 -13.73
CA GLU A 15 0.31 13.62 -14.81
C GLU A 15 -0.79 14.55 -14.33
N GLY A 16 -1.28 14.31 -13.11
CA GLY A 16 -2.33 15.14 -12.56
C GLY A 16 -3.71 14.55 -12.75
N ASP A 17 -3.74 13.28 -13.16
CA ASP A 17 -5.01 12.59 -13.38
C ASP A 17 -5.29 11.60 -12.27
N ARG A 18 -4.25 11.18 -11.57
CA ARG A 18 -4.38 10.23 -10.47
C ARG A 18 -4.04 10.89 -9.14
N LEU A 19 -4.23 10.14 -8.06
CA LEU A 19 -3.95 10.64 -6.71
C LEU A 19 -3.08 9.67 -5.94
N ILE A 20 -1.80 9.99 -5.80
CA ILE A 20 -0.86 9.15 -5.07
C ILE A 20 -1.08 9.25 -3.56
N GLY A 21 -1.66 8.20 -2.97
CA GLY A 21 -1.90 8.20 -1.55
C GLY A 21 -0.72 7.70 -0.75
N ARG A 22 -0.01 8.63 -0.10
CA ARG A 22 1.16 8.27 0.69
C ARG A 22 0.77 8.02 2.14
N VAL A 23 0.86 6.76 2.56
CA VAL A 23 0.51 6.38 3.92
C VAL A 23 1.70 5.74 4.63
N ILE A 24 1.76 5.90 5.95
CA ILE A 24 2.84 5.34 6.74
C ILE A 24 2.33 4.83 8.09
N LEU A 25 2.76 3.62 8.47
CA LEU A 25 2.36 3.02 9.72
C LEU A 25 3.56 2.65 10.57
N ASN A 26 3.52 3.00 11.85
CA ASN A 26 4.62 2.70 12.76
C ASN A 26 4.22 1.60 13.75
N LYS A 27 4.39 0.35 13.31
CA LYS A 27 4.04 -0.80 14.16
C LYS A 27 5.31 -1.48 14.65
N ARG A 28 5.18 -2.19 15.77
CA ARG A 28 6.31 -2.91 16.36
C ARG A 28 5.91 -4.34 16.73
N THR A 29 4.88 -4.84 16.09
CA THR A 29 4.39 -6.20 16.35
C THR A 29 3.75 -6.80 15.12
N THR A 30 4.37 -7.86 14.60
CA THR A 30 3.85 -8.54 13.41
C THR A 30 2.43 -9.05 13.65
N MET A 31 1.52 -8.66 12.76
CA MET A 31 0.13 -9.07 12.87
C MET A 31 0.03 -10.48 13.45
N PRO A 32 -0.94 -10.69 14.36
CA PRO A 32 -1.16 -11.98 15.01
C PRO A 32 -1.72 -13.02 14.05
N LYS A 33 -2.63 -12.59 13.18
CA LYS A 33 -3.24 -13.49 12.20
C LYS A 33 -2.21 -13.97 11.19
N ASP A 34 -2.65 -14.82 10.26
CA ASP A 34 -1.76 -15.35 9.23
C ASP A 34 -0.94 -14.23 8.59
N SER A 35 -1.59 -13.10 8.35
CA SER A 35 -0.92 -11.96 7.74
C SER A 35 0.52 -11.84 8.21
N GLY A 36 1.46 -12.11 7.31
CA GLY A 36 2.86 -12.04 7.64
C GLY A 36 3.31 -10.64 8.00
N ALA A 37 3.41 -9.77 7.00
CA ALA A 37 3.82 -8.40 7.22
C ALA A 37 2.79 -7.41 6.66
N LEU A 38 1.54 -7.86 6.59
CA LEU A 38 0.46 -7.03 6.08
C LEU A 38 -0.03 -6.04 7.13
N LEU A 39 -0.28 -4.81 6.72
CA LEU A 39 -0.75 -3.77 7.63
C LEU A 39 -2.27 -3.83 7.79
N GLY A 40 -2.82 -5.04 7.80
CA GLY A 40 -4.25 -5.20 7.94
C GLY A 40 -4.97 -5.16 6.61
N LEU A 41 -4.48 -5.92 5.65
CA LEU A 41 -5.08 -5.96 4.32
C LEU A 41 -4.40 -7.00 3.44
N LYS A 42 -5.14 -7.53 2.47
CA LYS A 42 -4.61 -8.54 1.57
C LYS A 42 -4.14 -7.90 0.26
N VAL A 43 -2.83 -7.99 0.00
CA VAL A 43 -2.26 -7.43 -1.21
C VAL A 43 -1.96 -8.52 -2.24
N VAL A 44 -2.41 -8.29 -3.48
CA VAL A 44 -2.19 -9.25 -4.55
C VAL A 44 -1.25 -8.69 -5.61
N GLY A 45 -0.03 -9.19 -5.63
CA GLY A 45 0.95 -8.73 -6.60
C GLY A 45 0.86 -9.47 -7.92
N GLY A 46 1.89 -9.35 -8.74
CA GLY A 46 1.90 -10.01 -10.03
C GLY A 46 0.63 -9.79 -10.82
N LYS A 47 -0.13 -8.75 -10.43
CA LYS A 47 -1.38 -8.44 -11.09
C LYS A 47 -1.13 -7.55 -12.31
N MET A 48 -2.08 -7.55 -13.24
CA MET A 48 -1.97 -6.74 -14.45
C MET A 48 -2.53 -5.34 -14.23
N THR A 49 -1.92 -4.35 -14.87
CA THR A 49 -2.36 -2.97 -14.74
C THR A 49 -2.88 -2.43 -16.08
N ASP A 50 -3.77 -1.44 -15.99
CA ASP A 50 -4.35 -0.84 -17.20
C ASP A 50 -3.25 -0.31 -18.11
N LEU A 51 -2.10 -0.01 -17.53
CA LEU A 51 -0.98 0.51 -18.30
C LEU A 51 -0.30 -0.61 -19.10
N GLY A 52 -0.42 -1.83 -18.61
CA GLY A 52 0.18 -2.96 -19.30
C GLY A 52 1.24 -3.66 -18.46
N ARG A 53 1.71 -2.98 -17.42
CA ARG A 53 2.73 -3.54 -16.55
C ARG A 53 2.09 -4.27 -15.37
N LEU A 54 2.92 -4.74 -14.44
CA LEU A 54 2.44 -5.46 -13.28
C LEU A 54 2.26 -4.52 -12.09
N GLY A 55 1.59 -5.01 -11.04
CA GLY A 55 1.36 -4.20 -9.86
C GLY A 55 0.58 -4.94 -8.80
N ALA A 56 0.43 -4.31 -7.64
CA ALA A 56 -0.31 -4.92 -6.53
C ALA A 56 -1.53 -4.10 -6.18
N PHE A 57 -2.56 -4.77 -5.65
CA PHE A 57 -3.79 -4.10 -5.28
C PHE A 57 -4.37 -4.70 -3.99
N ILE A 58 -5.09 -3.89 -3.23
CA ILE A 58 -5.69 -4.34 -1.98
C ILE A 58 -7.07 -4.95 -2.23
N THR A 59 -7.22 -6.22 -1.86
CA THR A 59 -8.48 -6.92 -2.04
C THR A 59 -9.32 -6.88 -0.77
N LYS A 60 -8.66 -6.67 0.37
CA LYS A 60 -9.34 -6.61 1.65
C LYS A 60 -8.54 -5.76 2.64
N VAL A 61 -9.25 -5.12 3.56
CA VAL A 61 -8.62 -4.27 4.57
C VAL A 61 -9.31 -4.42 5.92
N LYS A 62 -8.56 -4.89 6.91
CA LYS A 62 -9.09 -5.08 8.25
C LYS A 62 -9.72 -3.79 8.78
N LYS A 63 -10.80 -3.92 9.53
CA LYS A 63 -11.49 -2.77 10.09
C LYS A 63 -10.89 -2.37 11.43
N GLY A 64 -10.37 -1.15 11.51
CA GLY A 64 -9.78 -0.68 12.75
C GLY A 64 -8.26 -0.81 12.75
N SER A 65 -7.72 -1.29 11.64
CA SER A 65 -6.27 -1.48 11.51
C SER A 65 -5.60 -0.19 11.07
N LEU A 66 -4.28 -0.13 11.23
CA LEU A 66 -3.52 1.05 10.85
C LEU A 66 -3.79 1.44 9.40
N ALA A 67 -3.92 0.44 8.54
CA ALA A 67 -4.21 0.67 7.13
C ALA A 67 -5.69 0.93 6.90
N ASP A 68 -6.41 1.18 7.98
CA ASP A 68 -7.84 1.44 7.90
C ASP A 68 -8.21 2.73 8.63
N VAL A 69 -7.49 3.01 9.72
CA VAL A 69 -7.74 4.21 10.51
C VAL A 69 -6.72 5.30 10.18
N VAL A 70 -5.46 4.90 10.04
CA VAL A 70 -4.39 5.84 9.73
C VAL A 70 -4.18 5.96 8.22
N GLY A 71 -4.29 4.82 7.53
CA GLY A 71 -4.12 4.83 6.08
C GLY A 71 -5.40 5.14 5.35
N HIS A 72 -6.53 4.83 5.96
CA HIS A 72 -7.84 5.08 5.34
C HIS A 72 -7.89 4.52 3.93
N LEU A 73 -7.18 3.42 3.70
CA LEU A 73 -7.15 2.79 2.38
C LEU A 73 -8.39 1.92 2.16
N ARG A 74 -8.70 1.66 0.89
CA ARG A 74 -9.86 0.84 0.56
C ARG A 74 -9.45 -0.30 -0.37
N ALA A 75 -10.36 -1.26 -0.56
CA ALA A 75 -10.09 -2.40 -1.42
C ALA A 75 -10.13 -2.00 -2.89
N GLY A 76 -8.99 -2.11 -3.56
CA GLY A 76 -8.92 -1.76 -4.96
C GLY A 76 -7.75 -0.83 -5.26
N ASP A 77 -7.23 -0.19 -4.23
CA ASP A 77 -6.11 0.74 -4.39
C ASP A 77 -4.92 0.03 -5.03
N GLU A 78 -4.15 0.78 -5.81
CA GLU A 78 -2.97 0.22 -6.48
C GLU A 78 -1.69 0.54 -5.70
N VAL A 79 -1.27 -0.40 -4.86
CA VAL A 79 -0.06 -0.20 -4.06
C VAL A 79 1.15 0.00 -4.94
N LEU A 80 1.40 1.25 -5.33
CA LEU A 80 2.54 1.58 -6.18
C LEU A 80 3.84 1.12 -5.54
N GLU A 81 4.12 1.63 -4.35
CA GLU A 81 5.33 1.28 -3.62
C GLU A 81 5.01 0.79 -2.22
N TRP A 82 5.78 -0.18 -1.74
CA TRP A 82 5.58 -0.73 -0.41
C TRP A 82 6.87 -0.70 0.40
N ASN A 83 7.03 0.34 1.22
CA ASN A 83 8.22 0.49 2.04
C ASN A 83 9.43 0.90 1.19
N GLY A 84 9.17 1.69 0.15
CA GLY A 84 10.24 2.13 -0.72
C GLY A 84 10.66 1.07 -1.72
N LYS A 85 9.68 0.32 -2.22
CA LYS A 85 9.94 -0.73 -3.19
C LYS A 85 8.91 -0.72 -4.31
N PRO A 86 9.37 -0.75 -5.57
CA PRO A 86 8.50 -0.75 -6.75
C PRO A 86 7.74 -2.06 -6.90
N LEU A 87 6.50 -2.08 -6.43
CA LEU A 87 5.67 -3.27 -6.52
C LEU A 87 5.40 -3.64 -7.98
N PRO A 88 5.09 -2.63 -8.80
CA PRO A 88 4.82 -2.82 -10.23
C PRO A 88 6.06 -3.22 -11.02
N GLY A 89 5.93 -4.26 -11.84
CA GLY A 89 7.06 -4.70 -12.63
C GLY A 89 7.54 -6.08 -12.21
N ALA A 90 7.00 -6.60 -11.11
CA ALA A 90 7.38 -7.90 -10.60
C ALA A 90 6.19 -8.85 -10.56
N THR A 91 6.44 -10.09 -10.17
CA THR A 91 5.38 -11.10 -10.08
C THR A 91 4.87 -11.23 -8.66
N ASN A 92 3.76 -11.94 -8.51
CA ASN A 92 3.15 -12.15 -7.19
C ASN A 92 4.16 -12.77 -6.23
N GLU A 93 5.07 -13.56 -6.77
CA GLU A 93 6.09 -14.22 -5.95
C GLU A 93 7.17 -13.23 -5.53
N GLU A 94 7.38 -12.20 -6.35
CA GLU A 94 8.39 -11.19 -6.06
C GLU A 94 7.81 -10.11 -5.15
N VAL A 95 6.52 -9.85 -5.27
CA VAL A 95 5.86 -8.85 -4.45
C VAL A 95 5.74 -9.31 -3.00
N TYR A 96 5.42 -10.58 -2.82
CA TYR A 96 5.27 -11.15 -1.48
C TYR A 96 6.54 -10.93 -0.65
N ASN A 97 7.69 -11.14 -1.28
CA ASN A 97 8.97 -10.97 -0.60
C ASN A 97 9.17 -9.51 -0.17
N ILE A 98 8.73 -8.59 -1.02
CA ILE A 98 8.86 -7.17 -0.74
C ILE A 98 8.03 -6.78 0.48
N ILE A 99 6.77 -7.21 0.49
CA ILE A 99 5.87 -6.89 1.59
C ILE A 99 6.29 -7.63 2.86
N LEU A 100 6.72 -8.88 2.70
CA LEU A 100 7.15 -9.69 3.83
C LEU A 100 8.38 -9.08 4.51
N GLU A 101 9.25 -8.48 3.69
CA GLU A 101 10.46 -7.86 4.21
C GLU A 101 10.13 -6.84 5.30
N SER A 102 8.95 -6.23 5.19
CA SER A 102 8.52 -5.23 6.17
C SER A 102 7.93 -5.90 7.40
N LYS A 103 8.14 -7.21 7.51
CA LYS A 103 7.64 -7.97 8.65
C LYS A 103 8.24 -7.46 9.96
N SER A 104 9.56 -7.38 10.01
CA SER A 104 10.25 -6.91 11.21
C SER A 104 10.59 -5.43 11.09
N GLU A 105 9.87 -4.73 10.21
CA GLU A 105 10.10 -3.31 10.00
C GLU A 105 9.20 -2.47 10.92
N PRO A 106 9.83 -1.62 11.75
CA PRO A 106 9.12 -0.76 12.68
C PRO A 106 8.34 0.35 11.98
N GLN A 107 8.66 0.57 10.71
CA GLN A 107 8.00 1.61 9.92
C GLN A 107 7.84 1.16 8.48
N VAL A 108 6.64 1.33 7.93
CA VAL A 108 6.36 0.95 6.56
C VAL A 108 5.58 2.04 5.83
N GLU A 109 6.11 2.47 4.68
CA GLU A 109 5.47 3.51 3.89
C GLU A 109 4.72 2.91 2.70
N ILE A 110 3.39 2.95 2.76
CA ILE A 110 2.56 2.42 1.69
C ILE A 110 2.09 3.52 0.75
N ILE A 111 2.46 3.41 -0.52
CA ILE A 111 2.06 4.40 -1.52
C ILE A 111 1.18 3.78 -2.60
N VAL A 112 -0.10 4.12 -2.57
CA VAL A 112 -1.06 3.61 -3.54
C VAL A 112 -1.44 4.67 -4.55
N SER A 113 -2.34 4.31 -5.47
CA SER A 113 -2.79 5.24 -6.51
C SER A 113 -4.31 5.21 -6.63
N ARG A 114 -4.94 6.34 -6.37
CA ARG A 114 -6.40 6.45 -6.46
C ARG A 114 -6.81 7.38 -7.59
N PRO A 115 -7.96 7.09 -8.21
CA PRO A 115 -8.49 7.89 -9.32
C PRO A 115 -8.97 9.26 -8.87
N SER A 116 -8.14 10.28 -9.09
CA SER A 116 -8.48 11.64 -8.69
C SER A 116 -9.87 12.02 -9.19
N GLY A 117 -10.26 11.45 -10.33
CA GLY A 117 -11.57 11.74 -10.89
C GLY A 117 -12.66 10.93 -10.25
N PRO A 118 -12.93 9.74 -10.82
CA PRO A 118 -13.96 8.83 -10.31
C PRO A 118 -13.59 8.22 -8.96
N SER A 119 -14.03 8.87 -7.89
CA SER A 119 -13.74 8.39 -6.54
C SER A 119 -14.63 7.20 -6.18
N SER A 120 -15.92 7.33 -6.48
CA SER A 120 -16.89 6.28 -6.18
C SER A 120 -17.22 5.48 -7.44
N GLY A 121 -16.20 5.18 -8.24
CA GLY A 121 -16.42 4.44 -9.46
C GLY A 121 -16.74 5.34 -10.65
N GLY A 1 16.71 5.79 10.27
CA GLY A 1 15.82 6.88 10.63
C GLY A 1 14.49 6.81 9.91
N SER A 2 13.48 7.45 10.47
CA SER A 2 12.14 7.45 9.88
C SER A 2 11.99 8.61 8.89
N SER A 3 11.11 8.43 7.91
CA SER A 3 10.87 9.45 6.90
C SER A 3 10.02 10.59 7.48
N GLY A 4 8.93 10.22 8.14
CA GLY A 4 8.05 11.22 8.73
C GLY A 4 6.96 10.60 9.57
N SER A 5 6.09 11.44 10.12
CA SER A 5 4.99 10.98 10.95
C SER A 5 4.17 9.93 10.23
N SER A 6 3.36 9.18 10.99
CA SER A 6 2.52 8.13 10.41
C SER A 6 1.12 8.65 10.14
N GLY A 7 0.76 8.75 8.86
CA GLY A 7 -0.55 9.24 8.49
C GLY A 7 -0.89 8.92 7.05
N VAL A 8 -1.56 9.86 6.38
CA VAL A 8 -1.95 9.68 4.98
C VAL A 8 -2.15 11.02 4.29
N THR A 9 -1.67 11.12 3.05
CA THR A 9 -1.79 12.34 2.27
C THR A 9 -2.14 12.05 0.82
N TRP A 10 -3.16 12.75 0.31
CA TRP A 10 -3.59 12.56 -1.07
C TRP A 10 -3.31 13.80 -1.90
N GLN A 11 -2.68 13.60 -3.05
CA GLN A 11 -2.35 14.70 -3.95
C GLN A 11 -2.37 14.26 -5.41
N PRO A 12 -2.53 15.23 -6.32
CA PRO A 12 -2.57 14.95 -7.76
C PRO A 12 -1.22 14.51 -8.31
N SER A 13 -1.24 13.56 -9.24
CA SER A 13 -0.01 13.06 -9.84
C SER A 13 0.55 14.05 -10.87
N LYS A 14 1.72 13.74 -11.41
CA LYS A 14 2.36 14.61 -12.39
C LYS A 14 1.35 15.13 -13.39
N GLU A 15 0.44 14.25 -13.83
CA GLU A 15 -0.58 14.63 -14.79
C GLU A 15 -1.77 15.28 -14.09
N GLY A 16 -2.05 14.82 -12.88
CA GLY A 16 -3.18 15.37 -12.13
C GLY A 16 -4.43 14.53 -12.24
N ASP A 17 -4.45 13.64 -13.24
CA ASP A 17 -5.60 12.78 -13.47
C ASP A 17 -5.70 11.72 -12.37
N ARG A 18 -4.58 11.45 -11.70
CA ARG A 18 -4.55 10.46 -10.64
C ARG A 18 -4.30 11.12 -9.28
N LEU A 19 -4.43 10.35 -8.21
CA LEU A 19 -4.23 10.86 -6.86
C LEU A 19 -3.26 9.97 -6.09
N ILE A 20 -2.02 10.43 -5.94
CA ILE A 20 -1.00 9.67 -5.22
C ILE A 20 -1.26 9.72 -3.72
N GLY A 21 -1.51 8.56 -3.13
CA GLY A 21 -1.76 8.47 -1.70
C GLY A 21 -0.57 7.95 -0.93
N ARG A 22 0.07 8.82 -0.16
CA ARG A 22 1.23 8.44 0.63
C ARG A 22 0.81 8.01 2.04
N VAL A 23 1.08 6.75 2.37
CA VAL A 23 0.73 6.22 3.68
C VAL A 23 1.96 5.65 4.39
N ILE A 24 2.04 5.87 5.70
CA ILE A 24 3.16 5.39 6.48
C ILE A 24 2.69 4.88 7.85
N LEU A 25 2.91 3.59 8.09
CA LEU A 25 2.52 2.98 9.36
C LEU A 25 3.74 2.54 10.16
N ASN A 26 3.62 2.56 11.48
CA ASN A 26 4.72 2.17 12.35
C ASN A 26 4.27 1.07 13.33
N LYS A 27 4.40 -0.18 12.90
CA LYS A 27 4.01 -1.31 13.73
C LYS A 27 5.23 -2.09 14.19
N ARG A 28 5.06 -2.90 15.23
CA ARG A 28 6.15 -3.70 15.78
C ARG A 28 5.72 -5.15 15.97
N THR A 29 5.76 -5.93 14.88
CA THR A 29 5.35 -7.33 14.94
C THR A 29 4.27 -7.56 15.98
N THR A 30 3.27 -6.69 15.99
CA THR A 30 2.17 -6.79 16.93
C THR A 30 1.15 -7.83 16.48
N MET A 31 1.19 -8.17 15.20
CA MET A 31 0.27 -9.16 14.64
C MET A 31 1.01 -10.14 13.74
N PRO A 32 1.95 -10.89 14.32
CA PRO A 32 2.75 -11.88 13.59
C PRO A 32 1.92 -13.08 13.16
N LYS A 33 1.17 -13.65 14.11
CA LYS A 33 0.34 -14.81 13.83
C LYS A 33 -0.81 -14.43 12.89
N ASP A 34 -1.34 -13.23 13.06
CA ASP A 34 -2.44 -12.75 12.23
C ASP A 34 -1.91 -12.17 10.92
N SER A 35 -1.30 -11.00 11.01
CA SER A 35 -0.76 -10.32 9.83
C SER A 35 0.75 -10.18 9.94
N GLY A 36 1.47 -11.26 9.67
CA GLY A 36 2.92 -11.24 9.74
C GLY A 36 3.49 -9.88 9.39
N ALA A 37 3.67 -9.63 8.09
CA ALA A 37 4.22 -8.36 7.64
C ALA A 37 3.11 -7.45 7.10
N LEU A 38 1.91 -7.98 7.03
CA LEU A 38 0.75 -7.22 6.53
C LEU A 38 0.31 -6.20 7.57
N LEU A 39 0.11 -4.96 7.12
CA LEU A 39 -0.33 -3.88 8.00
C LEU A 39 -1.76 -4.11 8.47
N GLY A 40 -2.54 -4.83 7.66
CA GLY A 40 -3.92 -5.11 8.00
C GLY A 40 -4.81 -5.26 6.78
N LEU A 41 -4.27 -5.88 5.74
CA LEU A 41 -5.02 -6.09 4.51
C LEU A 41 -4.31 -7.07 3.58
N LYS A 42 -5.07 -7.69 2.69
CA LYS A 42 -4.50 -8.64 1.74
C LYS A 42 -4.08 -7.97 0.45
N VAL A 43 -2.82 -8.17 0.06
CA VAL A 43 -2.30 -7.57 -1.16
C VAL A 43 -2.02 -8.64 -2.22
N VAL A 44 -2.54 -8.42 -3.42
CA VAL A 44 -2.35 -9.36 -4.51
C VAL A 44 -1.37 -8.79 -5.55
N GLY A 45 -0.14 -9.29 -5.52
CA GLY A 45 0.87 -8.83 -6.45
C GLY A 45 0.82 -9.58 -7.77
N GLY A 46 1.86 -9.41 -8.58
CA GLY A 46 1.91 -10.08 -9.87
C GLY A 46 0.67 -9.81 -10.71
N LYS A 47 -0.12 -8.83 -10.30
CA LYS A 47 -1.33 -8.47 -11.01
C LYS A 47 -1.02 -7.59 -12.22
N MET A 48 -1.96 -7.53 -13.16
CA MET A 48 -1.78 -6.71 -14.36
C MET A 48 -2.29 -5.30 -14.15
N THR A 49 -1.62 -4.33 -14.75
CA THR A 49 -2.01 -2.92 -14.62
C THR A 49 -2.49 -2.36 -15.95
N ASP A 50 -3.34 -1.34 -15.88
CA ASP A 50 -3.87 -0.71 -17.08
C ASP A 50 -2.74 -0.27 -18.01
N LEU A 51 -1.62 0.13 -17.42
CA LEU A 51 -0.46 0.57 -18.20
C LEU A 51 0.15 -0.59 -18.98
N GLY A 52 -0.08 -1.81 -18.50
CA GLY A 52 0.46 -2.97 -19.16
C GLY A 52 1.47 -3.71 -18.32
N ARG A 53 1.99 -3.04 -17.29
CA ARG A 53 2.97 -3.64 -16.40
C ARG A 53 2.28 -4.37 -15.25
N LEU A 54 3.09 -4.87 -14.31
CA LEU A 54 2.56 -5.59 -13.16
C LEU A 54 2.35 -4.65 -11.98
N GLY A 55 1.75 -5.17 -10.91
CA GLY A 55 1.50 -4.37 -9.73
C GLY A 55 0.66 -5.08 -8.70
N ALA A 56 0.47 -4.46 -7.55
CA ALA A 56 -0.33 -5.04 -6.48
C ALA A 56 -1.54 -4.18 -6.16
N PHE A 57 -2.56 -4.79 -5.57
CA PHE A 57 -3.78 -4.08 -5.22
C PHE A 57 -4.41 -4.67 -3.96
N ILE A 58 -5.09 -3.83 -3.19
CA ILE A 58 -5.74 -4.27 -1.96
C ILE A 58 -7.08 -4.93 -2.25
N THR A 59 -7.23 -6.18 -1.82
CA THR A 59 -8.47 -6.92 -2.04
C THR A 59 -9.38 -6.83 -0.82
N LYS A 60 -8.79 -6.77 0.36
CA LYS A 60 -9.54 -6.69 1.60
C LYS A 60 -8.78 -5.89 2.66
N VAL A 61 -9.51 -5.13 3.47
CA VAL A 61 -8.90 -4.33 4.52
C VAL A 61 -9.66 -4.46 5.82
N LYS A 62 -8.95 -4.80 6.89
CA LYS A 62 -9.56 -4.95 8.20
C LYS A 62 -10.13 -3.63 8.71
N LYS A 63 -11.16 -3.70 9.53
CA LYS A 63 -11.78 -2.50 10.09
C LYS A 63 -11.10 -2.08 11.39
N GLY A 64 -10.57 -0.85 11.40
CA GLY A 64 -9.90 -0.35 12.59
C GLY A 64 -8.41 -0.59 12.55
N SER A 65 -7.94 -1.20 11.46
CA SER A 65 -6.51 -1.49 11.31
C SER A 65 -5.73 -0.22 10.96
N LEU A 66 -4.42 -0.28 11.12
CA LEU A 66 -3.55 0.85 10.82
C LEU A 66 -3.72 1.29 9.37
N ALA A 67 -4.06 0.35 8.50
CA ALA A 67 -4.24 0.64 7.08
C ALA A 67 -5.67 1.09 6.80
N ASP A 68 -6.44 1.29 7.86
CA ASP A 68 -7.83 1.71 7.73
C ASP A 68 -8.09 3.00 8.50
N VAL A 69 -7.32 3.19 9.58
CA VAL A 69 -7.46 4.38 10.41
C VAL A 69 -6.35 5.38 10.13
N VAL A 70 -5.13 4.87 9.99
CA VAL A 70 -3.97 5.72 9.71
C VAL A 70 -3.71 5.83 8.22
N GLY A 71 -4.10 4.80 7.47
CA GLY A 71 -3.90 4.79 6.04
C GLY A 71 -5.15 5.21 5.28
N HIS A 72 -6.31 4.87 5.81
CA HIS A 72 -7.58 5.21 5.18
C HIS A 72 -7.64 4.66 3.75
N LEU A 73 -7.03 3.49 3.55
CA LEU A 73 -7.02 2.86 2.23
C LEU A 73 -8.26 2.01 2.03
N ARG A 74 -8.46 1.53 0.81
CA ARG A 74 -9.60 0.70 0.48
C ARG A 74 -9.22 -0.41 -0.50
N ALA A 75 -10.11 -1.39 -0.67
CA ALA A 75 -9.85 -2.49 -1.58
C ALA A 75 -9.95 -2.05 -3.03
N GLY A 76 -8.85 -2.19 -3.77
CA GLY A 76 -8.84 -1.80 -5.16
C GLY A 76 -7.75 -0.80 -5.47
N ASP A 77 -7.18 -0.20 -4.43
CA ASP A 77 -6.11 0.78 -4.60
C ASP A 77 -4.87 0.13 -5.21
N GLU A 78 -4.20 0.88 -6.07
CA GLU A 78 -2.99 0.37 -6.73
C GLU A 78 -1.75 0.70 -5.91
N VAL A 79 -1.25 -0.29 -5.18
CA VAL A 79 -0.07 -0.10 -4.35
C VAL A 79 1.19 0.09 -5.21
N LEU A 80 1.58 1.34 -5.40
CA LEU A 80 2.76 1.66 -6.20
C LEU A 80 4.02 1.10 -5.55
N GLU A 81 4.36 1.64 -4.38
CA GLU A 81 5.55 1.20 -3.66
C GLU A 81 5.18 0.68 -2.28
N TRP A 82 5.89 -0.36 -1.84
CA TRP A 82 5.63 -0.96 -0.54
C TRP A 82 6.91 -1.00 0.30
N ASN A 83 7.08 0.00 1.16
CA ASN A 83 8.26 0.06 2.02
C ASN A 83 9.49 0.49 1.22
N GLY A 84 9.27 1.33 0.21
CA GLY A 84 10.36 1.80 -0.61
C GLY A 84 10.78 0.80 -1.67
N LYS A 85 9.81 0.00 -2.12
CA LYS A 85 10.07 -1.01 -3.13
C LYS A 85 9.01 -0.98 -4.23
N PRO A 86 9.46 -0.97 -5.50
CA PRO A 86 8.56 -0.93 -6.65
C PRO A 86 7.80 -2.25 -6.83
N LEU A 87 6.56 -2.27 -6.36
CA LEU A 87 5.71 -3.45 -6.47
C LEU A 87 5.44 -3.80 -7.92
N PRO A 88 5.14 -2.77 -8.73
CA PRO A 88 4.87 -2.95 -10.17
C PRO A 88 6.11 -3.33 -10.96
N GLY A 89 6.04 -4.48 -11.62
CA GLY A 89 7.17 -4.95 -12.41
C GLY A 89 7.60 -6.35 -12.04
N ALA A 90 7.05 -6.87 -10.94
CA ALA A 90 7.39 -8.20 -10.47
C ALA A 90 6.13 -9.08 -10.37
N THR A 91 6.34 -10.36 -10.06
CA THR A 91 5.23 -11.30 -9.93
C THR A 91 4.72 -11.37 -8.49
N ASN A 92 3.62 -12.07 -8.30
CA ASN A 92 3.04 -12.22 -6.97
C ASN A 92 4.00 -12.94 -6.03
N GLU A 93 4.93 -13.70 -6.61
CA GLU A 93 5.91 -14.45 -5.83
C GLU A 93 7.03 -13.52 -5.35
N GLU A 94 7.30 -12.47 -6.11
CA GLU A 94 8.34 -11.52 -5.76
C GLU A 94 7.77 -10.38 -4.90
N VAL A 95 6.50 -10.07 -5.11
CA VAL A 95 5.84 -9.00 -4.36
C VAL A 95 5.64 -9.42 -2.90
N TYR A 96 5.31 -10.68 -2.69
CA TYR A 96 5.08 -11.19 -1.34
C TYR A 96 6.33 -11.05 -0.48
N ASN A 97 7.48 -11.39 -1.06
CA ASN A 97 8.75 -11.29 -0.34
C ASN A 97 9.01 -9.86 0.11
N ILE A 98 8.72 -8.91 -0.76
CA ILE A 98 8.92 -7.50 -0.45
C ILE A 98 8.06 -7.07 0.74
N ILE A 99 6.81 -7.51 0.76
CA ILE A 99 5.90 -7.18 1.84
C ILE A 99 6.28 -7.91 3.12
N LEU A 100 6.67 -9.17 2.99
CA LEU A 100 7.07 -9.98 4.14
C LEU A 100 8.29 -9.39 4.82
N GLU A 101 9.20 -8.84 4.03
CA GLU A 101 10.42 -8.23 4.57
C GLU A 101 10.08 -7.08 5.50
N SER A 102 8.96 -6.42 5.23
CA SER A 102 8.52 -5.28 6.05
C SER A 102 8.15 -5.73 7.45
N LYS A 103 8.09 -7.05 7.64
CA LYS A 103 7.74 -7.60 8.95
C LYS A 103 8.71 -7.13 10.02
N SER A 104 10.00 -7.28 9.76
CA SER A 104 11.03 -6.86 10.70
C SER A 104 11.09 -5.35 10.81
N GLU A 105 10.70 -4.67 9.74
CA GLU A 105 10.71 -3.21 9.72
C GLU A 105 9.61 -2.64 10.61
N PRO A 106 10.01 -1.84 11.61
CA PRO A 106 9.07 -1.22 12.54
C PRO A 106 8.23 -0.14 11.89
N GLN A 107 8.60 0.25 10.66
CA GLN A 107 7.87 1.27 9.93
C GLN A 107 7.76 0.90 8.45
N VAL A 108 6.53 0.88 7.94
CA VAL A 108 6.29 0.55 6.54
C VAL A 108 5.62 1.70 5.81
N GLU A 109 6.21 2.11 4.70
CA GLU A 109 5.66 3.21 3.91
C GLU A 109 4.95 2.68 2.67
N ILE A 110 3.62 2.76 2.67
CA ILE A 110 2.82 2.29 1.54
C ILE A 110 2.44 3.44 0.62
N ILE A 111 2.78 3.31 -0.66
CA ILE A 111 2.47 4.33 -1.64
C ILE A 111 1.49 3.81 -2.69
N VAL A 112 0.26 4.31 -2.63
CA VAL A 112 -0.79 3.90 -3.57
C VAL A 112 -1.23 5.07 -4.44
N SER A 113 -2.11 4.79 -5.39
CA SER A 113 -2.63 5.81 -6.29
C SER A 113 -4.08 5.54 -6.65
N ARG A 114 -4.93 6.54 -6.43
CA ARG A 114 -6.35 6.41 -6.74
C ARG A 114 -6.75 7.33 -7.89
N PRO A 115 -7.81 6.94 -8.62
CA PRO A 115 -8.30 7.70 -9.76
C PRO A 115 -8.95 9.02 -9.34
N SER A 116 -8.19 10.11 -9.47
CA SER A 116 -8.69 11.43 -9.09
C SER A 116 -10.14 11.61 -9.54
N GLY A 117 -10.42 11.25 -10.79
CA GLY A 117 -11.76 11.37 -11.32
C GLY A 117 -11.79 11.94 -12.72
N PRO A 118 -11.54 11.09 -13.72
CA PRO A 118 -11.52 11.48 -15.13
C PRO A 118 -12.92 11.84 -15.65
N SER A 119 -13.94 11.38 -14.94
CA SER A 119 -15.32 11.65 -15.33
C SER A 119 -15.68 13.11 -15.06
N SER A 120 -15.50 13.95 -16.08
CA SER A 120 -15.81 15.37 -15.97
C SER A 120 -17.28 15.63 -16.24
N GLY A 121 -17.89 16.47 -15.42
CA GLY A 121 -19.30 16.80 -15.59
C GLY A 121 -19.58 17.49 -16.90
N GLY A 1 13.48 8.35 1.90
CA GLY A 1 12.37 7.47 1.55
C GLY A 1 11.30 7.44 2.62
N SER A 2 11.11 8.57 3.29
CA SER A 2 10.11 8.66 4.35
C SER A 2 9.67 10.10 4.57
N SER A 3 8.36 10.32 4.56
CA SER A 3 7.80 11.66 4.74
C SER A 3 6.73 11.67 5.82
N GLY A 4 7.12 12.05 7.03
CA GLY A 4 6.16 12.09 8.14
C GLY A 4 6.16 10.80 8.94
N SER A 5 6.22 10.93 10.25
CA SER A 5 6.23 9.76 11.14
C SER A 5 5.11 8.80 10.77
N SER A 6 3.90 9.33 10.64
CA SER A 6 2.74 8.52 10.29
C SER A 6 1.63 9.37 9.68
N GLY A 7 0.49 8.75 9.42
CA GLY A 7 -0.64 9.47 8.85
C GLY A 7 -0.92 9.05 7.42
N VAL A 8 -1.48 9.97 6.63
CA VAL A 8 -1.80 9.69 5.24
C VAL A 8 -1.89 10.98 4.43
N THR A 9 -1.19 11.01 3.30
CA THR A 9 -1.18 12.18 2.43
C THR A 9 -1.73 11.85 1.05
N TRP A 10 -2.52 12.76 0.50
CA TRP A 10 -3.11 12.56 -0.82
C TRP A 10 -2.78 13.72 -1.74
N GLN A 11 -2.21 13.42 -2.90
CA GLN A 11 -1.86 14.45 -3.88
C GLN A 11 -2.02 13.93 -5.30
N PRO A 12 -2.22 14.87 -6.24
CA PRO A 12 -2.40 14.53 -7.66
C PRO A 12 -1.12 14.01 -8.31
N SER A 13 -1.27 13.09 -9.25
CA SER A 13 -0.13 12.50 -9.94
C SER A 13 0.41 13.45 -11.02
N LYS A 14 1.54 13.08 -11.60
CA LYS A 14 2.15 13.89 -12.65
C LYS A 14 1.11 14.39 -13.65
N GLU A 15 0.09 13.57 -13.88
CA GLU A 15 -0.97 13.93 -14.81
C GLU A 15 -2.09 14.67 -14.10
N GLY A 16 -2.27 14.37 -12.81
CA GLY A 16 -3.31 15.03 -12.03
C GLY A 16 -4.62 14.26 -12.06
N ASP A 17 -4.69 13.25 -12.93
CA ASP A 17 -5.90 12.44 -13.05
C ASP A 17 -5.93 11.34 -12.01
N ARG A 18 -4.82 11.19 -11.29
CA ARG A 18 -4.71 10.17 -10.26
C ARG A 18 -4.42 10.79 -8.90
N LEU A 19 -4.42 9.95 -7.86
CA LEU A 19 -4.15 10.43 -6.51
C LEU A 19 -3.12 9.54 -5.82
N ILE A 20 -1.89 10.05 -5.70
CA ILE A 20 -0.82 9.30 -5.05
C ILE A 20 -0.98 9.31 -3.53
N GLY A 21 -1.57 8.26 -2.99
CA GLY A 21 -1.77 8.16 -1.55
C GLY A 21 -0.54 7.67 -0.83
N ARG A 22 0.07 8.55 -0.02
CA ARG A 22 1.27 8.20 0.72
C ARG A 22 0.93 7.93 2.19
N VAL A 23 0.96 6.66 2.57
CA VAL A 23 0.66 6.27 3.95
C VAL A 23 1.88 5.63 4.61
N ILE A 24 1.98 5.80 5.92
CA ILE A 24 3.09 5.24 6.69
C ILE A 24 2.63 4.75 8.04
N LEU A 25 3.04 3.53 8.40
CA LEU A 25 2.68 2.93 9.68
C LEU A 25 3.92 2.59 10.50
N ASN A 26 3.80 2.69 11.81
CA ASN A 26 4.91 2.38 12.70
C ASN A 26 4.50 1.38 13.77
N LYS A 27 4.39 0.12 13.37
CA LYS A 27 3.99 -0.94 14.30
C LYS A 27 5.20 -1.79 14.71
N ARG A 28 5.02 -2.62 15.72
CA ARG A 28 6.09 -3.48 16.21
C ARG A 28 5.62 -4.92 16.35
N THR A 29 5.90 -5.74 15.35
CA THR A 29 5.51 -7.14 15.35
C THR A 29 4.14 -7.31 16.01
N THR A 30 3.22 -6.43 15.68
CA THR A 30 1.88 -6.49 16.25
C THR A 30 1.06 -7.59 15.61
N MET A 31 1.61 -8.22 14.57
CA MET A 31 0.94 -9.30 13.87
C MET A 31 1.79 -10.57 13.89
N PRO A 32 1.87 -11.21 15.07
CA PRO A 32 2.65 -12.44 15.26
C PRO A 32 2.01 -13.63 14.55
N LYS A 33 2.80 -14.32 13.74
CA LYS A 33 2.33 -15.49 13.01
C LYS A 33 0.87 -15.31 12.60
N ASP A 34 0.49 -14.08 12.27
CA ASP A 34 -0.88 -13.78 11.87
C ASP A 34 -0.89 -13.07 10.51
N SER A 35 -0.12 -12.00 10.39
CA SER A 35 -0.05 -11.23 9.15
C SER A 35 1.39 -10.94 8.78
N GLY A 36 2.24 -10.76 9.79
CA GLY A 36 3.65 -10.46 9.55
C GLY A 36 3.89 -9.00 9.30
N ALA A 37 3.87 -8.59 8.04
CA ALA A 37 4.10 -7.20 7.67
C ALA A 37 2.79 -6.51 7.28
N LEU A 38 1.91 -7.26 6.64
CA LEU A 38 0.62 -6.73 6.22
C LEU A 38 0.11 -5.69 7.22
N LEU A 39 -0.33 -4.55 6.70
CA LEU A 39 -0.86 -3.48 7.54
C LEU A 39 -2.38 -3.55 7.65
N GLY A 40 -2.88 -4.75 7.96
CA GLY A 40 -4.31 -4.93 8.08
C GLY A 40 -5.01 -4.94 6.75
N LEU A 41 -4.42 -5.64 5.78
CA LEU A 41 -5.01 -5.72 4.44
C LEU A 41 -4.33 -6.82 3.63
N LYS A 42 -4.97 -7.21 2.53
CA LYS A 42 -4.44 -8.25 1.66
C LYS A 42 -3.97 -7.67 0.32
N VAL A 43 -2.66 -7.68 0.10
CA VAL A 43 -2.11 -7.15 -1.14
C VAL A 43 -1.82 -8.27 -2.14
N VAL A 44 -2.32 -8.11 -3.36
CA VAL A 44 -2.12 -9.10 -4.40
C VAL A 44 -1.19 -8.58 -5.48
N GLY A 45 0.06 -9.07 -5.47
CA GLY A 45 1.03 -8.64 -6.46
C GLY A 45 0.93 -9.42 -7.75
N GLY A 46 1.95 -9.30 -8.59
CA GLY A 46 1.95 -10.01 -9.86
C GLY A 46 0.69 -9.78 -10.65
N LYS A 47 -0.08 -8.76 -10.27
CA LYS A 47 -1.32 -8.42 -10.95
C LYS A 47 -1.05 -7.59 -12.21
N MET A 48 -2.01 -7.60 -13.13
CA MET A 48 -1.88 -6.83 -14.37
C MET A 48 -2.42 -5.42 -14.20
N THR A 49 -1.77 -4.46 -14.85
CA THR A 49 -2.20 -3.07 -14.77
C THR A 49 -2.76 -2.59 -16.10
N ASP A 50 -3.54 -1.51 -16.06
CA ASP A 50 -4.14 -0.95 -17.27
C ASP A 50 -3.07 -0.46 -18.23
N LEU A 51 -1.87 -0.23 -17.70
CA LEU A 51 -0.75 0.25 -18.51
C LEU A 51 -0.08 -0.91 -19.25
N GLY A 52 -0.26 -2.11 -18.73
CA GLY A 52 0.34 -3.29 -19.35
C GLY A 52 1.38 -3.94 -18.47
N ARG A 53 1.84 -3.21 -17.46
CA ARG A 53 2.86 -3.71 -16.55
C ARG A 53 2.21 -4.41 -15.36
N LEU A 54 3.05 -4.96 -14.47
CA LEU A 54 2.56 -5.65 -13.28
C LEU A 54 2.37 -4.68 -12.13
N GLY A 55 1.71 -5.14 -11.07
CA GLY A 55 1.47 -4.31 -9.91
C GLY A 55 0.70 -5.02 -8.82
N ALA A 56 0.46 -4.32 -7.72
CA ALA A 56 -0.27 -4.90 -6.60
C ALA A 56 -1.47 -4.03 -6.21
N PHE A 57 -2.48 -4.65 -5.62
CA PHE A 57 -3.68 -3.93 -5.20
C PHE A 57 -4.27 -4.53 -3.93
N ILE A 58 -4.95 -3.70 -3.15
CA ILE A 58 -5.55 -4.14 -1.91
C ILE A 58 -6.90 -4.81 -2.15
N THR A 59 -6.96 -6.11 -1.89
CA THR A 59 -8.19 -6.87 -2.09
C THR A 59 -9.07 -6.84 -0.84
N LYS A 60 -8.47 -6.47 0.28
CA LYS A 60 -9.19 -6.39 1.55
C LYS A 60 -8.49 -5.45 2.52
N VAL A 61 -9.28 -4.80 3.37
CA VAL A 61 -8.73 -3.87 4.36
C VAL A 61 -9.39 -4.04 5.71
N LYS A 62 -8.67 -4.66 6.64
CA LYS A 62 -9.20 -4.90 7.98
C LYS A 62 -9.76 -3.61 8.58
N LYS A 63 -11.03 -3.67 8.98
CA LYS A 63 -11.70 -2.51 9.56
C LYS A 63 -11.10 -2.17 10.93
N GLY A 64 -10.59 -0.94 11.05
CA GLY A 64 -9.99 -0.52 12.31
C GLY A 64 -8.50 -0.76 12.35
N SER A 65 -7.94 -1.20 11.22
CA SER A 65 -6.51 -1.46 11.14
C SER A 65 -5.73 -0.18 10.84
N LEU A 66 -4.40 -0.27 10.93
CA LEU A 66 -3.55 0.88 10.67
C LEU A 66 -3.78 1.43 9.27
N ALA A 67 -3.94 0.53 8.31
CA ALA A 67 -4.17 0.93 6.92
C ALA A 67 -5.63 1.31 6.70
N ASP A 68 -6.37 1.42 7.80
CA ASP A 68 -7.79 1.80 7.73
C ASP A 68 -8.08 3.03 8.58
N VAL A 69 -7.31 3.19 9.66
CA VAL A 69 -7.48 4.32 10.55
C VAL A 69 -6.43 5.39 10.28
N VAL A 70 -5.21 4.95 9.97
CA VAL A 70 -4.12 5.88 9.69
C VAL A 70 -3.91 6.05 8.19
N GLY A 71 -4.19 4.98 7.44
CA GLY A 71 -4.02 5.03 6.00
C GLY A 71 -5.29 5.46 5.28
N HIS A 72 -6.43 5.01 5.79
CA HIS A 72 -7.72 5.35 5.20
C HIS A 72 -7.80 4.86 3.76
N LEU A 73 -7.16 3.73 3.49
CA LEU A 73 -7.16 3.14 2.14
C LEU A 73 -8.32 2.18 1.97
N ARG A 74 -8.72 1.95 0.71
CA ARG A 74 -9.81 1.04 0.41
C ARG A 74 -9.36 -0.04 -0.55
N ALA A 75 -10.17 -1.10 -0.68
CA ALA A 75 -9.86 -2.20 -1.56
C ALA A 75 -9.87 -1.75 -3.02
N GLY A 76 -8.76 -1.98 -3.71
CA GLY A 76 -8.66 -1.60 -5.11
C GLY A 76 -7.49 -0.67 -5.38
N ASP A 77 -6.99 -0.04 -4.32
CA ASP A 77 -5.87 0.89 -4.45
C ASP A 77 -4.62 0.15 -4.95
N GLU A 78 -4.02 0.67 -6.02
CA GLU A 78 -2.83 0.05 -6.60
C GLU A 78 -1.59 0.47 -5.82
N VAL A 79 -1.12 -0.43 -4.95
CA VAL A 79 0.07 -0.15 -4.14
C VAL A 79 1.30 0.05 -5.02
N LEU A 80 1.60 1.31 -5.32
CA LEU A 80 2.74 1.63 -6.15
C LEU A 80 4.04 1.13 -5.51
N GLU A 81 4.35 1.66 -4.33
CA GLU A 81 5.55 1.27 -3.61
C GLU A 81 5.22 0.76 -2.21
N TRP A 82 5.98 -0.21 -1.74
CA TRP A 82 5.77 -0.78 -0.41
C TRP A 82 7.05 -0.76 0.41
N ASN A 83 7.23 0.30 1.18
CA ASN A 83 8.42 0.45 2.02
C ASN A 83 9.64 0.82 1.17
N GLY A 84 9.41 1.60 0.12
CA GLY A 84 10.49 2.02 -0.75
C GLY A 84 10.85 0.95 -1.77
N LYS A 85 9.86 0.19 -2.20
CA LYS A 85 10.09 -0.88 -3.17
C LYS A 85 9.04 -0.84 -4.27
N PRO A 86 9.49 -0.86 -5.53
CA PRO A 86 8.61 -0.83 -6.71
C PRO A 86 7.81 -2.12 -6.87
N LEU A 87 6.56 -2.09 -6.43
CA LEU A 87 5.68 -3.25 -6.53
C LEU A 87 5.43 -3.61 -7.99
N PRO A 88 5.17 -2.60 -8.82
CA PRO A 88 4.90 -2.79 -10.25
C PRO A 88 6.15 -3.23 -11.02
N GLY A 89 6.01 -4.24 -11.86
CA GLY A 89 7.13 -4.74 -12.64
C GLY A 89 7.60 -6.10 -12.18
N ALA A 90 7.00 -6.60 -11.10
CA ALA A 90 7.36 -7.90 -10.56
C ALA A 90 6.15 -8.82 -10.48
N THR A 91 6.39 -10.07 -10.11
CA THR A 91 5.32 -11.06 -10.00
C THR A 91 4.80 -11.14 -8.57
N ASN A 92 3.73 -11.91 -8.39
CA ASN A 92 3.13 -12.08 -7.06
C ASN A 92 4.14 -12.70 -6.09
N GLU A 93 5.03 -13.53 -6.62
CA GLU A 93 6.03 -14.19 -5.80
C GLU A 93 7.12 -13.20 -5.37
N GLU A 94 7.33 -12.17 -6.19
CA GLU A 94 8.34 -11.16 -5.89
C GLU A 94 7.77 -10.07 -4.98
N VAL A 95 6.51 -9.71 -5.23
CA VAL A 95 5.85 -8.68 -4.44
C VAL A 95 5.64 -9.15 -3.00
N TYR A 96 5.27 -10.41 -2.84
CA TYR A 96 5.03 -10.99 -1.52
C TYR A 96 6.28 -10.87 -0.65
N ASN A 97 7.43 -11.21 -1.23
CA ASN A 97 8.70 -11.15 -0.50
C ASN A 97 8.98 -9.73 -0.03
N ILE A 98 8.65 -8.75 -0.87
CA ILE A 98 8.86 -7.35 -0.53
C ILE A 98 8.03 -6.93 0.66
N ILE A 99 6.79 -7.41 0.70
CA ILE A 99 5.88 -7.08 1.80
C ILE A 99 6.23 -7.87 3.06
N LEU A 100 6.60 -9.14 2.87
CA LEU A 100 6.96 -9.99 3.99
C LEU A 100 8.25 -9.53 4.65
N GLU A 101 9.15 -8.98 3.83
CA GLU A 101 10.43 -8.48 4.33
C GLU A 101 10.22 -7.40 5.39
N SER A 102 9.18 -6.59 5.19
CA SER A 102 8.87 -5.51 6.13
C SER A 102 8.11 -6.04 7.34
N LYS A 103 8.08 -7.36 7.47
CA LYS A 103 7.38 -7.99 8.59
C LYS A 103 7.86 -7.44 9.92
N SER A 104 9.16 -7.51 10.15
CA SER A 104 9.76 -7.01 11.39
C SER A 104 9.92 -5.49 11.34
N GLU A 105 10.04 -4.95 10.14
CA GLU A 105 10.20 -3.51 9.96
C GLU A 105 9.23 -2.74 10.86
N PRO A 106 9.79 -1.94 11.78
CA PRO A 106 9.00 -1.13 12.71
C PRO A 106 8.27 0.00 12.02
N GLN A 107 8.61 0.24 10.75
CA GLN A 107 7.97 1.29 9.98
C GLN A 107 7.81 0.89 8.51
N VAL A 108 6.62 1.09 7.97
CA VAL A 108 6.33 0.73 6.59
C VAL A 108 5.61 1.87 5.87
N GLU A 109 6.13 2.24 4.70
CA GLU A 109 5.53 3.32 3.92
C GLU A 109 4.80 2.76 2.70
N ILE A 110 3.47 2.81 2.75
CA ILE A 110 2.65 2.31 1.64
C ILE A 110 2.20 3.45 0.75
N ILE A 111 2.59 3.39 -0.52
CA ILE A 111 2.23 4.42 -1.49
C ILE A 111 1.34 3.84 -2.59
N VAL A 112 0.05 4.18 -2.56
CA VAL A 112 -0.89 3.70 -3.55
C VAL A 112 -1.37 4.84 -4.44
N SER A 113 -2.10 4.49 -5.50
CA SER A 113 -2.62 5.48 -6.44
C SER A 113 -4.10 5.24 -6.71
N ARG A 114 -4.92 6.25 -6.47
CA ARG A 114 -6.35 6.14 -6.69
C ARG A 114 -6.81 7.14 -7.75
N PRO A 115 -7.93 6.82 -8.42
CA PRO A 115 -8.49 7.68 -9.47
C PRO A 115 -9.09 8.97 -8.90
N SER A 116 -8.47 10.09 -9.23
CA SER A 116 -8.93 11.39 -8.75
C SER A 116 -10.32 11.70 -9.28
N GLY A 117 -10.53 11.50 -10.58
CA GLY A 117 -11.82 11.75 -11.19
C GLY A 117 -12.97 11.40 -10.26
N PRO A 118 -13.10 10.10 -9.94
CA PRO A 118 -14.17 9.62 -9.06
C PRO A 118 -13.96 10.05 -7.61
N SER A 119 -12.71 10.18 -7.20
CA SER A 119 -12.38 10.58 -5.84
C SER A 119 -11.88 12.02 -5.81
N SER A 120 -12.77 12.95 -5.52
CA SER A 120 -12.43 14.37 -5.46
C SER A 120 -12.59 14.90 -4.05
N GLY A 121 -12.32 14.06 -3.06
CA GLY A 121 -12.44 14.47 -1.67
C GLY A 121 -12.02 13.38 -0.71
N GLY A 1 13.63 9.74 8.66
CA GLY A 1 14.52 10.47 9.54
C GLY A 1 13.87 11.72 10.12
N SER A 2 14.09 12.86 9.47
CA SER A 2 13.54 14.12 9.92
C SER A 2 12.09 13.94 10.38
N SER A 3 11.25 13.46 9.47
CA SER A 3 9.84 13.25 9.78
C SER A 3 9.59 11.82 10.26
N GLY A 4 8.56 11.64 11.07
CA GLY A 4 8.25 10.32 11.58
C GLY A 4 6.78 10.18 11.96
N SER A 5 5.91 10.86 11.21
CA SER A 5 4.48 10.81 11.48
C SER A 5 3.80 9.75 10.62
N SER A 6 2.90 8.99 11.23
CA SER A 6 2.18 7.94 10.52
C SER A 6 0.76 8.39 10.19
N GLY A 7 0.60 9.06 9.05
CA GLY A 7 -0.71 9.53 8.64
C GLY A 7 -1.04 9.12 7.22
N VAL A 8 -1.68 10.02 6.48
CA VAL A 8 -2.06 9.74 5.10
C VAL A 8 -2.24 11.03 4.30
N THR A 9 -1.57 11.11 3.16
CA THR A 9 -1.64 12.29 2.30
C THR A 9 -2.04 11.91 0.88
N TRP A 10 -2.88 12.74 0.27
CA TRP A 10 -3.33 12.50 -1.09
C TRP A 10 -2.97 13.66 -2.01
N GLN A 11 -2.31 13.35 -3.13
CA GLN A 11 -1.90 14.37 -4.09
C GLN A 11 -1.94 13.83 -5.51
N PRO A 12 -2.01 14.74 -6.48
CA PRO A 12 -2.05 14.38 -7.90
C PRO A 12 -0.74 13.80 -8.40
N SER A 13 -0.82 12.85 -9.32
CA SER A 13 0.37 12.21 -9.88
C SER A 13 1.02 13.09 -10.95
N LYS A 14 2.27 12.79 -11.26
CA LYS A 14 3.00 13.56 -12.26
C LYS A 14 2.09 13.95 -13.42
N GLU A 15 1.15 13.07 -13.76
CA GLU A 15 0.21 13.34 -14.84
C GLU A 15 -0.88 14.31 -14.39
N GLY A 16 -1.36 14.13 -13.16
CA GLY A 16 -2.39 14.99 -12.63
C GLY A 16 -3.78 14.39 -12.77
N ASP A 17 -3.84 13.19 -13.33
CA ASP A 17 -5.11 12.49 -13.50
C ASP A 17 -5.32 11.45 -12.41
N ARG A 18 -4.25 11.12 -11.70
CA ARG A 18 -4.32 10.13 -10.63
C ARG A 18 -4.03 10.78 -9.28
N LEU A 19 -4.24 10.02 -8.20
CA LEU A 19 -4.00 10.51 -6.85
C LEU A 19 -3.05 9.60 -6.09
N ILE A 20 -1.82 10.05 -5.92
CA ILE A 20 -0.81 9.28 -5.20
C ILE A 20 -1.00 9.38 -3.70
N GLY A 21 -1.59 8.35 -3.10
CA GLY A 21 -1.82 8.35 -1.67
C GLY A 21 -0.62 7.84 -0.89
N ARG A 22 -0.02 8.73 -0.10
CA ARG A 22 1.15 8.38 0.69
C ARG A 22 0.74 8.04 2.12
N VAL A 23 0.97 6.78 2.51
CA VAL A 23 0.62 6.32 3.85
C VAL A 23 1.85 5.75 4.57
N ILE A 24 1.90 5.93 5.88
CA ILE A 24 3.01 5.41 6.67
C ILE A 24 2.53 4.89 8.02
N LEU A 25 2.83 3.63 8.30
CA LEU A 25 2.43 3.02 9.57
C LEU A 25 3.65 2.51 10.33
N ASN A 26 3.53 2.47 11.66
CA ASN A 26 4.62 2.01 12.52
C ASN A 26 4.15 0.89 13.43
N LYS A 27 4.34 -0.35 12.99
CA LYS A 27 3.94 -1.51 13.78
C LYS A 27 5.16 -2.28 14.27
N ARG A 28 5.02 -2.92 15.43
CA ARG A 28 6.12 -3.69 16.02
C ARG A 28 5.71 -5.15 16.20
N THR A 29 4.77 -5.38 17.11
CA THR A 29 4.30 -6.73 17.39
C THR A 29 3.94 -7.47 16.11
N THR A 30 3.76 -8.78 16.21
CA THR A 30 3.41 -9.60 15.06
C THR A 30 1.91 -9.64 14.84
N MET A 31 1.49 -9.46 13.58
CA MET A 31 0.07 -9.48 13.24
C MET A 31 -0.64 -10.61 13.96
N PRO A 32 -1.82 -10.30 14.53
CA PRO A 32 -2.62 -11.28 15.26
C PRO A 32 -3.25 -12.32 14.34
N LYS A 33 -3.71 -11.88 13.18
CA LYS A 33 -4.33 -12.76 12.21
C LYS A 33 -3.27 -13.41 11.31
N ASP A 34 -3.70 -14.35 10.48
CA ASP A 34 -2.79 -15.04 9.57
C ASP A 34 -2.34 -14.11 8.45
N SER A 35 -1.48 -13.14 8.79
CA SER A 35 -0.97 -12.19 7.82
C SER A 35 0.53 -12.02 7.96
N GLY A 36 1.27 -12.48 6.95
CA GLY A 36 2.71 -12.36 6.98
C GLY A 36 3.18 -11.03 7.52
N ALA A 37 3.42 -10.08 6.62
CA ALA A 37 3.87 -8.76 7.01
C ALA A 37 2.86 -7.69 6.62
N LEU A 38 1.59 -8.09 6.53
CA LEU A 38 0.53 -7.17 6.15
C LEU A 38 0.05 -6.37 7.37
N LEU A 39 -0.42 -5.15 7.12
CA LEU A 39 -0.91 -4.29 8.19
C LEU A 39 -2.43 -4.20 8.17
N GLY A 40 -3.09 -5.35 8.28
CA GLY A 40 -4.55 -5.36 8.27
C GLY A 40 -5.11 -5.21 6.87
N LEU A 41 -4.51 -5.89 5.91
CA LEU A 41 -4.97 -5.82 4.53
C LEU A 41 -4.25 -6.85 3.66
N LYS A 42 -4.96 -7.38 2.66
CA LYS A 42 -4.40 -8.38 1.77
C LYS A 42 -4.02 -7.75 0.43
N VAL A 43 -2.79 -8.00 -0.01
CA VAL A 43 -2.31 -7.46 -1.27
C VAL A 43 -2.11 -8.58 -2.30
N VAL A 44 -2.44 -8.27 -3.55
CA VAL A 44 -2.31 -9.24 -4.63
C VAL A 44 -1.43 -8.70 -5.76
N GLY A 45 -0.15 -9.07 -5.72
CA GLY A 45 0.77 -8.61 -6.74
C GLY A 45 0.70 -9.42 -8.01
N GLY A 46 1.70 -9.30 -8.87
CA GLY A 46 1.71 -10.03 -10.12
C GLY A 46 0.48 -9.79 -10.96
N LYS A 47 -0.31 -8.79 -10.56
CA LYS A 47 -1.53 -8.46 -11.27
C LYS A 47 -1.23 -7.56 -12.47
N MET A 48 -2.23 -7.39 -13.34
CA MET A 48 -2.07 -6.57 -14.53
C MET A 48 -2.72 -5.20 -14.33
N THR A 49 -2.13 -4.17 -14.94
CA THR A 49 -2.65 -2.82 -14.83
C THR A 49 -3.04 -2.26 -16.20
N ASP A 50 -3.79 -1.17 -16.19
CA ASP A 50 -4.23 -0.54 -17.44
C ASP A 50 -3.04 0.05 -18.19
N LEU A 51 -1.91 0.21 -17.49
CA LEU A 51 -0.71 0.76 -18.10
C LEU A 51 0.01 -0.29 -18.94
N GLY A 52 -0.22 -1.56 -18.61
CA GLY A 52 0.41 -2.63 -19.36
C GLY A 52 1.43 -3.39 -18.53
N ARG A 53 1.79 -2.82 -17.38
CA ARG A 53 2.78 -3.44 -16.49
C ARG A 53 2.09 -4.17 -15.35
N LEU A 54 2.89 -4.76 -14.47
CA LEU A 54 2.35 -5.49 -13.32
C LEU A 54 2.17 -4.57 -12.12
N GLY A 55 1.38 -5.03 -11.15
CA GLY A 55 1.14 -4.23 -9.96
C GLY A 55 0.37 -5.00 -8.90
N ALA A 56 0.29 -4.43 -7.70
CA ALA A 56 -0.41 -5.07 -6.60
C ALA A 56 -1.63 -4.25 -6.18
N PHE A 57 -2.62 -4.91 -5.59
CA PHE A 57 -3.84 -4.24 -5.16
C PHE A 57 -4.34 -4.84 -3.84
N ILE A 58 -5.11 -4.05 -3.09
CA ILE A 58 -5.66 -4.51 -1.82
C ILE A 58 -7.02 -5.15 -2.00
N THR A 59 -7.11 -6.42 -1.62
CA THR A 59 -8.36 -7.17 -1.74
C THR A 59 -9.24 -6.97 -0.51
N LYS A 60 -8.60 -6.78 0.65
CA LYS A 60 -9.33 -6.58 1.89
C LYS A 60 -8.53 -5.69 2.84
N VAL A 61 -9.24 -5.00 3.74
CA VAL A 61 -8.59 -4.12 4.71
C VAL A 61 -9.27 -4.21 6.06
N LYS A 62 -8.59 -4.87 7.01
CA LYS A 62 -9.13 -5.03 8.35
C LYS A 62 -9.78 -3.74 8.84
N LYS A 63 -11.01 -3.85 9.33
CA LYS A 63 -11.74 -2.69 9.84
C LYS A 63 -11.20 -2.26 11.20
N GLY A 64 -10.71 -1.03 11.27
CA GLY A 64 -10.17 -0.51 12.52
C GLY A 64 -8.69 -0.80 12.67
N SER A 65 -8.05 -1.19 11.58
CA SER A 65 -6.62 -1.51 11.60
C SER A 65 -5.79 -0.29 11.23
N LEU A 66 -4.48 -0.40 11.39
CA LEU A 66 -3.57 0.69 11.07
C LEU A 66 -3.81 1.19 9.66
N ALA A 67 -3.95 0.28 8.72
CA ALA A 67 -4.19 0.63 7.33
C ALA A 67 -5.66 0.94 7.08
N ASP A 68 -6.41 1.13 8.17
CA ASP A 68 -7.83 1.44 8.06
C ASP A 68 -8.16 2.74 8.79
N VAL A 69 -7.41 3.03 9.85
CA VAL A 69 -7.61 4.24 10.63
C VAL A 69 -6.53 5.28 10.33
N VAL A 70 -5.34 4.80 9.99
CA VAL A 70 -4.24 5.69 9.67
C VAL A 70 -4.02 5.80 8.17
N GLY A 71 -4.09 4.66 7.49
CA GLY A 71 -3.91 4.64 6.05
C GLY A 71 -5.17 5.02 5.29
N HIS A 72 -6.32 4.77 5.92
CA HIS A 72 -7.61 5.08 5.30
C HIS A 72 -7.67 4.53 3.87
N LEU A 73 -7.00 3.40 3.65
CA LEU A 73 -6.99 2.77 2.34
C LEU A 73 -8.24 1.92 2.12
N ARG A 74 -8.51 1.57 0.87
CA ARG A 74 -9.67 0.75 0.54
C ARG A 74 -9.28 -0.37 -0.42
N ALA A 75 -10.15 -1.37 -0.55
CA ALA A 75 -9.90 -2.49 -1.45
C ALA A 75 -9.95 -2.05 -2.90
N GLY A 76 -8.82 -2.23 -3.59
CA GLY A 76 -8.75 -1.84 -4.99
C GLY A 76 -7.59 -0.89 -5.27
N ASP A 77 -7.04 -0.31 -4.22
CA ASP A 77 -5.93 0.63 -4.36
C ASP A 77 -4.69 -0.08 -4.90
N GLU A 78 -4.15 0.46 -5.98
CA GLU A 78 -2.96 -0.11 -6.61
C GLU A 78 -1.69 0.34 -5.90
N VAL A 79 -1.23 -0.46 -4.95
CA VAL A 79 -0.03 -0.13 -4.20
C VAL A 79 1.15 0.12 -5.12
N LEU A 80 1.48 1.39 -5.32
CA LEU A 80 2.59 1.77 -6.18
C LEU A 80 3.91 1.28 -5.62
N GLU A 81 4.16 1.60 -4.35
CA GLU A 81 5.40 1.20 -3.68
C GLU A 81 5.11 0.70 -2.26
N TRP A 82 5.99 -0.15 -1.76
CA TRP A 82 5.84 -0.70 -0.42
C TRP A 82 7.16 -0.66 0.35
N ASN A 83 7.29 0.30 1.26
CA ASN A 83 8.50 0.43 2.05
C ASN A 83 9.67 0.90 1.18
N GLY A 84 9.37 1.69 0.15
CA GLY A 84 10.40 2.19 -0.74
C GLY A 84 10.78 1.17 -1.79
N LYS A 85 9.82 0.34 -2.20
CA LYS A 85 10.07 -0.67 -3.21
C LYS A 85 8.96 -0.67 -4.27
N PRO A 86 9.38 -0.68 -5.55
CA PRO A 86 8.44 -0.68 -6.68
C PRO A 86 7.67 -1.98 -6.81
N LEU A 87 6.43 -1.98 -6.34
CA LEU A 87 5.59 -3.17 -6.39
C LEU A 87 5.30 -3.56 -7.84
N PRO A 88 4.99 -2.56 -8.67
CA PRO A 88 4.69 -2.77 -10.09
C PRO A 88 5.92 -3.17 -10.89
N GLY A 89 5.76 -4.18 -11.74
CA GLY A 89 6.87 -4.64 -12.55
C GLY A 89 7.38 -6.01 -12.13
N ALA A 90 6.80 -6.53 -11.05
CA ALA A 90 7.20 -7.84 -10.54
C ALA A 90 6.00 -8.78 -10.45
N THR A 91 6.27 -10.05 -10.17
CA THR A 91 5.22 -11.05 -10.07
C THR A 91 4.74 -11.21 -8.63
N ASN A 92 3.61 -11.87 -8.44
CA ASN A 92 3.06 -12.09 -7.11
C ASN A 92 4.07 -12.78 -6.21
N GLU A 93 5.04 -13.47 -6.82
CA GLU A 93 6.07 -14.17 -6.07
C GLU A 93 7.14 -13.21 -5.56
N GLU A 94 7.32 -12.11 -6.29
CA GLU A 94 8.31 -11.10 -5.91
C GLU A 94 7.69 -10.04 -5.02
N VAL A 95 6.42 -9.72 -5.27
CA VAL A 95 5.72 -8.73 -4.48
C VAL A 95 5.58 -9.16 -3.02
N TYR A 96 5.26 -10.43 -2.82
CA TYR A 96 5.10 -10.98 -1.48
C TYR A 96 6.34 -10.73 -0.64
N ASN A 97 7.50 -11.07 -1.19
CA ASN A 97 8.77 -10.89 -0.49
C ASN A 97 8.94 -9.43 -0.06
N ILE A 98 8.83 -8.52 -1.01
CA ILE A 98 8.97 -7.09 -0.74
C ILE A 98 8.19 -6.70 0.51
N ILE A 99 6.94 -7.16 0.59
CA ILE A 99 6.09 -6.85 1.73
C ILE A 99 6.54 -7.62 2.97
N LEU A 100 6.98 -8.85 2.76
CA LEU A 100 7.44 -9.69 3.86
C LEU A 100 8.61 -9.05 4.60
N GLU A 101 9.55 -8.50 3.83
CA GLU A 101 10.72 -7.85 4.42
C GLU A 101 10.31 -6.82 5.46
N SER A 102 9.15 -6.20 5.24
CA SER A 102 8.63 -5.20 6.16
C SER A 102 7.96 -5.84 7.36
N LYS A 103 8.21 -7.13 7.55
CA LYS A 103 7.62 -7.87 8.66
C LYS A 103 8.14 -7.36 10.00
N SER A 104 9.46 -7.31 10.13
CA SER A 104 10.09 -6.83 11.36
C SER A 104 10.25 -5.32 11.34
N GLU A 105 10.09 -4.73 10.16
CA GLU A 105 10.22 -3.28 10.00
C GLU A 105 9.23 -2.55 10.91
N PRO A 106 9.77 -1.74 11.82
CA PRO A 106 8.95 -0.95 12.76
C PRO A 106 8.19 0.17 12.07
N GLN A 107 8.50 0.40 10.80
CA GLN A 107 7.84 1.44 10.03
C GLN A 107 7.76 1.07 8.55
N VAL A 108 6.55 1.13 8.00
CA VAL A 108 6.35 0.80 6.59
C VAL A 108 5.61 1.92 5.86
N GLU A 109 6.16 2.33 4.73
CA GLU A 109 5.55 3.41 3.93
C GLU A 109 4.81 2.83 2.72
N ILE A 110 3.49 2.91 2.76
CA ILE A 110 2.67 2.40 1.67
C ILE A 110 2.24 3.53 0.72
N ILE A 111 2.53 3.35 -0.56
CA ILE A 111 2.17 4.35 -1.56
C ILE A 111 1.24 3.76 -2.62
N VAL A 112 -0.03 4.16 -2.57
CA VAL A 112 -1.03 3.68 -3.52
C VAL A 112 -1.44 4.78 -4.48
N SER A 113 -2.16 4.40 -5.54
CA SER A 113 -2.62 5.36 -6.53
C SER A 113 -4.13 5.22 -6.76
N ARG A 114 -4.87 6.30 -6.53
CA ARG A 114 -6.31 6.29 -6.71
C ARG A 114 -6.72 7.18 -7.88
N PRO A 115 -7.78 6.78 -8.59
CA PRO A 115 -8.30 7.53 -9.74
C PRO A 115 -8.94 8.85 -9.33
N SER A 116 -8.18 9.94 -9.46
CA SER A 116 -8.67 11.27 -9.09
C SER A 116 -10.11 11.46 -9.57
N GLY A 117 -10.34 11.22 -10.86
CA GLY A 117 -11.67 11.38 -11.41
C GLY A 117 -11.65 11.89 -12.84
N PRO A 118 -11.16 11.05 -13.77
CA PRO A 118 -11.08 11.39 -15.18
C PRO A 118 -12.45 11.48 -15.84
N SER A 119 -12.46 11.75 -17.15
CA SER A 119 -13.70 11.85 -17.90
C SER A 119 -13.72 10.91 -19.09
N SER A 120 -14.04 9.64 -18.83
CA SER A 120 -14.08 8.63 -19.87
C SER A 120 -14.58 9.23 -21.19
N GLY A 121 -15.63 10.04 -21.10
CA GLY A 121 -16.18 10.67 -22.29
C GLY A 121 -16.10 12.18 -22.24
N GLY A 1 5.07 12.91 16.62
CA GLY A 1 6.31 12.20 16.31
C GLY A 1 7.21 12.99 15.39
N SER A 2 8.49 12.63 15.39
CA SER A 2 9.48 13.32 14.56
C SER A 2 9.70 12.57 13.26
N SER A 3 10.21 11.34 13.36
CA SER A 3 10.49 10.52 12.20
C SER A 3 9.45 9.42 12.07
N GLY A 4 8.27 9.77 11.54
CA GLY A 4 7.21 8.80 11.38
C GLY A 4 6.00 9.39 10.66
N SER A 5 5.55 10.54 11.11
CA SER A 5 4.40 11.20 10.50
C SER A 5 3.37 10.18 10.04
N SER A 6 3.12 9.17 10.87
CA SER A 6 2.17 8.13 10.55
C SER A 6 0.79 8.72 10.21
N GLY A 7 0.56 8.94 8.93
CA GLY A 7 -0.71 9.51 8.50
C GLY A 7 -1.08 9.10 7.09
N VAL A 8 -1.70 10.01 6.35
CA VAL A 8 -2.11 9.74 4.98
C VAL A 8 -2.26 11.03 4.18
N THR A 9 -1.57 11.10 3.05
CA THR A 9 -1.62 12.28 2.18
C THR A 9 -2.08 11.91 0.77
N TRP A 10 -2.91 12.77 0.20
CA TRP A 10 -3.42 12.53 -1.16
C TRP A 10 -3.04 13.68 -2.09
N GLN A 11 -2.33 13.36 -3.16
CA GLN A 11 -1.91 14.37 -4.13
C GLN A 11 -1.98 13.82 -5.55
N PRO A 12 -2.09 14.72 -6.53
CA PRO A 12 -2.16 14.35 -7.95
C PRO A 12 -0.84 13.81 -8.48
N SER A 13 -0.91 12.76 -9.30
CA SER A 13 0.28 12.15 -9.86
C SER A 13 0.92 13.07 -10.90
N LYS A 14 2.01 12.61 -11.49
CA LYS A 14 2.73 13.38 -12.50
C LYS A 14 1.76 13.94 -13.54
N GLU A 15 0.82 13.11 -13.99
CA GLU A 15 -0.17 13.53 -14.98
C GLU A 15 -1.30 14.30 -14.31
N GLY A 16 -1.60 13.95 -13.07
CA GLY A 16 -2.67 14.62 -12.35
C GLY A 16 -3.98 13.86 -12.40
N ASP A 17 -4.09 12.95 -13.37
CA ASP A 17 -5.30 12.15 -13.53
C ASP A 17 -5.47 11.18 -12.36
N ARG A 18 -4.37 10.89 -11.68
CA ARG A 18 -4.39 9.97 -10.55
C ARG A 18 -4.06 10.71 -9.25
N LEU A 19 -4.22 10.01 -8.13
CA LEU A 19 -3.95 10.60 -6.82
C LEU A 19 -2.99 9.71 -6.03
N ILE A 20 -1.73 10.12 -5.95
CA ILE A 20 -0.72 9.38 -5.21
C ILE A 20 -0.96 9.47 -3.71
N GLY A 21 -1.55 8.43 -3.15
CA GLY A 21 -1.83 8.41 -1.72
C GLY A 21 -0.66 7.88 -0.92
N ARG A 22 -0.05 8.75 -0.12
CA ARG A 22 1.08 8.36 0.71
C ARG A 22 0.64 8.00 2.11
N VAL A 23 0.95 6.77 2.53
CA VAL A 23 0.58 6.30 3.86
C VAL A 23 1.77 5.65 4.57
N ILE A 24 1.82 5.80 5.89
CA ILE A 24 2.90 5.23 6.67
C ILE A 24 2.39 4.70 8.01
N LEU A 25 2.68 3.44 8.29
CA LEU A 25 2.25 2.81 9.54
C LEU A 25 3.45 2.29 10.33
N ASN A 26 3.49 2.63 11.62
CA ASN A 26 4.59 2.20 12.48
C ASN A 26 4.07 1.29 13.58
N LYS A 27 4.07 -0.01 13.32
CA LYS A 27 3.60 -1.00 14.29
C LYS A 27 4.78 -1.73 14.94
N ARG A 28 4.48 -2.57 15.91
CA ARG A 28 5.51 -3.33 16.61
C ARG A 28 5.12 -4.79 16.75
N THR A 29 5.36 -5.57 15.70
CA THR A 29 5.03 -6.99 15.71
C THR A 29 3.77 -7.26 16.54
N THR A 30 2.75 -6.42 16.35
CA THR A 30 1.51 -6.57 17.08
C THR A 30 0.49 -7.38 16.28
N MET A 31 0.82 -7.66 15.02
CA MET A 31 -0.06 -8.42 14.15
C MET A 31 0.67 -9.64 13.57
N PRO A 32 0.95 -10.62 14.43
CA PRO A 32 1.64 -11.85 14.03
C PRO A 32 0.78 -12.74 13.14
N LYS A 33 -0.52 -12.71 13.37
CA LYS A 33 -1.46 -13.51 12.59
C LYS A 33 -1.29 -13.24 11.10
N ASP A 34 -0.44 -14.03 10.44
CA ASP A 34 -0.20 -13.86 9.01
C ASP A 34 -0.25 -12.40 8.62
N SER A 35 0.20 -11.53 9.51
CA SER A 35 0.20 -10.10 9.25
C SER A 35 1.57 -9.49 9.56
N GLY A 36 2.62 -10.26 9.31
CA GLY A 36 3.97 -9.78 9.56
C GLY A 36 4.13 -8.30 9.27
N ALA A 37 3.88 -7.92 8.03
CA ALA A 37 4.00 -6.52 7.62
C ALA A 37 2.81 -6.09 6.78
N LEU A 38 1.80 -6.95 6.69
CA LEU A 38 0.61 -6.67 5.91
C LEU A 38 -0.07 -5.39 6.39
N LEU A 39 0.02 -5.13 7.69
CA LEU A 39 -0.58 -3.94 8.28
C LEU A 39 -2.10 -4.05 8.31
N GLY A 40 -2.59 -5.28 8.37
CA GLY A 40 -4.02 -5.50 8.41
C GLY A 40 -4.67 -5.32 7.05
N LEU A 41 -4.14 -5.99 6.04
CA LEU A 41 -4.66 -5.90 4.68
C LEU A 41 -3.94 -6.87 3.75
N LYS A 42 -4.69 -7.46 2.82
CA LYS A 42 -4.11 -8.40 1.86
C LYS A 42 -3.67 -7.68 0.59
N VAL A 43 -2.56 -8.12 0.03
CA VAL A 43 -2.03 -7.53 -1.19
C VAL A 43 -1.71 -8.59 -2.23
N VAL A 44 -2.25 -8.41 -3.44
CA VAL A 44 -2.02 -9.36 -4.52
C VAL A 44 -1.13 -8.75 -5.60
N GLY A 45 0.12 -9.18 -5.65
CA GLY A 45 1.05 -8.67 -6.64
C GLY A 45 0.95 -9.41 -7.96
N GLY A 46 1.98 -9.27 -8.79
CA GLY A 46 1.98 -9.92 -10.09
C GLY A 46 0.70 -9.70 -10.85
N LYS A 47 -0.07 -8.70 -10.44
CA LYS A 47 -1.34 -8.39 -11.10
C LYS A 47 -1.11 -7.49 -12.30
N MET A 48 -2.11 -7.43 -13.19
CA MET A 48 -2.01 -6.60 -14.38
C MET A 48 -2.65 -5.23 -14.14
N THR A 49 -2.05 -4.20 -14.73
CA THR A 49 -2.55 -2.83 -14.58
C THR A 49 -3.02 -2.27 -15.92
N ASP A 50 -3.94 -1.31 -15.86
CA ASP A 50 -4.47 -0.69 -17.07
C ASP A 50 -3.34 -0.11 -17.91
N LEU A 51 -2.24 0.23 -17.26
CA LEU A 51 -1.08 0.80 -17.96
C LEU A 51 -0.40 -0.24 -18.82
N GLY A 52 -0.55 -1.51 -18.45
CA GLY A 52 0.06 -2.59 -19.20
C GLY A 52 1.14 -3.31 -18.41
N ARG A 53 1.59 -2.70 -17.32
CA ARG A 53 2.63 -3.28 -16.49
C ARG A 53 2.00 -4.05 -15.31
N LEU A 54 2.86 -4.56 -14.43
CA LEU A 54 2.39 -5.30 -13.27
C LEU A 54 2.22 -4.39 -12.05
N GLY A 55 1.63 -4.92 -11.00
CA GLY A 55 1.42 -4.15 -9.79
C GLY A 55 0.64 -4.90 -8.73
N ALA A 56 0.54 -4.32 -7.54
CA ALA A 56 -0.20 -4.94 -6.45
C ALA A 56 -1.41 -4.11 -6.06
N PHE A 57 -2.45 -4.79 -5.59
CA PHE A 57 -3.67 -4.11 -5.17
C PHE A 57 -4.24 -4.73 -3.90
N ILE A 58 -4.91 -3.91 -3.09
CA ILE A 58 -5.49 -4.39 -1.84
C ILE A 58 -6.89 -4.96 -2.07
N THR A 59 -7.05 -6.24 -1.74
CA THR A 59 -8.33 -6.92 -1.92
C THR A 59 -9.21 -6.73 -0.69
N LYS A 60 -8.60 -6.67 0.48
CA LYS A 60 -9.34 -6.49 1.72
C LYS A 60 -8.55 -5.62 2.70
N VAL A 61 -9.26 -5.02 3.66
CA VAL A 61 -8.63 -4.16 4.65
C VAL A 61 -9.25 -4.37 6.02
N LYS A 62 -8.40 -4.46 7.04
CA LYS A 62 -8.86 -4.67 8.42
C LYS A 62 -9.51 -3.40 8.95
N LYS A 63 -10.82 -3.48 9.21
CA LYS A 63 -11.56 -2.34 9.73
C LYS A 63 -11.09 -1.97 11.14
N GLY A 64 -10.74 -0.71 11.32
CA GLY A 64 -10.27 -0.26 12.62
C GLY A 64 -8.79 -0.46 12.82
N SER A 65 -8.11 -0.87 11.75
CA SER A 65 -6.67 -1.13 11.80
C SER A 65 -5.89 0.08 11.29
N LEU A 66 -4.58 0.04 11.46
CA LEU A 66 -3.72 1.13 11.00
C LEU A 66 -3.94 1.43 9.52
N ALA A 67 -4.32 0.40 8.77
CA ALA A 67 -4.56 0.55 7.34
C ALA A 67 -6.01 0.92 7.07
N ASP A 68 -6.72 1.33 8.12
CA ASP A 68 -8.13 1.72 8.00
C ASP A 68 -8.38 3.05 8.71
N VAL A 69 -7.66 3.28 9.81
CA VAL A 69 -7.81 4.51 10.57
C VAL A 69 -6.71 5.50 10.24
N VAL A 70 -5.48 5.00 10.12
CA VAL A 70 -4.34 5.84 9.81
C VAL A 70 -4.06 5.86 8.30
N GLY A 71 -4.26 4.71 7.66
CA GLY A 71 -4.03 4.62 6.23
C GLY A 71 -5.23 5.07 5.42
N HIS A 72 -6.43 4.83 5.96
CA HIS A 72 -7.66 5.20 5.28
C HIS A 72 -7.70 4.63 3.85
N LEU A 73 -7.06 3.48 3.68
CA LEU A 73 -7.02 2.83 2.37
C LEU A 73 -8.25 1.93 2.16
N ARG A 74 -8.56 1.65 0.90
CA ARG A 74 -9.69 0.81 0.57
C ARG A 74 -9.29 -0.29 -0.40
N ALA A 75 -10.07 -1.36 -0.43
CA ALA A 75 -9.81 -2.48 -1.33
C ALA A 75 -9.86 -2.05 -2.79
N GLY A 76 -8.73 -2.18 -3.48
CA GLY A 76 -8.68 -1.79 -4.88
C GLY A 76 -7.58 -0.79 -5.17
N ASP A 77 -7.00 -0.23 -4.11
CA ASP A 77 -5.93 0.75 -4.24
C ASP A 77 -4.68 0.10 -4.84
N GLU A 78 -4.13 0.73 -5.88
CA GLU A 78 -2.95 0.21 -6.55
C GLU A 78 -1.68 0.62 -5.79
N VAL A 79 -1.19 -0.28 -4.95
CA VAL A 79 0.00 -0.01 -4.16
C VAL A 79 1.22 0.19 -5.07
N LEU A 80 1.53 1.45 -5.37
CA LEU A 80 2.66 1.78 -6.22
C LEU A 80 3.97 1.32 -5.58
N GLU A 81 4.28 1.86 -4.42
CA GLU A 81 5.51 1.49 -3.71
C GLU A 81 5.19 0.92 -2.33
N TRP A 82 5.98 -0.06 -1.92
CA TRP A 82 5.78 -0.69 -0.62
C TRP A 82 7.08 -0.70 0.19
N ASN A 83 7.22 0.27 1.08
CA ASN A 83 8.41 0.38 1.91
C ASN A 83 9.62 0.80 1.09
N GLY A 84 9.37 1.62 0.06
CA GLY A 84 10.45 2.08 -0.80
C GLY A 84 10.83 1.06 -1.86
N LYS A 85 9.86 0.25 -2.25
CA LYS A 85 10.10 -0.78 -3.27
C LYS A 85 9.02 -0.74 -4.35
N PRO A 86 9.45 -0.74 -5.61
CA PRO A 86 8.54 -0.69 -6.76
C PRO A 86 7.77 -2.00 -6.93
N LEU A 87 6.53 -2.01 -6.45
CA LEU A 87 5.67 -3.19 -6.55
C LEU A 87 5.40 -3.54 -8.01
N PRO A 88 5.09 -2.51 -8.82
CA PRO A 88 4.80 -2.69 -10.24
C PRO A 88 6.04 -3.07 -11.04
N GLY A 89 5.93 -4.15 -11.81
CA GLY A 89 7.03 -4.61 -12.62
C GLY A 89 7.55 -5.96 -12.18
N ALA A 90 7.05 -6.45 -11.05
CA ALA A 90 7.47 -7.74 -10.52
C ALA A 90 6.28 -8.69 -10.41
N THR A 91 6.57 -9.97 -10.20
CA THR A 91 5.53 -10.98 -10.07
C THR A 91 5.10 -11.15 -8.62
N ASN A 92 3.95 -11.79 -8.42
CA ASN A 92 3.43 -12.02 -7.08
C ASN A 92 4.47 -12.71 -6.19
N GLU A 93 5.36 -13.46 -6.83
CA GLU A 93 6.41 -14.18 -6.11
C GLU A 93 7.46 -13.20 -5.56
N GLU A 94 7.62 -12.08 -6.26
CA GLU A 94 8.60 -11.07 -5.86
C GLU A 94 7.95 -10.02 -4.96
N VAL A 95 6.66 -9.77 -5.19
CA VAL A 95 5.92 -8.79 -4.42
C VAL A 95 5.72 -9.26 -2.98
N TYR A 96 5.44 -10.55 -2.83
CA TYR A 96 5.21 -11.13 -1.52
C TYR A 96 6.44 -10.96 -0.63
N ASN A 97 7.61 -11.22 -1.19
CA ASN A 97 8.87 -11.10 -0.45
C ASN A 97 9.05 -9.67 0.06
N ILE A 98 8.74 -8.70 -0.78
CA ILE A 98 8.86 -7.30 -0.42
C ILE A 98 8.00 -6.95 0.78
N ILE A 99 6.77 -7.47 0.79
CA ILE A 99 5.85 -7.22 1.89
C ILE A 99 6.23 -8.03 3.12
N LEU A 100 6.68 -9.26 2.90
CA LEU A 100 7.08 -10.13 4.00
C LEU A 100 8.40 -9.68 4.59
N GLU A 101 9.24 -9.06 3.77
CA GLU A 101 10.54 -8.57 4.22
C GLU A 101 10.37 -7.47 5.27
N SER A 102 9.30 -6.70 5.14
CA SER A 102 9.03 -5.61 6.07
C SER A 102 8.34 -6.13 7.33
N LYS A 103 8.04 -7.42 7.33
CA LYS A 103 7.39 -8.04 8.48
C LYS A 103 7.98 -7.55 9.79
N SER A 104 9.31 -7.54 9.86
CA SER A 104 10.02 -7.10 11.06
C SER A 104 10.10 -5.58 11.11
N GLU A 105 10.13 -4.95 9.93
CA GLU A 105 10.21 -3.50 9.84
C GLU A 105 9.11 -2.84 10.67
N PRO A 106 9.52 -2.10 11.71
CA PRO A 106 8.59 -1.41 12.61
C PRO A 106 7.90 -0.23 11.92
N GLN A 107 8.30 0.05 10.69
CA GLN A 107 7.73 1.15 9.93
C GLN A 107 7.68 0.82 8.43
N VAL A 108 6.51 0.97 7.84
CA VAL A 108 6.33 0.69 6.41
C VAL A 108 5.64 1.85 5.70
N GLU A 109 6.19 2.24 4.56
CA GLU A 109 5.62 3.34 3.78
C GLU A 109 4.85 2.81 2.57
N ILE A 110 3.53 2.92 2.64
CA ILE A 110 2.67 2.45 1.56
C ILE A 110 2.26 3.61 0.65
N ILE A 111 2.57 3.47 -0.64
CA ILE A 111 2.23 4.49 -1.62
C ILE A 111 1.31 3.94 -2.70
N VAL A 112 0.04 4.34 -2.65
CA VAL A 112 -0.95 3.88 -3.64
C VAL A 112 -1.38 5.02 -4.55
N SER A 113 -2.25 4.71 -5.50
CA SER A 113 -2.74 5.71 -6.44
C SER A 113 -4.23 5.52 -6.71
N ARG A 114 -5.00 6.57 -6.48
CA ARG A 114 -6.44 6.52 -6.69
C ARG A 114 -6.85 7.41 -7.87
N PRO A 115 -7.93 7.02 -8.56
CA PRO A 115 -8.44 7.77 -9.72
C PRO A 115 -9.06 9.10 -9.32
N SER A 116 -8.31 10.18 -9.50
CA SER A 116 -8.79 11.51 -9.16
C SER A 116 -10.21 11.72 -9.65
N GLY A 117 -10.36 11.81 -10.97
CA GLY A 117 -11.67 12.01 -11.56
C GLY A 117 -11.70 13.20 -12.51
N PRO A 118 -11.19 12.98 -13.74
CA PRO A 118 -11.15 14.02 -14.77
C PRO A 118 -12.54 14.37 -15.29
N SER A 119 -12.89 15.65 -15.23
CA SER A 119 -14.19 16.11 -15.71
C SER A 119 -15.30 15.58 -14.82
N SER A 120 -15.05 15.54 -13.51
CA SER A 120 -16.04 15.06 -12.56
C SER A 120 -15.91 15.79 -11.22
N GLY A 121 -17.05 16.07 -10.60
CA GLY A 121 -17.04 16.76 -9.32
C GLY A 121 -18.35 17.48 -9.05
N GLY A 1 15.07 12.73 15.28
CA GLY A 1 13.73 12.92 15.81
C GLY A 1 12.77 11.82 15.39
N SER A 2 11.67 12.22 14.77
CA SER A 2 10.66 11.26 14.31
C SER A 2 10.90 10.88 12.86
N SER A 3 11.15 9.61 12.61
CA SER A 3 11.39 9.11 11.26
C SER A 3 10.36 9.69 10.29
N GLY A 4 9.10 9.68 10.69
CA GLY A 4 8.05 10.21 9.84
C GLY A 4 6.66 9.92 10.38
N SER A 5 5.89 10.96 10.60
CA SER A 5 4.54 10.82 11.13
C SER A 5 3.78 9.73 10.39
N SER A 6 3.05 8.90 11.14
CA SER A 6 2.28 7.82 10.55
C SER A 6 0.85 8.26 10.23
N GLY A 7 0.66 8.84 9.06
CA GLY A 7 -0.66 9.30 8.66
C GLY A 7 -0.99 8.93 7.23
N VAL A 8 -1.63 9.85 6.52
CA VAL A 8 -2.01 9.61 5.13
C VAL A 8 -2.19 10.93 4.37
N THR A 9 -1.54 11.03 3.21
CA THR A 9 -1.63 12.23 2.40
C THR A 9 -2.05 11.90 0.97
N TRP A 10 -2.93 12.72 0.41
CA TRP A 10 -3.43 12.51 -0.94
C TRP A 10 -3.06 13.69 -1.84
N GLN A 11 -2.39 13.39 -2.95
CA GLN A 11 -1.99 14.43 -3.89
C GLN A 11 -2.04 13.92 -5.32
N PRO A 12 -2.18 14.84 -6.28
CA PRO A 12 -2.25 14.51 -7.71
C PRO A 12 -0.91 14.00 -8.26
N SER A 13 -0.97 12.92 -9.02
CA SER A 13 0.23 12.34 -9.60
C SER A 13 0.89 13.31 -10.58
N LYS A 14 1.96 12.85 -11.23
CA LYS A 14 2.68 13.68 -12.19
C LYS A 14 1.73 14.23 -13.26
N GLU A 15 0.74 13.42 -13.64
CA GLU A 15 -0.22 13.83 -14.66
C GLU A 15 -1.40 14.58 -14.01
N GLY A 16 -1.72 14.20 -12.78
CA GLY A 16 -2.82 14.83 -12.07
C GLY A 16 -4.11 14.03 -12.16
N ASP A 17 -4.19 13.16 -13.15
CA ASP A 17 -5.37 12.33 -13.33
C ASP A 17 -5.49 11.29 -12.22
N ARG A 18 -4.41 11.10 -11.49
CA ARG A 18 -4.40 10.14 -10.39
C ARG A 18 -4.08 10.82 -9.06
N LEU A 19 -4.22 10.08 -7.97
CA LEU A 19 -3.96 10.63 -6.63
C LEU A 19 -2.99 9.73 -5.87
N ILE A 20 -1.74 10.16 -5.77
CA ILE A 20 -0.73 9.40 -5.06
C ILE A 20 -0.95 9.45 -3.55
N GLY A 21 -1.61 8.42 -3.02
CA GLY A 21 -1.87 8.38 -1.59
C GLY A 21 -0.69 7.87 -0.79
N ARG A 22 -0.04 8.76 -0.06
CA ARG A 22 1.12 8.40 0.75
C ARG A 22 0.71 8.04 2.16
N VAL A 23 0.96 6.80 2.56
CA VAL A 23 0.62 6.33 3.90
C VAL A 23 1.81 5.66 4.56
N ILE A 24 1.91 5.84 5.88
CA ILE A 24 3.01 5.25 6.65
C ILE A 24 2.53 4.80 8.02
N LEU A 25 2.85 3.55 8.36
CA LEU A 25 2.46 2.99 9.65
C LEU A 25 3.68 2.62 10.48
N ASN A 26 3.59 2.79 11.79
CA ASN A 26 4.68 2.48 12.69
C ASN A 26 4.25 1.44 13.73
N LYS A 27 4.16 0.18 13.30
CA LYS A 27 3.76 -0.90 14.19
C LYS A 27 4.96 -1.76 14.55
N ARG A 28 4.70 -2.85 15.27
CA ARG A 28 5.76 -3.76 15.69
C ARG A 28 5.44 -5.19 15.28
N THR A 29 6.42 -6.08 15.43
CA THR A 29 6.25 -7.48 15.07
C THR A 29 5.37 -8.21 16.09
N THR A 30 4.14 -7.74 16.24
CA THR A 30 3.20 -8.33 17.17
C THR A 30 2.21 -9.26 16.45
N MET A 31 2.14 -9.11 15.13
CA MET A 31 1.23 -9.92 14.33
C MET A 31 2.02 -10.84 13.39
N PRO A 32 2.86 -11.70 13.97
CA PRO A 32 3.68 -12.64 13.20
C PRO A 32 2.85 -13.74 12.55
N LYS A 33 1.79 -14.14 13.23
CA LYS A 33 0.91 -15.18 12.72
C LYS A 33 0.76 -15.09 11.20
N ASP A 34 0.13 -14.02 10.74
CA ASP A 34 -0.07 -13.80 9.31
C ASP A 34 0.33 -12.37 8.92
N SER A 35 -0.20 -11.39 9.63
CA SER A 35 0.10 -10.00 9.36
C SER A 35 1.46 -9.61 9.93
N GLY A 36 2.47 -10.44 9.68
CA GLY A 36 3.80 -10.16 10.18
C GLY A 36 4.36 -8.86 9.63
N ALA A 37 4.06 -8.57 8.38
CA ALA A 37 4.55 -7.35 7.74
C ALA A 37 3.39 -6.53 7.17
N LEU A 38 2.24 -7.17 7.03
CA LEU A 38 1.05 -6.50 6.50
C LEU A 38 0.60 -5.36 7.41
N LEU A 39 -0.26 -4.50 6.90
CA LEU A 39 -0.76 -3.36 7.67
C LEU A 39 -2.27 -3.47 7.87
N GLY A 40 -2.78 -4.71 7.90
CA GLY A 40 -4.19 -4.92 8.09
C GLY A 40 -4.96 -4.95 6.78
N LEU A 41 -4.45 -5.72 5.82
CA LEU A 41 -5.09 -5.82 4.51
C LEU A 41 -4.52 -6.98 3.71
N LYS A 42 -5.02 -7.17 2.50
CA LYS A 42 -4.55 -8.25 1.64
C LYS A 42 -4.14 -7.71 0.27
N VAL A 43 -2.84 -7.67 0.01
CA VAL A 43 -2.33 -7.18 -1.26
C VAL A 43 -2.03 -8.33 -2.22
N VAL A 44 -2.40 -8.16 -3.48
CA VAL A 44 -2.18 -9.17 -4.50
C VAL A 44 -1.27 -8.66 -5.60
N GLY A 45 -0.01 -9.12 -5.59
CA GLY A 45 0.94 -8.70 -6.60
C GLY A 45 0.83 -9.50 -7.88
N GLY A 46 1.85 -9.41 -8.73
CA GLY A 46 1.85 -10.14 -9.97
C GLY A 46 0.59 -9.92 -10.78
N LYS A 47 -0.18 -8.89 -10.41
CA LYS A 47 -1.43 -8.58 -11.10
C LYS A 47 -1.15 -7.76 -12.35
N MET A 48 -2.12 -7.72 -13.26
CA MET A 48 -1.99 -6.98 -14.50
C MET A 48 -2.58 -5.57 -14.35
N THR A 49 -1.87 -4.58 -14.89
CA THR A 49 -2.31 -3.19 -14.80
C THR A 49 -2.76 -2.69 -16.17
N ASP A 50 -3.65 -1.69 -16.16
CA ASP A 50 -4.17 -1.12 -17.40
C ASP A 50 -3.02 -0.70 -18.32
N LEU A 51 -1.95 -0.20 -17.73
CA LEU A 51 -0.79 0.24 -18.49
C LEU A 51 -0.13 -0.93 -19.21
N GLY A 52 -0.40 -2.14 -18.72
CA GLY A 52 0.17 -3.32 -19.32
C GLY A 52 1.22 -3.97 -18.44
N ARG A 53 1.71 -3.23 -17.46
CA ARG A 53 2.72 -3.74 -16.54
C ARG A 53 2.07 -4.46 -15.36
N LEU A 54 2.90 -4.93 -14.44
CA LEU A 54 2.42 -5.64 -13.26
C LEU A 54 2.23 -4.67 -12.08
N GLY A 55 1.59 -5.16 -11.03
CA GLY A 55 1.36 -4.33 -9.85
C GLY A 55 0.57 -5.05 -8.78
N ALA A 56 0.45 -4.42 -7.62
CA ALA A 56 -0.29 -5.01 -6.50
C ALA A 56 -1.48 -4.14 -6.11
N PHE A 57 -2.57 -4.78 -5.71
CA PHE A 57 -3.78 -4.07 -5.31
C PHE A 57 -4.36 -4.66 -4.02
N ILE A 58 -5.04 -3.83 -3.25
CA ILE A 58 -5.65 -4.26 -2.00
C ILE A 58 -7.02 -4.87 -2.24
N THR A 59 -7.18 -6.13 -1.83
CA THR A 59 -8.45 -6.83 -1.99
C THR A 59 -9.34 -6.64 -0.78
N LYS A 60 -8.72 -6.54 0.39
CA LYS A 60 -9.46 -6.36 1.63
C LYS A 60 -8.67 -5.52 2.63
N VAL A 61 -9.34 -4.57 3.27
CA VAL A 61 -8.70 -3.70 4.25
C VAL A 61 -9.28 -3.91 5.64
N LYS A 62 -8.50 -4.57 6.50
CA LYS A 62 -8.93 -4.84 7.87
C LYS A 62 -9.57 -3.60 8.49
N LYS A 63 -10.85 -3.69 8.82
CA LYS A 63 -11.57 -2.58 9.43
C LYS A 63 -11.02 -2.28 10.83
N GLY A 64 -10.63 -1.02 11.04
CA GLY A 64 -10.10 -0.62 12.34
C GLY A 64 -8.62 -0.93 12.47
N SER A 65 -7.98 -1.22 11.34
CA SER A 65 -6.56 -1.53 11.35
C SER A 65 -5.73 -0.30 10.97
N LEU A 66 -4.41 -0.42 11.08
CA LEU A 66 -3.50 0.68 10.76
C LEU A 66 -3.81 1.24 9.38
N ALA A 67 -4.03 0.34 8.42
CA ALA A 67 -4.34 0.75 7.05
C ALA A 67 -5.82 1.10 6.90
N ASP A 68 -6.48 1.31 8.03
CA ASP A 68 -7.90 1.65 8.02
C ASP A 68 -8.17 2.89 8.86
N VAL A 69 -7.36 3.10 9.90
CA VAL A 69 -7.50 4.25 10.77
C VAL A 69 -6.41 5.29 10.50
N VAL A 70 -5.21 4.80 10.20
CA VAL A 70 -4.09 5.69 9.92
C VAL A 70 -3.93 5.92 8.41
N GLY A 71 -4.14 4.86 7.64
CA GLY A 71 -4.02 4.97 6.20
C GLY A 71 -5.33 5.32 5.53
N HIS A 72 -6.43 4.77 6.05
CA HIS A 72 -7.75 5.01 5.50
C HIS A 72 -7.83 4.54 4.05
N LEU A 73 -7.12 3.46 3.74
CA LEU A 73 -7.12 2.91 2.38
C LEU A 73 -8.35 2.05 2.15
N ARG A 74 -8.62 1.76 0.88
CA ARG A 74 -9.77 0.95 0.51
C ARG A 74 -9.38 -0.11 -0.51
N ALA A 75 -10.26 -1.10 -0.69
CA ALA A 75 -10.01 -2.18 -1.63
C ALA A 75 -9.93 -1.65 -3.07
N GLY A 76 -8.84 -1.98 -3.76
CA GLY A 76 -8.66 -1.52 -5.13
C GLY A 76 -7.45 -0.64 -5.29
N ASP A 77 -7.05 0.03 -4.22
CA ASP A 77 -5.89 0.92 -4.25
C ASP A 77 -4.68 0.19 -4.84
N GLU A 78 -4.12 0.76 -5.91
CA GLU A 78 -2.95 0.16 -6.56
C GLU A 78 -1.67 0.54 -5.82
N VAL A 79 -1.23 -0.34 -4.93
CA VAL A 79 -0.01 -0.10 -4.16
C VAL A 79 1.18 0.11 -5.08
N LEU A 80 1.50 1.37 -5.35
CA LEU A 80 2.63 1.70 -6.22
C LEU A 80 3.94 1.22 -5.61
N GLU A 81 4.21 1.63 -4.38
CA GLU A 81 5.42 1.24 -3.68
C GLU A 81 5.11 0.75 -2.27
N TRP A 82 5.93 -0.17 -1.78
CA TRP A 82 5.75 -0.72 -0.43
C TRP A 82 7.06 -0.72 0.34
N ASN A 83 7.27 0.32 1.14
CA ASN A 83 8.49 0.44 1.94
C ASN A 83 9.68 0.84 1.06
N GLY A 84 9.40 1.64 0.03
CA GLY A 84 10.46 2.08 -0.86
C GLY A 84 10.82 1.02 -1.89
N LYS A 85 9.83 0.25 -2.31
CA LYS A 85 10.07 -0.80 -3.30
C LYS A 85 8.99 -0.77 -4.39
N PRO A 86 9.43 -0.78 -5.65
CA PRO A 86 8.54 -0.75 -6.80
C PRO A 86 7.76 -2.06 -6.97
N LEU A 87 6.54 -2.09 -6.47
CA LEU A 87 5.69 -3.27 -6.57
C LEU A 87 5.38 -3.61 -8.03
N PRO A 88 5.06 -2.57 -8.81
CA PRO A 88 4.74 -2.73 -10.23
C PRO A 88 5.95 -3.12 -11.07
N GLY A 89 5.86 -4.26 -11.74
CA GLY A 89 6.97 -4.71 -12.56
C GLY A 89 7.43 -6.11 -12.19
N ALA A 90 7.04 -6.56 -11.00
CA ALA A 90 7.42 -7.90 -10.52
C ALA A 90 6.20 -8.80 -10.44
N THR A 91 6.44 -10.06 -10.08
CA THR A 91 5.36 -11.04 -9.97
C THR A 91 4.90 -11.18 -8.52
N ASN A 92 3.79 -11.89 -8.33
CA ASN A 92 3.24 -12.10 -6.99
C ASN A 92 4.27 -12.77 -6.08
N GLU A 93 5.14 -13.58 -6.67
CA GLU A 93 6.16 -14.29 -5.91
C GLU A 93 7.25 -13.32 -5.44
N GLU A 94 7.44 -12.25 -6.19
CA GLU A 94 8.46 -11.25 -5.85
C GLU A 94 7.86 -10.14 -4.99
N VAL A 95 6.58 -9.84 -5.23
CA VAL A 95 5.89 -8.80 -4.48
C VAL A 95 5.66 -9.23 -3.03
N TYR A 96 5.33 -10.51 -2.85
CA TYR A 96 5.07 -11.05 -1.52
C TYR A 96 6.29 -10.88 -0.62
N ASN A 97 7.46 -11.17 -1.18
CA ASN A 97 8.71 -11.05 -0.42
C ASN A 97 8.95 -9.61 0.01
N ILE A 98 8.72 -8.67 -0.90
CA ILE A 98 8.91 -7.26 -0.61
C ILE A 98 8.03 -6.81 0.55
N ILE A 99 6.74 -7.16 0.48
CA ILE A 99 5.81 -6.81 1.53
C ILE A 99 6.15 -7.51 2.84
N LEU A 100 6.54 -8.77 2.75
CA LEU A 100 6.91 -9.56 3.92
C LEU A 100 8.21 -9.06 4.53
N GLU A 101 9.09 -8.56 3.68
CA GLU A 101 10.38 -8.05 4.14
C GLU A 101 10.20 -7.00 5.24
N SER A 102 9.09 -6.27 5.17
CA SER A 102 8.80 -5.23 6.16
C SER A 102 8.24 -5.85 7.44
N LYS A 103 8.32 -7.18 7.53
CA LYS A 103 7.83 -7.89 8.70
C LYS A 103 8.46 -7.34 9.98
N SER A 104 9.79 -7.35 10.03
CA SER A 104 10.51 -6.85 11.20
C SER A 104 10.52 -5.33 11.22
N GLU A 105 10.41 -4.72 10.04
CA GLU A 105 10.41 -3.26 9.93
C GLU A 105 9.27 -2.66 10.76
N PRO A 106 9.64 -1.92 11.81
CA PRO A 106 8.68 -1.27 12.71
C PRO A 106 7.94 -0.12 12.03
N GLN A 107 8.41 0.25 10.84
CA GLN A 107 7.79 1.34 10.08
C GLN A 107 7.76 1.02 8.60
N VAL A 108 6.57 1.08 8.01
CA VAL A 108 6.39 0.79 6.59
C VAL A 108 5.71 1.96 5.88
N GLU A 109 6.18 2.27 4.67
CA GLU A 109 5.61 3.36 3.89
C GLU A 109 4.89 2.82 2.65
N ILE A 110 3.56 2.87 2.69
CA ILE A 110 2.75 2.38 1.58
C ILE A 110 2.30 3.53 0.68
N ILE A 111 2.63 3.43 -0.60
CA ILE A 111 2.27 4.47 -1.56
C ILE A 111 1.33 3.92 -2.62
N VAL A 112 0.06 4.31 -2.54
CA VAL A 112 -0.95 3.85 -3.50
C VAL A 112 -1.37 4.98 -4.42
N SER A 113 -2.22 4.65 -5.40
CA SER A 113 -2.70 5.64 -6.36
C SER A 113 -4.19 5.49 -6.59
N ARG A 114 -4.93 6.57 -6.36
CA ARG A 114 -6.38 6.56 -6.54
C ARG A 114 -6.79 7.45 -7.72
N PRO A 115 -7.85 7.03 -8.43
CA PRO A 115 -8.36 7.77 -9.59
C PRO A 115 -9.02 9.08 -9.19
N SER A 116 -8.29 10.17 -9.37
CA SER A 116 -8.81 11.49 -9.03
C SER A 116 -10.21 11.69 -9.59
N GLY A 117 -11.19 11.82 -8.69
CA GLY A 117 -12.57 12.02 -9.10
C GLY A 117 -13.55 11.75 -7.98
N PRO A 118 -13.50 12.60 -6.95
CA PRO A 118 -14.39 12.48 -5.79
C PRO A 118 -15.84 12.81 -6.12
N SER A 119 -16.09 13.12 -7.39
CA SER A 119 -17.43 13.46 -7.84
C SER A 119 -18.33 12.23 -7.87
N SER A 120 -17.91 11.21 -8.62
CA SER A 120 -18.67 9.97 -8.73
C SER A 120 -18.09 8.89 -7.83
N GLY A 121 -18.79 8.62 -6.72
CA GLY A 121 -18.33 7.60 -5.80
C GLY A 121 -19.46 6.76 -5.26
N GLY A 1 12.25 6.17 14.48
CA GLY A 1 11.47 5.99 13.26
C GLY A 1 11.79 7.03 12.20
N SER A 2 11.55 6.69 10.95
CA SER A 2 11.82 7.61 9.84
C SER A 2 10.98 8.88 9.99
N SER A 3 11.60 10.02 9.70
CA SER A 3 10.91 11.31 9.80
C SER A 3 9.55 11.25 9.13
N GLY A 4 8.60 12.01 9.66
CA GLY A 4 7.27 12.03 9.10
C GLY A 4 6.29 11.19 9.90
N SER A 5 5.36 11.85 10.58
CA SER A 5 4.37 11.15 11.39
C SER A 5 3.71 10.02 10.60
N SER A 6 2.83 9.28 11.25
CA SER A 6 2.15 8.16 10.61
C SER A 6 0.71 8.55 10.25
N GLY A 7 0.55 9.21 9.11
CA GLY A 7 -0.77 9.62 8.67
C GLY A 7 -1.06 9.21 7.24
N VAL A 8 -1.71 10.10 6.49
CA VAL A 8 -2.05 9.83 5.10
C VAL A 8 -2.25 11.11 4.32
N THR A 9 -1.52 11.24 3.21
CA THR A 9 -1.62 12.43 2.37
C THR A 9 -1.96 12.07 0.93
N TRP A 10 -2.92 12.76 0.37
CA TRP A 10 -3.35 12.51 -1.01
C TRP A 10 -2.96 13.67 -1.92
N GLN A 11 -2.28 13.34 -3.03
CA GLN A 11 -1.86 14.36 -3.98
C GLN A 11 -1.92 13.82 -5.41
N PRO A 12 -1.96 14.75 -6.38
CA PRO A 12 -2.02 14.38 -7.80
C PRO A 12 -0.72 13.78 -8.30
N SER A 13 -0.82 12.80 -9.20
CA SER A 13 0.35 12.13 -9.75
C SER A 13 1.05 13.02 -10.78
N LYS A 14 2.17 12.54 -11.30
CA LYS A 14 2.93 13.29 -12.30
C LYS A 14 2.01 13.82 -13.39
N GLU A 15 1.05 12.99 -13.81
CA GLU A 15 0.11 13.38 -14.85
C GLU A 15 -1.03 14.21 -14.28
N GLY A 16 -1.43 13.90 -13.05
CA GLY A 16 -2.50 14.62 -12.40
C GLY A 16 -3.83 13.90 -12.50
N ASP A 17 -3.90 12.91 -13.39
CA ASP A 17 -5.12 12.14 -13.59
C ASP A 17 -5.31 11.13 -12.46
N ARG A 18 -4.29 11.00 -11.60
CA ARG A 18 -4.35 10.07 -10.49
C ARG A 18 -4.03 10.78 -9.18
N LEU A 19 -4.25 10.09 -8.06
CA LEU A 19 -3.98 10.65 -6.74
C LEU A 19 -3.04 9.76 -5.95
N ILE A 20 -1.77 10.15 -5.85
CA ILE A 20 -0.78 9.39 -5.12
C ILE A 20 -0.98 9.53 -3.62
N GLY A 21 -1.47 8.46 -2.99
CA GLY A 21 -1.70 8.49 -1.56
C GLY A 21 -0.52 7.95 -0.76
N ARG A 22 0.11 8.82 0.01
CA ARG A 22 1.26 8.42 0.81
C ARG A 22 0.85 8.09 2.25
N VAL A 23 0.91 6.81 2.61
CA VAL A 23 0.54 6.37 3.94
C VAL A 23 1.72 5.73 4.66
N ILE A 24 1.87 6.04 5.94
CA ILE A 24 2.95 5.49 6.74
C ILE A 24 2.46 5.01 8.09
N LEU A 25 2.62 3.72 8.35
CA LEU A 25 2.19 3.12 9.61
C LEU A 25 3.36 2.50 10.35
N ASN A 26 3.42 2.72 11.66
CA ASN A 26 4.50 2.18 12.48
C ASN A 26 3.96 1.10 13.42
N LYS A 27 4.03 -0.15 12.98
CA LYS A 27 3.56 -1.27 13.79
C LYS A 27 4.73 -2.15 14.23
N ARG A 28 4.40 -3.27 14.88
CA ARG A 28 5.42 -4.20 15.34
C ARG A 28 5.08 -5.63 14.94
N THR A 29 5.92 -6.57 15.36
CA THR A 29 5.71 -7.98 15.05
C THR A 29 4.61 -8.58 15.91
N THR A 30 3.40 -8.02 15.79
CA THR A 30 2.26 -8.50 16.56
C THR A 30 1.31 -9.31 15.67
N MET A 31 1.64 -9.41 14.39
CA MET A 31 0.81 -10.15 13.45
C MET A 31 1.54 -11.41 12.97
N PRO A 32 1.78 -12.34 13.90
CA PRO A 32 2.47 -13.61 13.59
C PRO A 32 1.61 -14.53 12.74
N LYS A 33 0.30 -14.43 12.90
CA LYS A 33 -0.63 -15.26 12.14
C LYS A 33 -0.41 -15.09 10.64
N ASP A 34 0.58 -15.79 10.10
CA ASP A 34 0.89 -15.72 8.68
C ASP A 34 0.61 -14.31 8.14
N SER A 35 1.13 -13.31 8.84
CA SER A 35 0.93 -11.92 8.43
C SER A 35 2.27 -11.20 8.31
N GLY A 36 3.33 -11.84 8.81
CA GLY A 36 4.65 -11.24 8.75
C GLY A 36 4.61 -9.72 8.80
N ALA A 37 4.56 -9.10 7.63
CA ALA A 37 4.51 -7.64 7.54
C ALA A 37 3.19 -7.17 6.95
N LEU A 38 2.09 -7.66 7.49
CA LEU A 38 0.76 -7.29 7.02
C LEU A 38 0.13 -6.24 7.93
N LEU A 39 -0.24 -5.11 7.34
CA LEU A 39 -0.87 -4.03 8.10
C LEU A 39 -2.39 -4.11 8.03
N GLY A 40 -2.93 -5.27 8.39
CA GLY A 40 -4.37 -5.46 8.36
C GLY A 40 -4.95 -5.27 6.97
N LEU A 41 -4.31 -5.88 5.98
CA LEU A 41 -4.77 -5.76 4.59
C LEU A 41 -4.01 -6.74 3.69
N LYS A 42 -4.72 -7.30 2.71
CA LYS A 42 -4.13 -8.25 1.78
C LYS A 42 -3.69 -7.54 0.50
N VAL A 43 -2.57 -8.00 -0.06
CA VAL A 43 -2.04 -7.41 -1.29
C VAL A 43 -1.78 -8.49 -2.34
N VAL A 44 -2.32 -8.28 -3.54
CA VAL A 44 -2.15 -9.23 -4.63
C VAL A 44 -1.23 -8.67 -5.70
N GLY A 45 0.03 -9.12 -5.71
CA GLY A 45 0.98 -8.64 -6.69
C GLY A 45 0.87 -9.39 -8.01
N GLY A 46 1.89 -9.26 -8.84
CA GLY A 46 1.88 -9.92 -10.14
C GLY A 46 0.59 -9.69 -10.90
N LYS A 47 -0.16 -8.67 -10.48
CA LYS A 47 -1.42 -8.34 -11.14
C LYS A 47 -1.20 -7.48 -12.38
N MET A 48 -2.15 -7.51 -13.29
CA MET A 48 -2.05 -6.73 -14.52
C MET A 48 -2.65 -5.34 -14.33
N THR A 49 -2.07 -4.35 -15.00
CA THR A 49 -2.55 -2.98 -14.90
C THR A 49 -3.08 -2.48 -16.25
N ASP A 50 -3.85 -1.39 -16.21
CA ASP A 50 -4.40 -0.81 -17.43
C ASP A 50 -3.30 -0.35 -18.37
N LEU A 51 -2.15 -0.02 -17.81
CA LEU A 51 -1.02 0.44 -18.60
C LEU A 51 -0.35 -0.72 -19.32
N GLY A 52 -0.52 -1.92 -18.79
CA GLY A 52 0.07 -3.10 -19.39
C GLY A 52 1.13 -3.73 -18.53
N ARG A 53 1.59 -2.98 -17.52
CA ARG A 53 2.62 -3.48 -16.61
C ARG A 53 2.00 -4.20 -15.42
N LEU A 54 2.84 -4.63 -14.49
CA LEU A 54 2.37 -5.34 -13.30
C LEU A 54 2.22 -4.38 -12.12
N GLY A 55 1.45 -4.80 -11.12
CA GLY A 55 1.23 -3.97 -9.96
C GLY A 55 0.54 -4.72 -8.83
N ALA A 56 0.43 -4.07 -7.68
CA ALA A 56 -0.22 -4.68 -6.52
C ALA A 56 -1.46 -3.90 -6.10
N PHE A 57 -2.52 -4.62 -5.75
CA PHE A 57 -3.76 -3.99 -5.33
C PHE A 57 -4.28 -4.62 -4.04
N ILE A 58 -4.96 -3.81 -3.23
CA ILE A 58 -5.51 -4.30 -1.96
C ILE A 58 -6.87 -4.95 -2.17
N THR A 59 -7.01 -6.19 -1.71
CA THR A 59 -8.27 -6.92 -1.84
C THR A 59 -9.01 -6.98 -0.52
N LYS A 60 -8.30 -6.73 0.57
CA LYS A 60 -8.90 -6.76 1.90
C LYS A 60 -8.17 -5.81 2.84
N VAL A 61 -8.91 -5.22 3.78
CA VAL A 61 -8.34 -4.29 4.75
C VAL A 61 -9.14 -4.28 6.04
N LYS A 62 -8.60 -4.90 7.08
CA LYS A 62 -9.26 -4.96 8.37
C LYS A 62 -9.83 -3.59 8.75
N LYS A 63 -11.07 -3.59 9.23
CA LYS A 63 -11.72 -2.35 9.64
C LYS A 63 -11.22 -1.89 11.01
N GLY A 64 -10.88 -0.61 11.11
CA GLY A 64 -10.40 -0.07 12.36
C GLY A 64 -8.91 -0.30 12.55
N SER A 65 -8.28 -0.97 11.59
CA SER A 65 -6.85 -1.25 11.67
C SER A 65 -6.04 -0.04 11.25
N LEU A 66 -4.72 -0.11 11.46
CA LEU A 66 -3.83 0.99 11.10
C LEU A 66 -4.04 1.41 9.65
N ALA A 67 -4.16 0.43 8.76
CA ALA A 67 -4.37 0.71 7.35
C ALA A 67 -5.83 1.03 7.05
N ASP A 68 -6.59 1.29 8.11
CA ASP A 68 -8.00 1.61 7.97
C ASP A 68 -8.33 2.93 8.65
N VAL A 69 -7.56 3.27 9.68
CA VAL A 69 -7.76 4.51 10.42
C VAL A 69 -6.67 5.52 10.11
N VAL A 70 -5.43 5.04 9.99
CA VAL A 70 -4.29 5.90 9.71
C VAL A 70 -4.04 5.98 8.20
N GLY A 71 -4.37 4.91 7.49
CA GLY A 71 -4.18 4.88 6.06
C GLY A 71 -5.44 5.20 5.29
N HIS A 72 -6.59 4.98 5.93
CA HIS A 72 -7.88 5.24 5.29
C HIS A 72 -7.92 4.66 3.89
N LEU A 73 -7.22 3.55 3.68
CA LEU A 73 -7.17 2.89 2.38
C LEU A 73 -8.38 1.97 2.20
N ARG A 74 -8.67 1.63 0.95
CA ARG A 74 -9.80 0.76 0.63
C ARG A 74 -9.37 -0.37 -0.31
N ALA A 75 -10.23 -1.37 -0.44
CA ALA A 75 -9.94 -2.51 -1.30
C ALA A 75 -10.02 -2.11 -2.77
N GLY A 76 -8.86 -2.04 -3.43
CA GLY A 76 -8.82 -1.68 -4.82
C GLY A 76 -7.69 -0.72 -5.14
N ASP A 77 -7.09 -0.15 -4.10
CA ASP A 77 -5.99 0.79 -4.27
C ASP A 77 -4.75 0.09 -4.81
N GLU A 78 -4.15 0.67 -5.85
CA GLU A 78 -2.96 0.10 -6.45
C GLU A 78 -1.70 0.53 -5.71
N VAL A 79 -1.22 -0.33 -4.81
CA VAL A 79 -0.02 -0.03 -4.03
C VAL A 79 1.20 0.15 -4.93
N LEU A 80 1.52 1.40 -5.24
CA LEU A 80 2.67 1.71 -6.08
C LEU A 80 3.96 1.23 -5.45
N GLU A 81 4.24 1.73 -4.24
CA GLU A 81 5.46 1.35 -3.53
C GLU A 81 5.12 0.81 -2.14
N TRP A 82 5.87 -0.19 -1.70
CA TRP A 82 5.66 -0.79 -0.39
C TRP A 82 6.93 -0.78 0.43
N ASN A 83 7.09 0.25 1.26
CA ASN A 83 8.28 0.39 2.11
C ASN A 83 9.50 0.78 1.27
N GLY A 84 9.26 1.59 0.25
CA GLY A 84 10.35 2.03 -0.61
C GLY A 84 10.75 0.98 -1.63
N LYS A 85 9.75 0.25 -2.15
CA LYS A 85 10.01 -0.79 -3.13
C LYS A 85 8.95 -0.75 -4.24
N PRO A 86 9.40 -0.78 -5.49
CA PRO A 86 8.51 -0.75 -6.66
C PRO A 86 7.72 -2.05 -6.82
N LEU A 87 6.46 -2.02 -6.37
CA LEU A 87 5.60 -3.19 -6.46
C LEU A 87 5.35 -3.57 -7.92
N PRO A 88 5.07 -2.57 -8.75
CA PRO A 88 4.80 -2.76 -10.18
C PRO A 88 6.05 -3.19 -10.94
N GLY A 89 5.88 -4.14 -11.86
CA GLY A 89 7.00 -4.61 -12.65
C GLY A 89 7.53 -5.95 -12.16
N ALA A 90 6.88 -6.50 -11.14
CA ALA A 90 7.29 -7.79 -10.59
C ALA A 90 6.11 -8.76 -10.52
N THR A 91 6.41 -10.01 -10.21
CA THR A 91 5.37 -11.04 -10.12
C THR A 91 4.92 -11.24 -8.68
N ASN A 92 3.78 -11.89 -8.50
CA ASN A 92 3.23 -12.15 -7.17
C ASN A 92 4.28 -12.83 -6.29
N GLU A 93 5.21 -13.54 -6.93
CA GLU A 93 6.26 -14.24 -6.20
C GLU A 93 7.31 -13.27 -5.68
N GLU A 94 7.47 -12.14 -6.37
CA GLU A 94 8.45 -11.14 -5.98
C GLU A 94 7.81 -10.12 -5.03
N VAL A 95 6.53 -9.84 -5.23
CA VAL A 95 5.81 -8.89 -4.40
C VAL A 95 5.73 -9.37 -2.95
N TYR A 96 5.40 -10.64 -2.77
CA TYR A 96 5.29 -11.22 -1.45
C TYR A 96 6.57 -10.99 -0.64
N ASN A 97 7.72 -11.21 -1.29
CA ASN A 97 9.01 -11.03 -0.63
C ASN A 97 9.19 -9.57 -0.20
N ILE A 98 8.78 -8.65 -1.06
CA ILE A 98 8.90 -7.22 -0.75
C ILE A 98 8.14 -6.86 0.51
N ILE A 99 6.91 -7.34 0.61
CA ILE A 99 6.07 -7.08 1.78
C ILE A 99 6.56 -7.84 3.00
N LEU A 100 6.90 -9.12 2.80
CA LEU A 100 7.38 -9.96 3.88
C LEU A 100 8.69 -9.40 4.46
N GLU A 101 9.49 -8.80 3.59
CA GLU A 101 10.77 -8.23 4.01
C GLU A 101 10.56 -7.17 5.09
N SER A 102 9.39 -6.54 5.07
CA SER A 102 9.07 -5.50 6.04
C SER A 102 8.52 -6.12 7.33
N LYS A 103 8.44 -7.44 7.36
CA LYS A 103 7.93 -8.16 8.53
C LYS A 103 8.71 -7.77 9.78
N SER A 104 9.96 -7.37 9.59
CA SER A 104 10.81 -6.99 10.70
C SER A 104 11.02 -5.47 10.73
N GLU A 105 10.14 -4.75 10.04
CA GLU A 105 10.23 -3.29 9.99
C GLU A 105 9.14 -2.64 10.84
N PRO A 106 9.56 -1.87 11.85
CA PRO A 106 8.63 -1.18 12.75
C PRO A 106 7.89 -0.04 12.07
N GLN A 107 8.29 0.26 10.82
CA GLN A 107 7.65 1.33 10.06
C GLN A 107 7.53 0.94 8.59
N VAL A 108 6.32 1.01 8.07
CA VAL A 108 6.06 0.67 6.67
C VAL A 108 5.37 1.82 5.94
N GLU A 109 5.94 2.23 4.82
CA GLU A 109 5.37 3.32 4.03
C GLU A 109 4.63 2.78 2.81
N ILE A 110 3.30 2.87 2.84
CA ILE A 110 2.48 2.40 1.74
C ILE A 110 2.08 3.54 0.82
N ILE A 111 2.43 3.42 -0.46
CA ILE A 111 2.11 4.43 -1.45
C ILE A 111 1.23 3.87 -2.56
N VAL A 112 -0.05 4.25 -2.53
CA VAL A 112 -1.00 3.78 -3.54
C VAL A 112 -1.42 4.92 -4.47
N SER A 113 -2.25 4.59 -5.46
CA SER A 113 -2.73 5.58 -6.41
C SER A 113 -4.22 5.41 -6.68
N ARG A 114 -4.98 6.48 -6.47
CA ARG A 114 -6.42 6.44 -6.69
C ARG A 114 -6.81 7.30 -7.88
N PRO A 115 -7.93 6.95 -8.53
CA PRO A 115 -8.44 7.68 -9.69
C PRO A 115 -8.98 9.06 -9.32
N SER A 116 -8.14 10.08 -9.47
CA SER A 116 -8.53 11.45 -9.15
C SER A 116 -9.91 11.76 -9.72
N GLY A 117 -10.83 12.15 -8.84
CA GLY A 117 -12.17 12.49 -9.26
C GLY A 117 -12.45 13.97 -9.20
N PRO A 118 -12.89 14.46 -8.03
CA PRO A 118 -13.20 15.87 -7.83
C PRO A 118 -11.95 16.74 -7.83
N SER A 119 -12.06 17.91 -8.46
CA SER A 119 -10.94 18.85 -8.54
C SER A 119 -11.43 20.28 -8.75
N SER A 120 -10.61 21.24 -8.35
CA SER A 120 -10.96 22.65 -8.48
C SER A 120 -11.00 23.06 -9.95
N GLY A 121 -9.91 22.79 -10.67
CA GLY A 121 -9.84 23.14 -12.07
C GLY A 121 -9.04 24.40 -12.32
N GLY A 1 17.02 16.59 13.45
CA GLY A 1 16.02 15.71 14.00
C GLY A 1 14.80 15.57 13.09
N SER A 2 14.16 14.40 13.15
CA SER A 2 12.98 14.14 12.31
C SER A 2 11.97 13.28 13.07
N SER A 3 10.71 13.40 12.68
CA SER A 3 9.64 12.64 13.32
C SER A 3 8.93 11.74 12.30
N GLY A 4 8.85 10.46 12.61
CA GLY A 4 8.20 9.52 11.71
C GLY A 4 6.68 9.51 11.88
N SER A 5 6.05 10.64 11.55
CA SER A 5 4.60 10.76 11.68
C SER A 5 3.90 9.71 10.82
N SER A 6 2.97 8.98 11.44
CA SER A 6 2.22 7.94 10.74
C SER A 6 0.82 8.41 10.40
N GLY A 7 0.65 8.93 9.19
CA GLY A 7 -0.65 9.42 8.76
C GLY A 7 -0.97 9.05 7.32
N VAL A 8 -1.67 9.94 6.63
CA VAL A 8 -2.03 9.70 5.24
C VAL A 8 -2.28 11.01 4.50
N THR A 9 -1.56 11.22 3.41
CA THR A 9 -1.70 12.43 2.61
C THR A 9 -2.02 12.11 1.15
N TRP A 10 -2.95 12.84 0.57
CA TRP A 10 -3.34 12.63 -0.82
C TRP A 10 -2.97 13.84 -1.68
N GLN A 11 -2.33 13.58 -2.81
CA GLN A 11 -1.92 14.64 -3.72
C GLN A 11 -2.01 14.17 -5.17
N PRO A 12 -2.06 15.13 -6.10
CA PRO A 12 -2.14 14.85 -7.54
C PRO A 12 -0.86 14.26 -8.09
N SER A 13 -0.98 13.35 -9.04
CA SER A 13 0.17 12.71 -9.65
C SER A 13 0.84 13.63 -10.66
N LYS A 14 1.99 13.20 -11.17
CA LYS A 14 2.73 13.99 -12.15
C LYS A 14 1.80 14.54 -13.22
N GLU A 15 0.76 13.78 -13.56
CA GLU A 15 -0.19 14.20 -14.57
C GLU A 15 -1.31 15.03 -13.94
N GLY A 16 -1.67 14.69 -12.71
CA GLY A 16 -2.72 15.41 -12.02
C GLY A 16 -4.06 14.72 -12.12
N ASP A 17 -4.15 13.74 -13.01
CA ASP A 17 -5.40 13.00 -13.20
C ASP A 17 -5.55 11.91 -12.14
N ARG A 18 -4.49 11.69 -11.37
CA ARG A 18 -4.50 10.68 -10.32
C ARG A 18 -4.19 11.31 -8.96
N LEU A 19 -4.34 10.51 -7.90
CA LEU A 19 -4.07 10.98 -6.55
C LEU A 19 -3.15 10.02 -5.81
N ILE A 20 -1.90 10.41 -5.66
CA ILE A 20 -0.92 9.59 -4.96
C ILE A 20 -1.08 9.69 -3.45
N GLY A 21 -1.57 8.62 -2.85
CA GLY A 21 -1.77 8.61 -1.40
C GLY A 21 -0.57 8.08 -0.66
N ARG A 22 0.09 8.95 0.11
CA ARG A 22 1.27 8.56 0.88
C ARG A 22 0.89 8.18 2.30
N VAL A 23 0.95 6.89 2.59
CA VAL A 23 0.62 6.39 3.92
C VAL A 23 1.84 5.77 4.61
N ILE A 24 1.90 5.90 5.93
CA ILE A 24 3.00 5.35 6.70
C ILE A 24 2.52 4.76 8.02
N LEU A 25 3.01 3.58 8.35
CA LEU A 25 2.64 2.91 9.60
C LEU A 25 3.87 2.54 10.41
N ASN A 26 3.70 2.46 11.73
CA ASN A 26 4.79 2.11 12.62
C ASN A 26 4.37 1.03 13.61
N LYS A 27 4.69 -0.21 13.30
CA LYS A 27 4.35 -1.34 14.16
C LYS A 27 5.59 -2.11 14.57
N ARG A 28 5.53 -2.74 15.74
CA ARG A 28 6.66 -3.52 16.24
C ARG A 28 6.33 -5.01 16.25
N THR A 29 5.10 -5.35 16.61
CA THR A 29 4.66 -6.74 16.66
C THR A 29 4.16 -7.20 15.31
N THR A 30 4.39 -8.47 14.99
CA THR A 30 3.96 -9.03 13.72
C THR A 30 2.54 -9.58 13.81
N MET A 31 1.67 -9.12 12.92
CA MET A 31 0.28 -9.56 12.90
C MET A 31 0.19 -11.06 13.22
N PRO A 32 -0.74 -11.40 14.13
CA PRO A 32 -0.96 -12.80 14.54
C PRO A 32 -1.59 -13.64 13.44
N LYS A 33 -2.42 -12.99 12.62
CA LYS A 33 -3.09 -13.69 11.52
C LYS A 33 -2.15 -13.87 10.34
N ASP A 34 -2.54 -14.74 9.41
CA ASP A 34 -1.73 -15.00 8.23
C ASP A 34 -1.10 -13.71 7.70
N SER A 35 -1.85 -12.62 7.77
CA SER A 35 -1.38 -11.33 7.30
C SER A 35 0.11 -11.17 7.56
N GLY A 36 0.56 -11.68 8.70
CA GLY A 36 1.97 -11.58 9.05
C GLY A 36 2.48 -10.15 9.03
N ALA A 37 3.08 -9.76 7.91
CA ALA A 37 3.60 -8.40 7.76
C ALA A 37 2.51 -7.44 7.33
N LEU A 38 1.50 -7.95 6.65
CA LEU A 38 0.39 -7.12 6.18
C LEU A 38 -0.17 -6.28 7.32
N LEU A 39 0.19 -4.99 7.32
CA LEU A 39 -0.27 -4.07 8.35
C LEU A 39 -1.74 -4.33 8.69
N GLY A 40 -2.52 -4.70 7.68
CA GLY A 40 -3.93 -4.98 7.88
C GLY A 40 -4.72 -4.94 6.60
N LEU A 41 -4.31 -5.76 5.64
CA LEU A 41 -5.00 -5.81 4.35
C LEU A 41 -4.41 -6.91 3.46
N LYS A 42 -5.20 -7.39 2.51
CA LYS A 42 -4.76 -8.44 1.59
C LYS A 42 -4.29 -7.84 0.27
N VAL A 43 -3.00 -7.97 -0.02
CA VAL A 43 -2.43 -7.45 -1.25
C VAL A 43 -2.15 -8.57 -2.24
N VAL A 44 -2.53 -8.35 -3.49
CA VAL A 44 -2.32 -9.35 -4.54
C VAL A 44 -1.36 -8.83 -5.60
N GLY A 45 -0.11 -9.29 -5.53
CA GLY A 45 0.89 -8.86 -6.49
C GLY A 45 0.84 -9.65 -7.78
N GLY A 46 1.86 -9.50 -8.62
CA GLY A 46 1.91 -10.21 -9.88
C GLY A 46 0.65 -10.01 -10.71
N LYS A 47 -0.13 -8.99 -10.36
CA LYS A 47 -1.36 -8.69 -11.07
C LYS A 47 -1.07 -7.87 -12.33
N MET A 48 -2.01 -7.90 -13.27
CA MET A 48 -1.86 -7.16 -14.52
C MET A 48 -2.52 -5.79 -14.43
N THR A 49 -1.90 -4.79 -15.05
CA THR A 49 -2.43 -3.44 -15.04
C THR A 49 -2.84 -2.99 -16.44
N ASP A 50 -3.57 -1.89 -16.52
CA ASP A 50 -4.02 -1.36 -17.80
C ASP A 50 -2.84 -0.85 -18.63
N LEU A 51 -1.73 -0.58 -17.95
CA LEU A 51 -0.53 -0.09 -18.62
C LEU A 51 0.21 -1.23 -19.32
N GLY A 52 -0.12 -2.47 -18.93
CA GLY A 52 0.52 -3.62 -19.52
C GLY A 52 1.56 -4.25 -18.60
N ARG A 53 1.93 -3.51 -17.56
CA ARG A 53 2.92 -4.01 -16.60
C ARG A 53 2.25 -4.68 -15.41
N LEU A 54 3.06 -5.24 -14.53
CA LEU A 54 2.55 -5.92 -13.35
C LEU A 54 2.31 -4.94 -12.20
N GLY A 55 1.66 -5.40 -11.15
CA GLY A 55 1.39 -4.56 -10.00
C GLY A 55 0.60 -5.27 -8.92
N ALA A 56 0.34 -4.57 -7.82
CA ALA A 56 -0.41 -5.15 -6.71
C ALA A 56 -1.62 -4.28 -6.35
N PHE A 57 -2.63 -4.91 -5.77
CA PHE A 57 -3.85 -4.20 -5.38
C PHE A 57 -4.42 -4.77 -4.09
N ILE A 58 -5.11 -3.92 -3.34
CA ILE A 58 -5.71 -4.34 -2.08
C ILE A 58 -7.11 -4.93 -2.30
N THR A 59 -7.25 -6.22 -1.98
CA THR A 59 -8.53 -6.90 -2.15
C THR A 59 -9.38 -6.79 -0.89
N LYS A 60 -8.72 -6.64 0.25
CA LYS A 60 -9.42 -6.51 1.53
C LYS A 60 -8.66 -5.60 2.47
N VAL A 61 -9.38 -4.93 3.36
CA VAL A 61 -8.78 -4.02 4.33
C VAL A 61 -9.24 -4.33 5.74
N LYS A 62 -8.33 -4.81 6.58
CA LYS A 62 -8.65 -5.14 7.96
C LYS A 62 -9.24 -3.95 8.69
N LYS A 63 -10.53 -4.03 9.01
CA LYS A 63 -11.22 -2.96 9.70
C LYS A 63 -10.59 -2.70 11.07
N GLY A 64 -10.21 -1.45 11.31
CA GLY A 64 -9.58 -1.09 12.57
C GLY A 64 -8.08 -1.20 12.54
N SER A 65 -7.55 -1.59 11.38
CA SER A 65 -6.10 -1.73 11.22
C SER A 65 -5.45 -0.39 10.92
N LEU A 66 -4.13 -0.36 10.94
CA LEU A 66 -3.37 0.86 10.66
C LEU A 66 -3.66 1.37 9.25
N ALA A 67 -3.78 0.44 8.31
CA ALA A 67 -4.05 0.79 6.92
C ALA A 67 -5.52 1.16 6.72
N ASP A 68 -6.27 1.16 7.82
CA ASP A 68 -7.69 1.50 7.77
C ASP A 68 -8.00 2.68 8.68
N VAL A 69 -7.21 2.82 9.75
CA VAL A 69 -7.40 3.91 10.70
C VAL A 69 -6.35 5.01 10.50
N VAL A 70 -5.17 4.60 10.05
CA VAL A 70 -4.08 5.54 9.82
C VAL A 70 -3.87 5.78 8.33
N GLY A 71 -4.22 4.79 7.52
CA GLY A 71 -4.06 4.92 6.08
C GLY A 71 -5.35 5.28 5.38
N HIS A 72 -6.47 4.77 5.91
CA HIS A 72 -7.77 5.04 5.32
C HIS A 72 -7.85 4.52 3.90
N LEU A 73 -7.08 3.47 3.61
CA LEU A 73 -7.06 2.88 2.27
C LEU A 73 -8.30 2.03 2.04
N ARG A 74 -8.55 1.69 0.78
CA ARG A 74 -9.70 0.88 0.41
C ARG A 74 -9.30 -0.28 -0.51
N ALA A 75 -10.24 -1.17 -0.76
CA ALA A 75 -9.98 -2.32 -1.63
C ALA A 75 -10.04 -1.92 -3.10
N GLY A 76 -8.91 -2.05 -3.79
CA GLY A 76 -8.86 -1.70 -5.20
C GLY A 76 -7.72 -0.75 -5.52
N ASP A 77 -7.18 -0.11 -4.48
CA ASP A 77 -6.08 0.82 -4.66
C ASP A 77 -4.85 0.12 -5.25
N GLU A 78 -4.18 0.79 -6.19
CA GLU A 78 -3.00 0.22 -6.82
C GLU A 78 -1.74 0.61 -6.07
N VAL A 79 -1.28 -0.28 -5.19
CA VAL A 79 -0.08 -0.03 -4.40
C VAL A 79 1.14 0.19 -5.30
N LEU A 80 1.52 1.45 -5.46
CA LEU A 80 2.67 1.79 -6.30
C LEU A 80 3.98 1.34 -5.65
N GLU A 81 4.19 1.78 -4.41
CA GLU A 81 5.40 1.42 -3.68
C GLU A 81 5.06 0.92 -2.29
N TRP A 82 5.77 -0.12 -1.85
CA TRP A 82 5.54 -0.70 -0.53
C TRP A 82 6.82 -0.71 0.30
N ASN A 83 7.00 0.32 1.11
CA ASN A 83 8.19 0.43 1.95
C ASN A 83 9.42 0.77 1.11
N GLY A 84 9.22 1.60 0.09
CA GLY A 84 10.32 2.00 -0.77
C GLY A 84 10.68 0.92 -1.78
N LYS A 85 9.68 0.19 -2.25
CA LYS A 85 9.90 -0.88 -3.22
C LYS A 85 8.84 -0.84 -4.32
N PRO A 86 9.30 -0.87 -5.58
CA PRO A 86 8.40 -0.84 -6.74
C PRO A 86 7.62 -2.14 -6.90
N LEU A 87 6.35 -2.11 -6.48
CA LEU A 87 5.49 -3.28 -6.57
C LEU A 87 5.27 -3.69 -8.03
N PRO A 88 5.00 -2.69 -8.88
CA PRO A 88 4.76 -2.91 -10.31
C PRO A 88 6.03 -3.33 -11.05
N GLY A 89 5.92 -4.39 -11.85
CA GLY A 89 7.07 -4.87 -12.60
C GLY A 89 7.58 -6.20 -12.08
N ALA A 90 6.94 -6.72 -11.04
CA ALA A 90 7.33 -7.99 -10.45
C ALA A 90 6.15 -8.95 -10.37
N THR A 91 6.40 -10.18 -9.94
CA THR A 91 5.37 -11.19 -9.83
C THR A 91 4.82 -11.26 -8.41
N ASN A 92 3.73 -12.00 -8.24
CA ASN A 92 3.10 -12.15 -6.92
C ASN A 92 4.10 -12.72 -5.91
N GLU A 93 5.02 -13.54 -6.41
CA GLU A 93 6.03 -14.15 -5.54
C GLU A 93 7.04 -13.11 -5.07
N GLU A 94 7.25 -12.08 -5.89
CA GLU A 94 8.20 -11.02 -5.56
C GLU A 94 7.54 -9.95 -4.69
N VAL A 95 6.29 -9.61 -5.02
CA VAL A 95 5.55 -8.60 -4.27
C VAL A 95 5.31 -9.05 -2.83
N TYR A 96 4.98 -10.32 -2.66
CA TYR A 96 4.72 -10.87 -1.34
C TYR A 96 5.95 -10.74 -0.44
N ASN A 97 7.11 -11.11 -0.98
CA ASN A 97 8.36 -11.03 -0.24
C ASN A 97 8.64 -9.60 0.21
N ILE A 98 8.54 -8.66 -0.72
CA ILE A 98 8.78 -7.26 -0.42
C ILE A 98 7.97 -6.81 0.79
N ILE A 99 6.72 -7.26 0.86
CA ILE A 99 5.84 -6.91 1.96
C ILE A 99 6.16 -7.74 3.21
N LEU A 100 6.67 -8.95 2.98
CA LEU A 100 7.01 -9.85 4.08
C LEU A 100 8.21 -9.31 4.86
N GLU A 101 9.18 -8.75 4.15
CA GLU A 101 10.37 -8.20 4.78
C GLU A 101 10.03 -7.01 5.66
N SER A 102 8.89 -6.36 5.36
CA SER A 102 8.45 -5.21 6.13
C SER A 102 8.01 -5.62 7.53
N LYS A 103 7.66 -6.89 7.68
CA LYS A 103 7.21 -7.41 8.97
C LYS A 103 8.19 -7.03 10.08
N SER A 104 9.48 -7.18 9.81
CA SER A 104 10.51 -6.84 10.78
C SER A 104 10.73 -5.34 10.85
N GLU A 105 10.40 -4.65 9.76
CA GLU A 105 10.56 -3.20 9.69
C GLU A 105 9.56 -2.50 10.61
N PRO A 106 10.08 -1.71 11.56
CA PRO A 106 9.26 -0.97 12.52
C PRO A 106 8.48 0.16 11.86
N GLN A 107 8.76 0.40 10.59
CA GLN A 107 8.08 1.45 9.84
C GLN A 107 7.92 1.07 8.37
N VAL A 108 6.69 1.20 7.87
CA VAL A 108 6.40 0.88 6.47
C VAL A 108 5.66 2.01 5.78
N GLU A 109 6.15 2.43 4.63
CA GLU A 109 5.53 3.50 3.87
C GLU A 109 4.77 2.94 2.66
N ILE A 110 3.45 3.05 2.71
CA ILE A 110 2.60 2.55 1.62
C ILE A 110 2.19 3.69 0.68
N ILE A 111 2.52 3.54 -0.59
CA ILE A 111 2.18 4.56 -1.58
C ILE A 111 1.28 3.99 -2.67
N VAL A 112 0.01 4.37 -2.65
CA VAL A 112 -0.95 3.89 -3.63
C VAL A 112 -1.40 5.01 -4.57
N SER A 113 -2.16 4.67 -5.59
CA SER A 113 -2.65 5.65 -6.54
C SER A 113 -4.17 5.53 -6.73
N ARG A 114 -4.88 6.62 -6.48
CA ARG A 114 -6.32 6.64 -6.62
C ARG A 114 -6.76 7.56 -7.75
N PRO A 115 -7.88 7.21 -8.40
CA PRO A 115 -8.42 7.99 -9.52
C PRO A 115 -8.97 9.33 -9.08
N SER A 116 -8.14 10.37 -9.15
CA SER A 116 -8.56 11.71 -8.75
C SER A 116 -10.02 11.97 -9.14
N GLY A 117 -10.37 11.60 -10.36
CA GLY A 117 -11.73 11.80 -10.83
C GLY A 117 -12.39 10.51 -11.27
N PRO A 118 -12.25 10.17 -12.55
CA PRO A 118 -12.83 8.95 -13.13
C PRO A 118 -12.14 7.69 -12.62
N SER A 119 -12.92 6.77 -12.08
CA SER A 119 -12.38 5.52 -11.57
C SER A 119 -12.66 4.36 -12.52
N SER A 120 -12.47 4.61 -13.81
CA SER A 120 -12.70 3.60 -14.83
C SER A 120 -11.42 3.36 -15.65
N GLY A 121 -10.64 2.38 -15.22
CA GLY A 121 -9.41 2.05 -15.93
C GLY A 121 -9.33 0.59 -16.33
N GLY A 1 14.02 14.67 4.40
CA GLY A 1 13.02 13.71 4.00
C GLY A 1 11.62 14.27 4.08
N SER A 2 10.91 13.90 5.15
CA SER A 2 9.54 14.37 5.34
C SER A 2 9.10 14.18 6.79
N SER A 3 7.95 14.73 7.14
CA SER A 3 7.42 14.63 8.50
C SER A 3 7.32 13.17 8.92
N GLY A 4 7.86 12.87 10.10
CA GLY A 4 7.83 11.51 10.61
C GLY A 4 6.59 11.24 11.43
N SER A 5 5.43 11.45 10.84
CA SER A 5 4.15 11.23 11.53
C SER A 5 3.25 10.31 10.72
N SER A 6 3.10 9.08 11.17
CA SER A 6 2.25 8.10 10.49
C SER A 6 0.89 8.71 10.16
N GLY A 7 0.56 8.71 8.87
CA GLY A 7 -0.72 9.25 8.43
C GLY A 7 -1.04 8.91 7.00
N VAL A 8 -1.64 9.85 6.28
CA VAL A 8 -2.00 9.65 4.88
C VAL A 8 -2.12 10.97 4.14
N THR A 9 -1.63 10.99 2.90
CA THR A 9 -1.69 12.20 2.09
C THR A 9 -2.12 11.88 0.66
N TRP A 10 -3.04 12.68 0.14
CA TRP A 10 -3.55 12.48 -1.22
C TRP A 10 -3.19 13.67 -2.10
N GLN A 11 -2.41 13.41 -3.15
CA GLN A 11 -2.00 14.46 -4.08
C GLN A 11 -2.06 13.96 -5.52
N PRO A 12 -2.18 14.90 -6.47
CA PRO A 12 -2.26 14.59 -7.90
C PRO A 12 -0.93 14.06 -8.45
N SER A 13 -1.01 13.10 -9.35
CA SER A 13 0.18 12.50 -9.94
C SER A 13 0.80 13.45 -10.98
N LYS A 14 1.99 13.11 -11.44
CA LYS A 14 2.69 13.93 -12.43
C LYS A 14 1.71 14.45 -13.48
N GLU A 15 0.81 13.59 -13.92
CA GLU A 15 -0.19 13.97 -14.92
C GLU A 15 -1.32 14.78 -14.29
N GLY A 16 -1.69 14.41 -13.07
CA GLY A 16 -2.76 15.11 -12.38
C GLY A 16 -4.08 14.39 -12.48
N ASP A 17 -4.14 13.38 -13.35
CA ASP A 17 -5.36 12.61 -13.53
C ASP A 17 -5.54 11.59 -12.41
N ARG A 18 -4.44 11.28 -11.72
CA ARG A 18 -4.48 10.32 -10.63
C ARG A 18 -4.18 11.00 -9.29
N LEU A 19 -4.29 10.25 -8.21
CA LEU A 19 -4.04 10.79 -6.87
C LEU A 19 -3.14 9.84 -6.08
N ILE A 20 -1.87 10.22 -5.94
CA ILE A 20 -0.91 9.42 -5.20
C ILE A 20 -1.18 9.48 -3.70
N GLY A 21 -1.54 8.34 -3.11
CA GLY A 21 -1.82 8.30 -1.70
C GLY A 21 -0.64 7.81 -0.88
N ARG A 22 0.01 8.72 -0.16
CA ARG A 22 1.17 8.37 0.65
C ARG A 22 0.75 8.06 2.08
N VAL A 23 0.96 6.81 2.50
CA VAL A 23 0.60 6.40 3.85
C VAL A 23 1.79 5.73 4.55
N ILE A 24 1.85 5.90 5.86
CA ILE A 24 2.94 5.33 6.66
C ILE A 24 2.43 4.82 8.01
N LEU A 25 2.86 3.62 8.38
CA LEU A 25 2.45 3.02 9.65
C LEU A 25 3.67 2.63 10.48
N ASN A 26 3.54 2.76 11.80
CA ASN A 26 4.63 2.42 12.70
C ASN A 26 4.17 1.38 13.74
N LYS A 27 4.42 0.11 13.45
CA LYS A 27 4.03 -0.97 14.35
C LYS A 27 5.24 -1.84 14.70
N ARG A 28 5.19 -2.45 15.87
CA ARG A 28 6.28 -3.31 16.32
C ARG A 28 5.76 -4.70 16.68
N THR A 29 6.10 -5.68 15.86
CA THR A 29 5.67 -7.06 16.08
C THR A 29 4.23 -7.11 16.59
N THR A 30 3.33 -6.46 15.86
CA THR A 30 1.92 -6.42 16.23
C THR A 30 1.22 -7.73 15.87
N MET A 31 1.41 -8.18 14.64
CA MET A 31 0.81 -9.43 14.18
C MET A 31 1.87 -10.40 13.67
N PRO A 32 2.76 -10.81 14.59
CA PRO A 32 3.84 -11.75 14.26
C PRO A 32 3.33 -13.16 13.97
N LYS A 33 2.52 -13.68 14.88
CA LYS A 33 1.96 -15.01 14.73
C LYS A 33 1.41 -15.22 13.32
N ASP A 34 1.08 -14.11 12.66
CA ASP A 34 0.54 -14.16 11.30
C ASP A 34 0.36 -12.76 10.73
N SER A 35 0.88 -12.54 9.53
CA SER A 35 0.78 -11.24 8.88
C SER A 35 1.74 -10.24 9.51
N GLY A 36 2.90 -10.74 9.95
CA GLY A 36 3.89 -9.88 10.57
C GLY A 36 3.96 -8.52 9.91
N ALA A 37 4.39 -8.50 8.65
CA ALA A 37 4.52 -7.25 7.89
C ALA A 37 3.14 -6.68 7.55
N LEU A 38 2.31 -7.49 6.92
CA LEU A 38 0.97 -7.07 6.53
C LEU A 38 0.38 -6.12 7.57
N LEU A 39 0.13 -4.88 7.16
CA LEU A 39 -0.44 -3.88 8.04
C LEU A 39 -1.84 -4.27 8.50
N GLY A 40 -2.38 -5.33 7.89
CA GLY A 40 -3.71 -5.78 8.23
C GLY A 40 -4.60 -5.95 7.03
N LEU A 41 -4.01 -5.92 5.84
CA LEU A 41 -4.76 -6.06 4.60
C LEU A 41 -4.12 -7.09 3.68
N LYS A 42 -4.86 -7.52 2.67
CA LYS A 42 -4.36 -8.51 1.72
C LYS A 42 -3.98 -7.84 0.40
N VAL A 43 -2.73 -8.02 -0.01
CA VAL A 43 -2.24 -7.45 -1.25
C VAL A 43 -2.00 -8.52 -2.30
N VAL A 44 -2.46 -8.26 -3.53
CA VAL A 44 -2.31 -9.21 -4.62
C VAL A 44 -1.39 -8.65 -5.70
N GLY A 45 -0.17 -9.17 -5.76
CA GLY A 45 0.79 -8.72 -6.75
C GLY A 45 0.70 -9.51 -8.04
N GLY A 46 1.72 -9.36 -8.89
CA GLY A 46 1.74 -10.08 -10.15
C GLY A 46 0.52 -9.79 -11.00
N LYS A 47 -0.27 -8.81 -10.58
CA LYS A 47 -1.49 -8.44 -11.30
C LYS A 47 -1.16 -7.54 -12.49
N MET A 48 -2.14 -7.34 -13.36
CA MET A 48 -1.96 -6.50 -14.54
C MET A 48 -2.57 -5.12 -14.31
N THR A 49 -1.90 -4.09 -14.83
CA THR A 49 -2.37 -2.72 -14.68
C THR A 49 -2.77 -2.13 -16.04
N ASP A 50 -3.56 -1.06 -16.00
CA ASP A 50 -4.02 -0.41 -17.22
C ASP A 50 -2.83 0.18 -17.99
N LEU A 51 -1.69 0.29 -17.32
CA LEU A 51 -0.49 0.83 -17.96
C LEU A 51 0.21 -0.22 -18.81
N GLY A 52 -0.12 -1.49 -18.55
CA GLY A 52 0.49 -2.57 -19.30
C GLY A 52 1.48 -3.36 -18.48
N ARG A 53 1.93 -2.79 -17.38
CA ARG A 53 2.89 -3.45 -16.50
C ARG A 53 2.18 -4.18 -15.36
N LEU A 54 2.97 -4.73 -14.44
CA LEU A 54 2.42 -5.45 -13.29
C LEU A 54 2.25 -4.53 -12.10
N GLY A 55 1.44 -4.95 -11.13
CA GLY A 55 1.21 -4.14 -9.95
C GLY A 55 0.41 -4.88 -8.89
N ALA A 56 0.43 -4.36 -7.67
CA ALA A 56 -0.29 -4.98 -6.57
C ALA A 56 -1.52 -4.16 -6.18
N PHE A 57 -2.52 -4.83 -5.61
CA PHE A 57 -3.74 -4.15 -5.19
C PHE A 57 -4.26 -4.72 -3.88
N ILE A 58 -5.09 -3.96 -3.19
CA ILE A 58 -5.65 -4.38 -1.92
C ILE A 58 -7.02 -5.04 -2.11
N THR A 59 -7.13 -6.29 -1.72
CA THR A 59 -8.37 -7.04 -1.84
C THR A 59 -9.27 -6.83 -0.62
N LYS A 60 -8.63 -6.68 0.54
CA LYS A 60 -9.37 -6.47 1.78
C LYS A 60 -8.56 -5.62 2.76
N VAL A 61 -9.26 -4.92 3.65
CA VAL A 61 -8.61 -4.07 4.64
C VAL A 61 -9.31 -4.16 5.98
N LYS A 62 -8.69 -4.87 6.93
CA LYS A 62 -9.26 -5.04 8.26
C LYS A 62 -9.84 -3.72 8.77
N LYS A 63 -10.98 -3.80 9.45
CA LYS A 63 -11.63 -2.62 9.99
C LYS A 63 -10.99 -2.19 11.30
N GLY A 64 -10.48 -0.97 11.34
CA GLY A 64 -9.84 -0.46 12.54
C GLY A 64 -8.35 -0.70 12.55
N SER A 65 -7.83 -1.27 11.47
CA SER A 65 -6.41 -1.56 11.36
C SER A 65 -5.63 -0.31 10.98
N LEU A 66 -4.31 -0.40 11.07
CA LEU A 66 -3.43 0.73 10.75
C LEU A 66 -3.79 1.31 9.39
N ALA A 67 -3.98 0.44 8.40
CA ALA A 67 -4.34 0.87 7.06
C ALA A 67 -5.83 1.16 6.94
N ASP A 68 -6.48 1.31 8.08
CA ASP A 68 -7.92 1.60 8.12
C ASP A 68 -8.20 2.85 8.95
N VAL A 69 -7.33 3.13 9.91
CA VAL A 69 -7.49 4.29 10.77
C VAL A 69 -6.41 5.34 10.47
N VAL A 70 -5.22 4.87 10.12
CA VAL A 70 -4.11 5.76 9.81
C VAL A 70 -3.94 5.93 8.31
N GLY A 71 -4.10 4.83 7.57
CA GLY A 71 -3.96 4.88 6.13
C GLY A 71 -5.26 5.21 5.43
N HIS A 72 -6.37 4.70 5.98
CA HIS A 72 -7.68 4.94 5.40
C HIS A 72 -7.76 4.40 3.98
N LEU A 73 -6.99 3.34 3.71
CA LEU A 73 -6.97 2.73 2.39
C LEU A 73 -8.21 1.86 2.17
N ARG A 74 -8.49 1.54 0.91
CA ARG A 74 -9.64 0.72 0.57
C ARG A 74 -9.26 -0.37 -0.43
N ALA A 75 -10.15 -1.35 -0.61
CA ALA A 75 -9.91 -2.44 -1.54
C ALA A 75 -9.95 -1.95 -2.98
N GLY A 76 -8.86 -2.17 -3.71
CA GLY A 76 -8.80 -1.76 -5.10
C GLY A 76 -7.62 -0.85 -5.38
N ASP A 77 -7.11 -0.21 -4.34
CA ASP A 77 -5.97 0.69 -4.48
C ASP A 77 -4.77 -0.05 -5.08
N GLU A 78 -4.14 0.56 -6.07
CA GLU A 78 -2.97 -0.03 -6.72
C GLU A 78 -1.69 0.34 -6.00
N VAL A 79 -1.25 -0.52 -5.08
CA VAL A 79 -0.04 -0.28 -4.32
C VAL A 79 1.15 -0.06 -5.24
N LEU A 80 1.56 1.20 -5.39
CA LEU A 80 2.69 1.54 -6.25
C LEU A 80 4.01 1.08 -5.62
N GLU A 81 4.22 1.47 -4.36
CA GLU A 81 5.43 1.11 -3.65
C GLU A 81 5.10 0.60 -2.24
N TRP A 82 5.90 -0.35 -1.77
CA TRP A 82 5.70 -0.91 -0.43
C TRP A 82 6.98 -0.82 0.39
N ASN A 83 7.11 0.26 1.15
CA ASN A 83 8.29 0.46 1.99
C ASN A 83 9.50 0.84 1.15
N GLY A 84 9.25 1.63 0.11
CA GLY A 84 10.33 2.07 -0.77
C GLY A 84 10.71 1.01 -1.79
N LYS A 85 9.77 0.14 -2.11
CA LYS A 85 10.01 -0.93 -3.08
C LYS A 85 8.95 -0.91 -4.18
N PRO A 86 9.42 -0.93 -5.44
CA PRO A 86 8.52 -0.92 -6.60
C PRO A 86 7.75 -2.22 -6.76
N LEU A 87 6.51 -2.22 -6.29
CA LEU A 87 5.65 -3.40 -6.37
C LEU A 87 5.37 -3.78 -7.83
N PRO A 88 5.09 -2.75 -8.65
CA PRO A 88 4.80 -2.95 -10.08
C PRO A 88 6.04 -3.37 -10.86
N GLY A 89 5.88 -4.39 -11.69
CA GLY A 89 7.00 -4.87 -12.50
C GLY A 89 7.49 -6.23 -12.05
N ALA A 90 6.89 -6.75 -10.98
CA ALA A 90 7.28 -8.06 -10.45
C ALA A 90 6.07 -9.00 -10.38
N THR A 91 6.33 -10.25 -10.08
CA THR A 91 5.27 -11.26 -9.98
C THR A 91 4.80 -11.41 -8.54
N ASN A 92 3.61 -11.97 -8.36
CA ASN A 92 3.03 -12.17 -7.04
C ASN A 92 4.04 -12.89 -6.12
N GLU A 93 4.99 -13.59 -6.73
CA GLU A 93 6.00 -14.32 -5.98
C GLU A 93 7.08 -13.37 -5.46
N GLU A 94 7.32 -12.29 -6.20
CA GLU A 94 8.32 -11.31 -5.81
C GLU A 94 7.71 -10.21 -4.94
N VAL A 95 6.43 -9.94 -5.16
CA VAL A 95 5.72 -8.92 -4.39
C VAL A 95 5.55 -9.34 -2.94
N TYR A 96 5.33 -10.63 -2.72
CA TYR A 96 5.15 -11.16 -1.38
C TYR A 96 6.41 -10.98 -0.54
N ASN A 97 7.55 -11.33 -1.12
CA ASN A 97 8.83 -11.20 -0.42
C ASN A 97 9.08 -9.75 -0.01
N ILE A 98 8.69 -8.81 -0.87
CA ILE A 98 8.87 -7.40 -0.58
C ILE A 98 8.02 -6.97 0.62
N ILE A 99 6.76 -7.40 0.63
CA ILE A 99 5.85 -7.06 1.72
C ILE A 99 6.27 -7.75 3.01
N LEU A 100 6.70 -9.00 2.90
CA LEU A 100 7.13 -9.78 4.06
C LEU A 100 8.40 -9.21 4.66
N GLU A 101 9.26 -8.65 3.79
CA GLU A 101 10.51 -8.06 4.24
C GLU A 101 10.28 -6.96 5.26
N SER A 102 9.11 -6.32 5.17
CA SER A 102 8.75 -5.24 6.08
C SER A 102 8.20 -5.80 7.39
N LYS A 103 8.32 -7.11 7.57
CA LYS A 103 7.82 -7.78 8.77
C LYS A 103 8.55 -7.26 10.01
N SER A 104 9.88 -7.32 9.98
CA SER A 104 10.69 -6.86 11.09
C SER A 104 10.95 -5.36 11.00
N GLU A 105 10.10 -4.66 10.26
CA GLU A 105 10.24 -3.22 10.08
C GLU A 105 9.24 -2.47 10.96
N PRO A 106 9.77 -1.65 11.89
CA PRO A 106 8.95 -0.86 12.81
C PRO A 106 8.21 0.26 12.10
N GLN A 107 8.54 0.47 10.83
CA GLN A 107 7.91 1.53 10.04
C GLN A 107 7.77 1.10 8.58
N VAL A 108 6.54 1.16 8.07
CA VAL A 108 6.28 0.78 6.69
C VAL A 108 5.55 1.90 5.94
N GLU A 109 6.11 2.30 4.81
CA GLU A 109 5.51 3.36 3.99
C GLU A 109 4.75 2.78 2.80
N ILE A 110 3.43 2.92 2.83
CA ILE A 110 2.59 2.41 1.75
C ILE A 110 2.23 3.51 0.77
N ILE A 111 2.56 3.30 -0.50
CA ILE A 111 2.25 4.28 -1.54
C ILE A 111 1.33 3.69 -2.60
N VAL A 112 0.07 4.13 -2.57
CA VAL A 112 -0.92 3.65 -3.53
C VAL A 112 -1.34 4.76 -4.49
N SER A 113 -2.13 4.40 -5.50
CA SER A 113 -2.60 5.37 -6.49
C SER A 113 -4.12 5.29 -6.65
N ARG A 114 -4.79 6.38 -6.31
CA ARG A 114 -6.25 6.44 -6.41
C ARG A 114 -6.68 7.39 -7.52
N PRO A 115 -7.86 7.14 -8.10
CA PRO A 115 -8.41 7.97 -9.18
C PRO A 115 -8.85 9.34 -8.68
N SER A 116 -7.90 10.27 -8.62
CA SER A 116 -8.19 11.62 -8.16
C SER A 116 -9.58 12.07 -8.62
N GLY A 117 -10.46 12.30 -7.64
CA GLY A 117 -11.82 12.73 -7.96
C GLY A 117 -12.74 11.56 -8.21
N PRO A 118 -13.02 10.78 -7.15
CA PRO A 118 -13.90 9.61 -7.23
C PRO A 118 -15.36 10.01 -7.44
N SER A 119 -15.88 9.70 -8.62
CA SER A 119 -17.27 10.03 -8.95
C SER A 119 -18.22 9.45 -7.92
N SER A 120 -18.77 10.32 -7.07
CA SER A 120 -19.70 9.89 -6.03
C SER A 120 -20.83 10.90 -5.85
N GLY A 121 -22.04 10.40 -5.66
CA GLY A 121 -23.19 11.28 -5.48
C GLY A 121 -24.02 11.40 -6.74
N GLY A 1 15.13 3.60 14.93
CA GLY A 1 13.84 4.23 14.65
C GLY A 1 13.99 5.64 14.11
N SER A 2 13.39 5.90 12.96
CA SER A 2 13.45 7.21 12.34
C SER A 2 12.37 8.14 12.89
N SER A 3 12.44 9.41 12.51
CA SER A 3 11.47 10.39 12.97
C SER A 3 10.44 10.70 11.89
N GLY A 4 9.44 11.50 12.24
CA GLY A 4 8.40 11.86 11.29
C GLY A 4 7.01 11.74 11.88
N SER A 5 6.04 11.42 11.03
CA SER A 5 4.66 11.29 11.48
C SER A 5 3.94 10.20 10.69
N SER A 6 2.84 9.70 11.25
CA SER A 6 2.06 8.64 10.61
C SER A 6 0.66 9.13 10.26
N GLY A 7 0.36 9.13 8.97
CA GLY A 7 -0.95 9.58 8.52
C GLY A 7 -1.26 9.15 7.09
N VAL A 8 -1.88 10.05 6.33
CA VAL A 8 -2.22 9.75 4.94
C VAL A 8 -2.37 11.03 4.13
N THR A 9 -1.47 11.22 3.18
CA THR A 9 -1.50 12.41 2.33
C THR A 9 -1.88 12.05 0.90
N TRP A 10 -2.79 12.83 0.32
CA TRP A 10 -3.25 12.59 -1.04
C TRP A 10 -2.80 13.71 -1.97
N GLN A 11 -2.10 13.35 -3.04
CA GLN A 11 -1.62 14.33 -4.00
C GLN A 11 -1.67 13.78 -5.43
N PRO A 12 -1.70 14.68 -6.41
CA PRO A 12 -1.76 14.31 -7.83
C PRO A 12 -0.45 13.68 -8.32
N SER A 13 -0.58 12.70 -9.20
CA SER A 13 0.60 12.01 -9.75
C SER A 13 1.30 12.87 -10.79
N LYS A 14 2.41 12.37 -11.31
CA LYS A 14 3.18 13.09 -12.32
C LYS A 14 2.26 13.63 -13.41
N GLU A 15 1.26 12.84 -13.79
CA GLU A 15 0.32 13.24 -14.82
C GLU A 15 -0.80 14.11 -14.24
N GLY A 16 -1.18 13.81 -13.00
CA GLY A 16 -2.23 14.58 -12.34
C GLY A 16 -3.58 13.91 -12.45
N ASP A 17 -3.69 12.92 -13.33
CA ASP A 17 -4.94 12.20 -13.51
C ASP A 17 -5.17 11.20 -12.38
N ARG A 18 -4.11 10.93 -11.62
CA ARG A 18 -4.19 9.98 -10.51
C ARG A 18 -3.91 10.69 -9.18
N LEU A 19 -4.08 9.96 -8.09
CA LEU A 19 -3.85 10.51 -6.76
C LEU A 19 -2.91 9.61 -5.95
N ILE A 20 -1.66 10.03 -5.83
CA ILE A 20 -0.67 9.27 -5.09
C ILE A 20 -0.87 9.44 -3.58
N GLY A 21 -1.48 8.45 -2.95
CA GLY A 21 -1.71 8.51 -1.52
C GLY A 21 -0.55 7.95 -0.72
N ARG A 22 0.10 8.82 0.05
CA ARG A 22 1.24 8.41 0.86
C ARG A 22 0.80 8.09 2.29
N VAL A 23 0.92 6.83 2.68
CA VAL A 23 0.52 6.41 4.02
C VAL A 23 1.71 5.76 4.75
N ILE A 24 1.80 6.04 6.06
CA ILE A 24 2.87 5.48 6.87
C ILE A 24 2.33 4.92 8.18
N LEU A 25 2.63 3.65 8.44
CA LEU A 25 2.18 3.00 9.67
C LEU A 25 3.35 2.41 10.44
N ASN A 26 3.29 2.48 11.76
CA ASN A 26 4.34 1.95 12.61
C ASN A 26 3.81 0.88 13.56
N LYS A 27 4.00 -0.38 13.18
CA LYS A 27 3.53 -1.49 14.01
C LYS A 27 4.70 -2.36 14.47
N ARG A 28 4.39 -3.37 15.29
CA ARG A 28 5.42 -4.26 15.81
C ARG A 28 4.87 -5.68 15.96
N THR A 29 5.27 -6.56 15.06
CA THR A 29 4.83 -7.95 15.09
C THR A 29 3.48 -8.07 15.78
N THR A 30 2.51 -7.27 15.33
CA THR A 30 1.17 -7.29 15.91
C THR A 30 0.22 -8.10 15.04
N MET A 31 0.74 -8.68 13.97
CA MET A 31 -0.07 -9.49 13.06
C MET A 31 0.51 -10.89 12.92
N PRO A 32 0.41 -11.69 13.99
CA PRO A 32 0.92 -13.06 14.01
C PRO A 32 0.10 -14.00 13.12
N LYS A 33 -1.18 -13.69 12.97
CA LYS A 33 -2.07 -14.50 12.14
C LYS A 33 -1.53 -14.62 10.72
N ASP A 34 -0.59 -15.54 10.53
CA ASP A 34 0.01 -15.76 9.22
C ASP A 34 0.10 -14.46 8.43
N SER A 35 0.46 -13.37 9.12
CA SER A 35 0.56 -12.07 8.47
C SER A 35 1.93 -11.45 8.73
N GLY A 36 2.46 -11.67 9.93
CA GLY A 36 3.76 -11.13 10.28
C GLY A 36 3.92 -9.69 9.85
N ALA A 37 4.44 -9.48 8.65
CA ALA A 37 4.63 -8.14 8.11
C ALA A 37 3.31 -7.49 7.72
N LEU A 38 2.42 -8.30 7.15
CA LEU A 38 1.11 -7.80 6.73
C LEU A 38 0.56 -6.78 7.73
N LEU A 39 0.61 -5.51 7.36
CA LEU A 39 0.11 -4.44 8.21
C LEU A 39 -1.31 -4.72 8.67
N GLY A 40 -2.02 -5.57 7.92
CA GLY A 40 -3.37 -5.91 8.27
C GLY A 40 -4.26 -6.05 7.05
N LEU A 41 -3.71 -5.76 5.88
CA LEU A 41 -4.47 -5.86 4.63
C LEU A 41 -3.79 -6.82 3.67
N LYS A 42 -4.60 -7.46 2.83
CA LYS A 42 -4.08 -8.41 1.84
C LYS A 42 -3.78 -7.72 0.52
N VAL A 43 -2.55 -7.86 0.06
CA VAL A 43 -2.14 -7.25 -1.20
C VAL A 43 -1.82 -8.31 -2.25
N VAL A 44 -2.42 -8.17 -3.43
CA VAL A 44 -2.21 -9.12 -4.52
C VAL A 44 -1.29 -8.52 -5.59
N GLY A 45 -0.07 -9.03 -5.66
CA GLY A 45 0.88 -8.54 -6.65
C GLY A 45 0.79 -9.28 -7.97
N GLY A 46 1.84 -9.18 -8.77
CA GLY A 46 1.85 -9.85 -10.06
C GLY A 46 0.56 -9.65 -10.83
N LYS A 47 -0.20 -8.63 -10.46
CA LYS A 47 -1.46 -8.33 -11.12
C LYS A 47 -1.23 -7.52 -12.38
N MET A 48 -2.21 -7.55 -13.29
CA MET A 48 -2.11 -6.82 -14.55
C MET A 48 -2.77 -5.44 -14.41
N THR A 49 -2.16 -4.45 -15.06
CA THR A 49 -2.69 -3.08 -15.01
C THR A 49 -3.19 -2.65 -16.38
N ASP A 50 -3.98 -1.58 -16.40
CA ASP A 50 -4.52 -1.05 -17.66
C ASP A 50 -3.40 -0.65 -18.61
N LEU A 51 -2.29 -0.19 -18.05
CA LEU A 51 -1.15 0.23 -18.85
C LEU A 51 -0.45 -0.97 -19.48
N GLY A 52 -0.64 -2.14 -18.88
CA GLY A 52 -0.02 -3.34 -19.40
C GLY A 52 1.06 -3.89 -18.48
N ARG A 53 1.50 -3.06 -17.54
CA ARG A 53 2.54 -3.47 -16.60
C ARG A 53 1.94 -4.19 -15.40
N LEU A 54 2.79 -4.65 -14.50
CA LEU A 54 2.35 -5.37 -13.31
C LEU A 54 2.17 -4.41 -12.14
N GLY A 55 1.44 -4.86 -11.11
CA GLY A 55 1.21 -4.03 -9.94
C GLY A 55 0.52 -4.78 -8.83
N ALA A 56 0.40 -4.14 -7.68
CA ALA A 56 -0.25 -4.76 -6.52
C ALA A 56 -1.43 -3.93 -6.05
N PHE A 57 -2.53 -4.59 -5.70
CA PHE A 57 -3.72 -3.91 -5.22
C PHE A 57 -4.25 -4.56 -3.95
N ILE A 58 -4.97 -3.78 -3.14
CA ILE A 58 -5.53 -4.27 -1.89
C ILE A 58 -6.86 -4.97 -2.13
N THR A 59 -6.94 -6.23 -1.71
CA THR A 59 -8.16 -7.01 -1.87
C THR A 59 -8.97 -7.04 -0.57
N LYS A 60 -8.29 -6.86 0.55
CA LYS A 60 -8.94 -6.87 1.85
C LYS A 60 -8.25 -5.91 2.82
N VAL A 61 -9.03 -5.27 3.68
CA VAL A 61 -8.50 -4.32 4.64
C VAL A 61 -9.21 -4.46 5.99
N LYS A 62 -8.47 -4.96 6.99
CA LYS A 62 -9.03 -5.14 8.33
C LYS A 62 -9.51 -3.81 8.90
N LYS A 63 -10.82 -3.69 9.06
CA LYS A 63 -11.42 -2.47 9.60
C LYS A 63 -10.87 -2.17 10.99
N GLY A 64 -10.53 -0.90 11.23
CA GLY A 64 -10.00 -0.50 12.51
C GLY A 64 -8.49 -0.63 12.59
N SER A 65 -7.91 -1.30 11.60
CA SER A 65 -6.47 -1.50 11.55
C SER A 65 -5.75 -0.21 11.15
N LEU A 66 -4.44 -0.19 11.34
CA LEU A 66 -3.63 0.97 11.01
C LEU A 66 -3.86 1.40 9.57
N ALA A 67 -3.99 0.42 8.68
CA ALA A 67 -4.22 0.69 7.26
C ALA A 67 -5.69 0.95 6.98
N ASP A 68 -6.47 1.12 8.04
CA ASP A 68 -7.91 1.38 7.92
C ASP A 68 -8.30 2.64 8.67
N VAL A 69 -7.54 2.97 9.71
CA VAL A 69 -7.81 4.15 10.52
C VAL A 69 -6.75 5.22 10.29
N VAL A 70 -5.52 4.80 10.01
CA VAL A 70 -4.42 5.72 9.78
C VAL A 70 -4.11 5.83 8.29
N GLY A 71 -4.45 4.78 7.54
CA GLY A 71 -4.20 4.78 6.11
C GLY A 71 -5.42 5.16 5.31
N HIS A 72 -6.61 4.93 5.88
CA HIS A 72 -7.86 5.24 5.20
C HIS A 72 -7.87 4.69 3.79
N LEU A 73 -7.29 3.51 3.62
CA LEU A 73 -7.24 2.86 2.31
C LEU A 73 -8.47 2.00 2.07
N ARG A 74 -8.73 1.68 0.80
CA ARG A 74 -9.88 0.86 0.44
C ARG A 74 -9.46 -0.31 -0.45
N ALA A 75 -10.33 -1.30 -0.56
CA ALA A 75 -10.05 -2.47 -1.38
C ALA A 75 -10.04 -2.12 -2.86
N GLY A 76 -8.88 -2.22 -3.49
CA GLY A 76 -8.76 -1.91 -4.91
C GLY A 76 -7.61 -0.97 -5.19
N ASP A 77 -7.21 -0.20 -4.18
CA ASP A 77 -6.11 0.75 -4.33
C ASP A 77 -4.85 0.04 -4.83
N GLU A 78 -4.19 0.64 -5.82
CA GLU A 78 -2.97 0.06 -6.39
C GLU A 78 -1.74 0.52 -5.60
N VAL A 79 -1.22 -0.37 -4.77
CA VAL A 79 -0.05 -0.06 -3.96
C VAL A 79 1.18 0.15 -4.84
N LEU A 80 1.44 1.40 -5.21
CA LEU A 80 2.59 1.73 -6.05
C LEU A 80 3.88 1.24 -5.42
N GLU A 81 4.22 1.79 -4.25
CA GLU A 81 5.43 1.40 -3.55
C GLU A 81 5.11 0.90 -2.15
N TRP A 82 5.85 -0.11 -1.70
CA TRP A 82 5.65 -0.68 -0.38
C TRP A 82 6.94 -0.68 0.43
N ASN A 83 7.09 0.32 1.29
CA ASN A 83 8.28 0.44 2.11
C ASN A 83 9.50 0.82 1.27
N GLY A 84 9.27 1.62 0.25
CA GLY A 84 10.35 2.05 -0.63
C GLY A 84 10.72 1.00 -1.64
N LYS A 85 9.73 0.30 -2.16
CA LYS A 85 9.96 -0.76 -3.15
C LYS A 85 8.90 -0.70 -4.25
N PRO A 86 9.36 -0.71 -5.51
CA PRO A 86 8.47 -0.67 -6.68
C PRO A 86 7.68 -1.97 -6.85
N LEU A 87 6.43 -1.95 -6.39
CA LEU A 87 5.57 -3.13 -6.49
C LEU A 87 5.30 -3.48 -7.96
N PRO A 88 5.02 -2.45 -8.77
CA PRO A 88 4.74 -2.62 -10.20
C PRO A 88 5.98 -3.03 -10.98
N GLY A 89 5.81 -3.99 -11.90
CA GLY A 89 6.92 -4.45 -12.71
C GLY A 89 7.39 -5.82 -12.28
N ALA A 90 6.87 -6.33 -11.17
CA ALA A 90 7.25 -7.64 -10.67
C ALA A 90 6.04 -8.56 -10.57
N THR A 91 6.30 -9.83 -10.29
CA THR A 91 5.23 -10.83 -10.18
C THR A 91 4.79 -11.00 -8.74
N ASN A 92 3.72 -11.77 -8.53
CA ASN A 92 3.20 -12.01 -7.20
C ASN A 92 4.26 -12.67 -6.31
N GLU A 93 5.15 -13.43 -6.92
CA GLU A 93 6.20 -14.12 -6.19
C GLU A 93 7.25 -13.12 -5.68
N GLU A 94 7.41 -12.03 -6.42
CA GLU A 94 8.37 -11.00 -6.05
C GLU A 94 7.74 -9.96 -5.12
N VAL A 95 6.45 -9.72 -5.32
CA VAL A 95 5.71 -8.75 -4.52
C VAL A 95 5.60 -9.21 -3.07
N TYR A 96 5.41 -10.51 -2.88
CA TYR A 96 5.29 -11.08 -1.54
C TYR A 96 6.53 -10.78 -0.70
N ASN A 97 7.69 -11.03 -1.28
CA ASN A 97 8.95 -10.77 -0.59
C ASN A 97 9.05 -9.31 -0.14
N ILE A 98 8.56 -8.41 -0.98
CA ILE A 98 8.58 -6.99 -0.68
C ILE A 98 7.70 -6.66 0.53
N ILE A 99 6.50 -7.21 0.53
CA ILE A 99 5.55 -6.99 1.62
C ILE A 99 6.00 -7.71 2.89
N LEU A 100 6.67 -8.85 2.71
CA LEU A 100 7.15 -9.63 3.84
C LEU A 100 8.42 -9.02 4.43
N GLU A 101 9.22 -8.38 3.58
CA GLU A 101 10.45 -7.75 4.01
C GLU A 101 10.19 -6.78 5.17
N SER A 102 9.00 -6.17 5.16
CA SER A 102 8.63 -5.22 6.21
C SER A 102 8.24 -5.95 7.49
N LYS A 103 8.44 -7.26 7.51
CA LYS A 103 8.11 -8.07 8.67
C LYS A 103 8.85 -7.58 9.91
N SER A 104 10.16 -7.39 9.77
CA SER A 104 11.00 -6.92 10.87
C SER A 104 11.15 -5.41 10.83
N GLU A 105 10.18 -4.74 10.21
CA GLU A 105 10.21 -3.28 10.09
C GLU A 105 9.11 -2.65 10.94
N PRO A 106 9.52 -1.89 11.97
CA PRO A 106 8.58 -1.23 12.87
C PRO A 106 7.84 -0.07 12.19
N GLN A 107 8.32 0.30 11.01
CA GLN A 107 7.72 1.40 10.26
C GLN A 107 7.66 1.07 8.77
N VAL A 108 6.47 1.16 8.19
CA VAL A 108 6.28 0.87 6.78
C VAL A 108 5.57 2.02 6.07
N GLU A 109 5.99 2.30 4.84
CA GLU A 109 5.39 3.38 4.06
C GLU A 109 4.66 2.83 2.85
N ILE A 110 3.33 2.92 2.87
CA ILE A 110 2.51 2.43 1.78
C ILE A 110 2.11 3.57 0.84
N ILE A 111 2.40 3.40 -0.44
CA ILE A 111 2.06 4.41 -1.44
C ILE A 111 1.16 3.83 -2.52
N VAL A 112 -0.11 4.22 -2.50
CA VAL A 112 -1.07 3.74 -3.48
C VAL A 112 -1.51 4.87 -4.41
N SER A 113 -2.19 4.50 -5.49
CA SER A 113 -2.66 5.48 -6.47
C SER A 113 -4.16 5.35 -6.69
N ARG A 114 -4.88 6.44 -6.49
CA ARG A 114 -6.33 6.45 -6.68
C ARG A 114 -6.73 7.32 -7.87
N PRO A 115 -7.80 6.91 -8.57
CA PRO A 115 -8.30 7.64 -9.73
C PRO A 115 -8.93 8.97 -9.36
N SER A 116 -8.16 10.05 -9.50
CA SER A 116 -8.64 11.39 -9.17
C SER A 116 -10.06 11.59 -9.70
N GLY A 117 -10.99 11.87 -8.79
CA GLY A 117 -12.37 12.09 -9.19
C GLY A 117 -13.35 11.63 -8.13
N PRO A 118 -13.53 12.47 -7.09
CA PRO A 118 -14.45 12.16 -5.99
C PRO A 118 -15.91 12.24 -6.41
N SER A 119 -16.16 12.82 -7.58
CA SER A 119 -17.51 12.95 -8.11
C SER A 119 -18.35 11.73 -7.75
N SER A 120 -17.79 10.54 -7.97
CA SER A 120 -18.48 9.30 -7.68
C SER A 120 -18.39 8.96 -6.20
N GLY A 121 -19.53 8.79 -5.56
CA GLY A 121 -19.56 8.46 -4.15
C GLY A 121 -19.83 6.99 -3.90
#